data_5F7J
#
_entry.id   5F7J
#
_cell.length_a   81.493
_cell.length_b   82.106
_cell.length_c   150.267
_cell.angle_alpha   90.00
_cell.angle_beta   101.10
_cell.angle_gamma   90.00
#
_symmetry.space_group_name_H-M   'P 1 21 1'
#
loop_
_entity.id
_entity.type
_entity.pdbx_description
1 polymer 'Methylthioadenosine phosphorylase'
2 non-polymer ADENINE
3 non-polymer 'PHOSPHATE ION'
4 water water
#
_entity_poly.entity_id   1
_entity_poly.type   'polypeptide(L)'
_entity_poly.pdbx_seq_one_letter_code
;MGSSHHHHHHSSGLVPRGSHMMSKVKVGIIGGSGFDDPNLFKKVGVRQVTTPFGKPSDTLVEGFVGDVACVVLPRHGKGH
LIPPSEVNYRANVWALKDLGCTHILATTACGSLQEDLVPGDFVVLNQFMDKTWGRENTFYGSKPDSLKGVLHMPMAEPFC
ERTRQILIQAARNKSINVYDKKTMDKSACIHPCVHAEGSAVTINGPRFSTRCESFIHKAMGLDIVNMTLVPEVSLAREAG
LSYASIAIVTDFDCWKSEEEHVCVDMVLEQFRKSVVHVREILLEAVALIGAEDWTKTIEANKALVMSSRQDLLHQGSNDK
;
_entity_poly.pdbx_strand_id   A,B,C,D,E,F
#
loop_
_chem_comp.id
_chem_comp.type
_chem_comp.name
_chem_comp.formula
ADE non-polymer ADENINE 'C5 H5 N5'
PO4 non-polymer 'PHOSPHATE ION' 'O4 P -3'
#
# COMPACT_ATOMS: atom_id res chain seq x y z
N LYS A 24 -52.53 32.67 -3.09
CA LYS A 24 -53.68 31.78 -3.01
C LYS A 24 -53.30 30.40 -3.53
N VAL A 25 -54.08 29.39 -3.19
CA VAL A 25 -53.80 28.03 -3.60
C VAL A 25 -54.71 27.66 -4.75
N LYS A 26 -54.33 26.62 -5.46
CA LYS A 26 -55.11 26.04 -6.55
C LYS A 26 -54.66 24.59 -6.67
N VAL A 27 -55.61 23.66 -6.67
CA VAL A 27 -55.34 22.24 -6.49
C VAL A 27 -55.67 21.50 -7.78
N GLY A 28 -54.65 20.88 -8.38
CA GLY A 28 -54.87 19.96 -9.47
C GLY A 28 -55.16 18.56 -8.95
N ILE A 29 -56.01 17.83 -9.67
CA ILE A 29 -56.40 16.47 -9.27
C ILE A 29 -56.14 15.53 -10.45
N ILE A 30 -55.23 14.58 -10.29
CA ILE A 30 -54.92 13.64 -11.36
C ILE A 30 -55.52 12.30 -10.96
N GLY A 31 -56.29 11.71 -11.87
CA GLY A 31 -56.99 10.48 -11.53
C GLY A 31 -57.16 9.59 -12.74
N ASN A 39 -71.60 17.75 -8.05
CA ASN A 39 -72.53 18.13 -6.98
C ASN A 39 -71.86 19.06 -5.96
N LEU A 40 -70.69 18.66 -5.47
CA LEU A 40 -69.86 19.49 -4.60
C LEU A 40 -68.69 20.14 -5.36
N PHE A 41 -68.64 19.95 -6.67
CA PHE A 41 -67.64 20.55 -7.55
C PHE A 41 -68.37 21.36 -8.61
N LYS A 42 -68.13 22.67 -8.62
CA LYS A 42 -68.80 23.56 -9.57
C LYS A 42 -67.95 23.63 -10.83
N LYS A 43 -68.40 22.97 -11.89
CA LYS A 43 -67.62 22.92 -13.14
C LYS A 43 -67.83 24.21 -13.91
N VAL A 44 -66.74 24.80 -14.38
CA VAL A 44 -66.81 26.04 -15.17
C VAL A 44 -66.64 25.74 -16.66
N GLY A 45 -65.63 24.98 -17.01
CA GLY A 45 -65.45 24.62 -18.41
C GLY A 45 -64.26 23.70 -18.57
N VAL A 46 -64.05 23.33 -19.81
CA VAL A 46 -63.02 22.38 -20.20
C VAL A 46 -61.91 23.14 -20.93
N ARG A 47 -60.66 22.77 -20.71
CA ARG A 47 -59.55 23.51 -21.30
C ARG A 47 -58.51 22.58 -21.93
N GLN A 48 -58.13 22.91 -23.16
CA GLN A 48 -57.05 22.26 -23.88
C GLN A 48 -55.78 23.08 -23.68
N VAL A 49 -54.68 22.44 -23.27
CA VAL A 49 -53.42 23.16 -23.13
C VAL A 49 -52.35 22.42 -23.90
N THR A 50 -51.28 23.12 -24.25
CA THR A 50 -50.06 22.50 -24.72
C THR A 50 -48.93 22.81 -23.74
N THR A 51 -47.87 22.01 -23.83
CA THR A 51 -46.73 22.23 -22.94
C THR A 51 -45.44 22.10 -23.76
N PRO A 52 -44.29 22.54 -23.22
CA PRO A 52 -43.01 22.26 -23.90
C PRO A 52 -42.73 20.79 -24.10
N PHE A 53 -43.40 19.90 -23.36
CA PHE A 53 -43.14 18.47 -23.43
C PHE A 53 -44.24 17.69 -24.15
N GLY A 54 -45.17 18.38 -24.79
CA GLY A 54 -46.23 17.74 -25.54
C GLY A 54 -47.58 18.03 -24.90
N LYS A 55 -48.61 17.38 -25.42
CA LYS A 55 -49.97 17.59 -24.94
C LYS A 55 -50.26 16.68 -23.76
N PRO A 56 -51.05 17.15 -22.79
CA PRO A 56 -51.45 16.30 -21.67
C PRO A 56 -52.35 15.16 -22.14
N SER A 57 -52.66 14.25 -21.21
CA SER A 57 -53.46 13.08 -21.54
C SER A 57 -54.83 13.42 -22.10
N ASP A 58 -55.40 14.56 -21.68
CA ASP A 58 -56.74 14.94 -22.09
C ASP A 58 -56.91 16.42 -21.83
N THR A 59 -58.08 16.95 -22.19
CA THR A 59 -58.44 18.29 -21.73
C THR A 59 -58.66 18.27 -20.23
N LEU A 60 -58.62 19.45 -19.63
CA LEU A 60 -58.68 19.60 -18.19
C LEU A 60 -59.99 20.25 -17.79
N VAL A 61 -60.62 19.73 -16.73
CA VAL A 61 -61.87 20.29 -16.26
C VAL A 61 -61.57 21.33 -15.19
N GLU A 62 -61.92 22.58 -15.45
CA GLU A 62 -61.71 23.65 -14.51
C GLU A 62 -62.98 23.92 -13.72
N GLY A 63 -62.83 24.10 -12.42
CA GLY A 63 -63.97 24.45 -11.60
C GLY A 63 -63.55 25.00 -10.26
N PHE A 64 -64.49 24.92 -9.32
CA PHE A 64 -64.28 25.43 -7.96
C PHE A 64 -64.86 24.46 -6.95
N VAL A 65 -64.15 24.34 -5.82
CA VAL A 65 -64.66 23.71 -4.61
C VAL A 65 -64.77 24.84 -3.59
N GLY A 66 -65.99 25.22 -3.24
CA GLY A 66 -66.16 26.48 -2.54
C GLY A 66 -65.50 27.59 -3.33
N ASP A 67 -64.52 28.25 -2.73
CA ASP A 67 -63.80 29.33 -3.38
C ASP A 67 -62.41 28.93 -3.87
N VAL A 68 -62.05 27.65 -3.75
CA VAL A 68 -60.72 27.19 -4.16
C VAL A 68 -60.78 26.72 -5.61
N ALA A 69 -59.95 27.32 -6.47
CA ALA A 69 -59.83 26.83 -7.85
C ALA A 69 -59.24 25.43 -7.89
N CYS A 70 -59.80 24.59 -8.77
CA CYS A 70 -59.47 23.19 -8.85
C CYS A 70 -59.45 22.79 -10.32
N VAL A 71 -58.49 21.96 -10.73
CA VAL A 71 -58.46 21.43 -12.10
C VAL A 71 -58.28 19.92 -12.04
N VAL A 72 -59.06 19.21 -12.86
CA VAL A 72 -59.13 17.75 -12.85
C VAL A 72 -58.60 17.23 -14.19
N LEU A 73 -57.68 16.27 -14.13
CA LEU A 73 -57.03 15.73 -15.32
C LEU A 73 -57.09 14.21 -15.26
N PRO A 74 -57.69 13.54 -16.24
CA PRO A 74 -57.69 12.07 -16.28
C PRO A 74 -56.36 11.57 -16.80
N ARG A 75 -55.66 10.77 -16.00
CA ARG A 75 -54.31 10.35 -16.35
C ARG A 75 -54.28 9.55 -17.66
N HIS A 76 -55.28 8.70 -17.89
CA HIS A 76 -55.24 7.74 -19.00
C HIS A 76 -56.08 8.20 -20.17
N GLY A 77 -56.56 9.44 -20.13
CA GLY A 77 -57.24 10.05 -21.24
C GLY A 77 -58.67 9.59 -21.33
N LYS A 78 -59.34 10.14 -22.34
CA LYS A 78 -60.72 9.76 -22.63
C LYS A 78 -60.76 8.30 -23.02
N GLY A 79 -61.69 7.57 -22.41
CA GLY A 79 -61.81 6.16 -22.75
C GLY A 79 -60.68 5.29 -22.25
N HIS A 80 -59.81 5.81 -21.38
CA HIS A 80 -58.72 5.04 -20.76
C HIS A 80 -57.91 4.29 -21.83
N LEU A 81 -57.53 5.00 -22.88
CA LEU A 81 -56.78 4.42 -23.98
C LEU A 81 -55.25 4.57 -23.84
N ILE A 82 -54.75 5.28 -22.84
CA ILE A 82 -53.31 5.50 -22.74
C ILE A 82 -52.78 4.62 -21.60
N PRO A 83 -51.89 3.66 -21.89
CA PRO A 83 -51.37 2.77 -20.82
C PRO A 83 -50.38 3.50 -19.93
N PRO A 84 -50.11 2.97 -18.73
CA PRO A 84 -49.23 3.67 -17.79
C PRO A 84 -47.88 4.06 -18.36
N SER A 85 -47.27 3.20 -19.18
CA SER A 85 -45.92 3.50 -19.65
C SER A 85 -45.91 4.62 -20.69
N GLU A 86 -47.06 4.90 -21.31
CA GLU A 86 -47.15 5.88 -22.39
C GLU A 86 -47.76 7.19 -21.95
N VAL A 87 -48.22 7.29 -20.70
CA VAL A 87 -48.74 8.55 -20.19
C VAL A 87 -47.65 9.62 -20.23
N ASN A 88 -48.01 10.82 -20.69
CA ASN A 88 -47.04 11.92 -20.74
C ASN A 88 -47.07 12.62 -19.39
N TYR A 89 -46.33 12.04 -18.45
CA TYR A 89 -46.29 12.57 -17.09
C TYR A 89 -45.74 14.00 -17.09
N ARG A 90 -44.72 14.26 -17.91
CA ARG A 90 -44.16 15.61 -17.94
C ARG A 90 -45.20 16.62 -18.38
N ALA A 91 -45.94 16.32 -19.45
CA ALA A 91 -46.96 17.26 -19.93
C ALA A 91 -48.06 17.44 -18.88
N ASN A 92 -48.48 16.35 -18.23
CA ASN A 92 -49.57 16.47 -17.27
C ASN A 92 -49.15 17.36 -16.09
N VAL A 93 -47.97 17.11 -15.53
CA VAL A 93 -47.56 17.91 -14.38
C VAL A 93 -47.27 19.36 -14.80
N TRP A 94 -46.63 19.55 -15.96
CA TRP A 94 -46.31 20.92 -16.38
C TRP A 94 -47.57 21.70 -16.71
N ALA A 95 -48.58 21.04 -17.29
CA ALA A 95 -49.82 21.75 -17.61
C ALA A 95 -50.48 22.27 -16.35
N LEU A 96 -50.43 21.49 -15.27
CA LEU A 96 -51.01 21.93 -14.00
C LEU A 96 -50.19 23.08 -13.40
N LYS A 97 -48.87 22.98 -13.48
CA LYS A 97 -48.01 24.09 -13.06
C LYS A 97 -48.33 25.37 -13.84
N ASP A 98 -48.43 25.25 -15.17
CA ASP A 98 -48.69 26.43 -15.99
C ASP A 98 -50.06 27.04 -15.69
N LEU A 99 -51.01 26.24 -15.22
CA LEU A 99 -52.33 26.77 -14.84
C LEU A 99 -52.32 27.39 -13.44
N GLY A 100 -51.18 27.41 -12.75
CA GLY A 100 -51.11 28.03 -11.44
C GLY A 100 -51.34 27.09 -10.28
N CYS A 101 -51.41 25.78 -10.52
CA CYS A 101 -51.61 24.84 -9.42
C CYS A 101 -50.45 24.97 -8.44
N THR A 102 -50.80 24.98 -7.15
CA THR A 102 -49.83 24.91 -6.08
C THR A 102 -49.73 23.51 -5.50
N HIS A 103 -50.76 22.70 -5.67
CA HIS A 103 -50.85 21.36 -5.13
C HIS A 103 -51.31 20.41 -6.23
N ILE A 104 -50.92 19.15 -6.13
CA ILE A 104 -51.50 18.07 -6.91
C ILE A 104 -51.92 16.95 -5.94
N LEU A 105 -53.19 16.57 -5.99
CA LEU A 105 -53.66 15.36 -5.32
C LEU A 105 -53.85 14.31 -6.38
N ALA A 106 -53.39 13.09 -6.12
CA ALA A 106 -53.44 12.04 -7.13
C ALA A 106 -54.06 10.77 -6.57
N THR A 107 -54.76 10.05 -7.43
CA THR A 107 -55.26 8.74 -7.07
C THR A 107 -54.73 7.71 -8.06
N THR A 108 -54.70 6.45 -7.62
CA THR A 108 -54.41 5.33 -8.51
C THR A 108 -55.00 4.07 -7.90
N ALA A 109 -55.37 3.12 -8.76
CA ALA A 109 -55.63 1.78 -8.27
C ALA A 109 -54.29 1.09 -7.97
N CYS A 110 -54.36 0.04 -7.16
CA CYS A 110 -53.16 -0.68 -6.73
C CYS A 110 -53.55 -2.04 -6.18
N GLY A 111 -52.55 -2.91 -6.12
CA GLY A 111 -52.70 -4.22 -5.53
C GLY A 111 -52.01 -4.27 -4.18
N SER A 112 -52.65 -4.91 -3.22
CA SER A 112 -52.04 -5.05 -1.90
C SER A 112 -51.03 -6.20 -1.87
N LEU A 113 -49.90 -5.96 -1.22
CA LEU A 113 -48.91 -7.00 -0.95
C LEU A 113 -48.94 -7.52 0.48
N GLN A 114 -49.89 -7.06 1.31
CA GLN A 114 -49.82 -7.34 2.74
C GLN A 114 -51.22 -7.61 3.29
N GLU A 115 -51.28 -8.47 4.31
CA GLU A 115 -52.57 -9.04 4.70
C GLU A 115 -53.56 -7.97 5.16
N ASP A 116 -53.08 -6.87 5.76
CA ASP A 116 -53.97 -5.91 6.39
C ASP A 116 -54.41 -4.78 5.47
N LEU A 117 -53.94 -4.77 4.23
CA LEU A 117 -54.41 -3.81 3.23
C LEU A 117 -55.33 -4.61 2.31
N VAL A 118 -56.63 -4.38 2.39
CA VAL A 118 -57.58 -5.27 1.74
C VAL A 118 -58.36 -4.45 0.71
N PRO A 119 -58.94 -5.11 -0.29
CA PRO A 119 -59.68 -4.36 -1.32
C PRO A 119 -60.75 -3.48 -0.69
N GLY A 120 -60.81 -2.22 -1.14
CA GLY A 120 -61.71 -1.25 -0.56
C GLY A 120 -61.03 -0.30 0.40
N ASP A 121 -59.81 -0.62 0.82
CA ASP A 121 -58.96 0.27 1.60
C ASP A 121 -58.32 1.34 0.70
N PHE A 122 -57.79 2.37 1.34
CA PHE A 122 -57.01 3.41 0.70
C PHE A 122 -55.67 3.53 1.42
N VAL A 123 -54.67 4.05 0.71
CA VAL A 123 -53.33 4.25 1.27
C VAL A 123 -52.86 5.67 0.94
N VAL A 124 -52.61 6.47 1.97
CA VAL A 124 -51.90 7.74 1.78
C VAL A 124 -50.41 7.40 1.80
N LEU A 125 -49.82 7.27 0.62
CA LEU A 125 -48.44 6.78 0.48
C LEU A 125 -47.44 7.77 1.09
N ASN A 126 -46.37 7.23 1.69
CA ASN A 126 -45.23 8.07 2.01
C ASN A 126 -43.92 7.59 1.40
N GLN A 127 -43.88 6.44 0.73
CA GLN A 127 -42.62 5.93 0.20
C GLN A 127 -42.84 5.18 -1.11
N PHE A 128 -41.76 4.99 -1.89
CA PHE A 128 -41.86 4.13 -3.05
C PHE A 128 -40.51 3.50 -3.40
N MET A 129 -40.62 2.41 -4.15
CA MET A 129 -39.49 1.79 -4.82
C MET A 129 -39.80 1.77 -6.32
N ASP A 130 -38.90 2.33 -7.11
CA ASP A 130 -39.14 2.55 -8.53
C ASP A 130 -38.64 1.35 -9.36
N LYS A 131 -39.55 0.73 -10.11
CA LYS A 131 -39.16 -0.26 -11.10
C LYS A 131 -39.63 0.12 -12.50
N THR A 132 -39.86 1.42 -12.75
CA THR A 132 -40.22 1.85 -14.09
C THR A 132 -38.98 2.12 -14.94
N TRP A 133 -39.17 2.16 -16.25
CA TRP A 133 -38.10 2.44 -17.21
C TRP A 133 -38.75 2.97 -18.47
N GLY A 134 -37.94 3.64 -19.28
CA GLY A 134 -38.41 4.10 -20.57
C GLY A 134 -39.39 5.24 -20.52
N ARG A 135 -39.64 5.79 -19.36
CA ARG A 135 -40.53 6.94 -19.26
C ARG A 135 -39.68 8.20 -19.12
N GLU A 136 -40.19 9.32 -19.65
CA GLU A 136 -39.52 10.59 -19.43
C GLU A 136 -39.76 11.03 -17.98
N ASN A 137 -38.69 11.03 -17.17
CA ASN A 137 -38.89 11.17 -15.72
C ASN A 137 -38.26 12.42 -15.15
N THR A 138 -37.80 13.33 -16.00
CA THR A 138 -37.27 14.60 -15.51
C THR A 138 -37.50 15.67 -16.56
N PHE A 139 -37.66 16.90 -16.10
CA PHE A 139 -37.83 18.01 -17.04
C PHE A 139 -36.50 18.49 -17.62
N TYR A 140 -35.38 18.13 -17.00
CA TYR A 140 -34.09 18.74 -17.30
C TYR A 140 -33.12 17.75 -17.93
N GLY A 141 -32.26 18.26 -18.80
CA GLY A 141 -31.18 17.45 -19.30
C GLY A 141 -30.36 18.16 -20.36
N SER A 142 -29.71 17.38 -21.20
CA SER A 142 -28.86 17.91 -22.25
C SER A 142 -29.45 17.74 -23.64
N LYS A 143 -30.69 17.10 -23.78
CA LYS A 143 -31.29 16.96 -25.10
C LYS A 143 -32.19 18.16 -25.40
N PRO A 144 -32.43 18.47 -26.69
CA PRO A 144 -33.24 19.66 -27.01
C PRO A 144 -34.67 19.64 -26.47
N ASP A 145 -35.26 18.47 -26.29
CA ASP A 145 -36.65 18.35 -25.83
C ASP A 145 -36.81 18.48 -24.33
N SER A 146 -35.75 18.88 -23.62
CA SER A 146 -35.78 19.01 -22.18
C SER A 146 -35.20 20.36 -21.81
N LEU A 147 -35.51 20.82 -20.59
CA LEU A 147 -34.96 22.09 -20.13
C LEU A 147 -33.46 21.96 -19.91
N LYS A 148 -32.73 23.05 -20.19
CA LYS A 148 -31.28 23.03 -20.04
C LYS A 148 -30.89 23.00 -18.56
N GLY A 149 -30.04 22.06 -18.18
CA GLY A 149 -29.56 21.95 -16.82
C GLY A 149 -29.52 20.52 -16.31
N VAL A 150 -28.95 20.31 -15.13
CA VAL A 150 -28.92 19.00 -14.48
C VAL A 150 -29.55 19.18 -13.11
N LEU A 151 -30.65 18.50 -12.87
CA LEU A 151 -31.41 18.64 -11.63
C LEU A 151 -31.34 17.32 -10.87
N HIS A 152 -30.76 17.35 -9.67
CA HIS A 152 -30.64 16.17 -8.80
C HIS A 152 -31.48 16.43 -7.53
N MET A 153 -32.75 16.06 -7.58
CA MET A 153 -33.67 16.36 -6.48
C MET A 153 -33.51 15.35 -5.34
N PRO A 154 -33.43 15.79 -4.09
CA PRO A 154 -33.58 14.85 -2.97
C PRO A 154 -34.98 14.26 -2.98
N MET A 155 -35.09 12.97 -2.65
CA MET A 155 -36.36 12.26 -2.69
C MET A 155 -36.52 11.36 -1.46
N ALA A 156 -35.75 11.61 -0.39
CA ALA A 156 -35.79 10.78 0.80
C ALA A 156 -37.23 10.55 1.26
N GLU A 157 -37.98 11.64 1.45
CA GLU A 157 -39.41 11.59 1.76
C GLU A 157 -40.10 12.31 0.61
N PRO A 158 -40.55 11.58 -0.41
CA PRO A 158 -40.78 12.19 -1.73
C PRO A 158 -42.11 12.93 -1.87
N PHE A 159 -42.99 12.87 -0.87
CA PHE A 159 -44.28 13.55 -0.89
C PHE A 159 -44.24 14.84 -0.05
N CYS A 160 -45.25 15.69 -0.26
CA CYS A 160 -45.44 16.84 0.62
C CYS A 160 -46.15 16.37 1.89
N GLU A 161 -45.45 16.41 3.03
CA GLU A 161 -45.99 15.84 4.26
C GLU A 161 -47.23 16.60 4.75
N ARG A 162 -47.24 17.94 4.66
CA ARG A 162 -48.45 18.66 5.05
C ARG A 162 -49.65 18.19 4.23
N THR A 163 -49.44 17.96 2.94
CA THR A 163 -50.56 17.56 2.09
C THR A 163 -50.97 16.12 2.36
N ARG A 164 -50.02 15.22 2.68
CA ARG A 164 -50.41 13.90 3.16
C ARG A 164 -51.33 14.00 4.37
N GLN A 165 -50.98 14.85 5.34
CA GLN A 165 -51.78 14.90 6.56
C GLN A 165 -53.17 15.48 6.30
N ILE A 166 -53.30 16.31 5.26
CA ILE A 166 -54.62 16.83 4.90
C ILE A 166 -55.49 15.73 4.30
N LEU A 167 -54.89 14.84 3.50
CA LEU A 167 -55.66 13.71 2.98
C LEU A 167 -56.16 12.83 4.12
N ILE A 168 -55.30 12.57 5.11
CA ILE A 168 -55.71 11.74 6.24
C ILE A 168 -56.79 12.45 7.04
N GLN A 169 -56.62 13.75 7.29
CA GLN A 169 -57.63 14.49 8.06
C GLN A 169 -58.95 14.54 7.31
N ALA A 170 -58.90 14.68 5.97
CA ALA A 170 -60.13 14.66 5.19
C ALA A 170 -60.88 13.35 5.38
N ALA A 171 -60.14 12.23 5.42
CA ALA A 171 -60.79 10.94 5.68
C ALA A 171 -61.47 10.93 7.04
N ARG A 172 -60.79 11.47 8.06
CA ARG A 172 -61.44 11.59 9.37
CA ARG A 172 -61.44 11.59 9.37
C ARG A 172 -62.71 12.43 9.28
N ASN A 173 -62.64 13.55 8.55
CA ASN A 173 -63.80 14.43 8.47
C ASN A 173 -64.98 13.78 7.76
N LYS A 174 -64.71 12.82 6.87
CA LYS A 174 -65.79 12.11 6.19
C LYS A 174 -66.14 10.79 6.86
N SER A 175 -65.74 10.62 8.13
CA SER A 175 -66.07 9.44 8.94
C SER A 175 -65.57 8.13 8.32
N ILE A 176 -64.41 8.19 7.67
CA ILE A 176 -63.74 6.99 7.16
C ILE A 176 -62.63 6.61 8.13
N ASN A 177 -62.55 5.34 8.50
CA ASN A 177 -61.57 4.88 9.48
C ASN A 177 -60.15 5.13 8.98
N VAL A 178 -59.27 5.49 9.91
CA VAL A 178 -57.85 5.72 9.65
C VAL A 178 -57.05 4.73 10.47
N TYR A 179 -56.18 3.96 9.80
CA TYR A 179 -55.35 2.95 10.45
C TYR A 179 -53.89 3.37 10.37
N ASP A 180 -53.26 3.56 11.52
CA ASP A 180 -51.86 3.95 11.65
C ASP A 180 -51.11 2.78 12.27
N LYS A 181 -50.36 2.04 11.45
CA LYS A 181 -49.65 0.86 11.96
C LYS A 181 -48.53 1.21 12.92
N LYS A 182 -48.18 2.48 13.06
CA LYS A 182 -47.17 2.85 14.05
C LYS A 182 -47.75 2.88 15.45
N THR A 183 -49.02 3.27 15.59
CA THR A 183 -49.63 3.52 16.87
C THR A 183 -50.77 2.57 17.18
N MET A 184 -51.22 1.80 16.20
CA MET A 184 -52.25 0.79 16.34
C MET A 184 -51.64 -0.55 15.93
N ASP A 185 -52.45 -1.61 15.96
CA ASP A 185 -52.00 -2.88 15.40
C ASP A 185 -53.22 -3.62 14.87
N LYS A 186 -52.95 -4.67 14.08
CA LYS A 186 -53.98 -5.62 13.70
C LYS A 186 -54.83 -5.95 14.93
N SER A 187 -56.13 -6.10 14.71
CA SER A 187 -57.21 -6.17 15.70
C SER A 187 -57.68 -4.78 16.10
N ALA A 188 -56.95 -3.72 15.74
CA ALA A 188 -57.48 -2.37 15.76
C ALA A 188 -57.78 -1.86 14.36
N CYS A 189 -57.62 -2.70 13.35
CA CYS A 189 -57.76 -2.31 11.96
C CYS A 189 -59.21 -2.55 11.52
N ILE A 190 -59.93 -1.47 11.24
CA ILE A 190 -61.35 -1.53 10.88
C ILE A 190 -61.46 -1.14 9.41
N HIS A 191 -62.04 -2.02 8.60
CA HIS A 191 -62.19 -1.75 7.18
C HIS A 191 -63.57 -1.18 6.84
N PRO A 192 -63.70 -0.42 5.73
CA PRO A 192 -62.61 0.06 4.88
C PRO A 192 -61.85 1.17 5.60
N CYS A 193 -60.53 1.23 5.46
CA CYS A 193 -59.78 2.24 6.18
C CYS A 193 -58.79 2.93 5.26
N VAL A 194 -58.39 4.11 5.67
CA VAL A 194 -57.26 4.81 5.06
C VAL A 194 -56.02 4.48 5.88
N HIS A 195 -55.05 3.80 5.26
CA HIS A 195 -53.77 3.51 5.90
C HIS A 195 -52.93 4.79 5.90
N ALA A 196 -52.46 5.21 7.09
CA ALA A 196 -51.82 6.52 7.25
C ALA A 196 -50.41 6.57 6.68
N GLU A 197 -49.89 5.44 6.21
CA GLU A 197 -48.59 5.42 5.56
C GLU A 197 -48.52 4.14 4.73
N GLY A 198 -47.54 4.10 3.85
CA GLY A 198 -47.34 2.91 3.04
C GLY A 198 -46.36 3.14 1.91
N SER A 199 -45.75 2.07 1.42
CA SER A 199 -44.77 2.12 0.35
C SER A 199 -45.32 1.42 -0.88
N ALA A 200 -45.05 1.99 -2.04
CA ALA A 200 -45.51 1.44 -3.31
C ALA A 200 -44.31 1.01 -4.13
N VAL A 201 -44.37 -0.18 -4.71
CA VAL A 201 -43.49 -0.48 -5.83
C VAL A 201 -44.25 -0.10 -7.09
N THR A 202 -43.61 0.67 -7.96
CA THR A 202 -44.22 1.02 -9.24
C THR A 202 -43.56 0.20 -10.34
N ILE A 203 -44.34 -0.65 -11.00
CA ILE A 203 -43.84 -1.48 -12.09
C ILE A 203 -44.25 -0.82 -13.40
N ASN A 204 -43.54 -1.19 -14.48
CA ASN A 204 -43.76 -0.45 -15.71
C ASN A 204 -45.07 -0.79 -16.41
N GLY A 205 -45.61 -1.99 -16.20
CA GLY A 205 -46.72 -2.42 -17.03
C GLY A 205 -46.30 -2.71 -18.47
N PRO A 206 -47.26 -3.07 -19.31
CA PRO A 206 -48.70 -3.14 -18.97
C PRO A 206 -49.11 -4.44 -18.26
N ARG A 207 -48.30 -5.50 -18.32
CA ARG A 207 -48.70 -6.75 -17.66
C ARG A 207 -48.69 -6.61 -16.14
N PHE A 208 -49.54 -7.42 -15.49
CA PHE A 208 -49.47 -7.58 -14.05
C PHE A 208 -48.27 -8.44 -13.69
N SER A 209 -47.93 -8.47 -12.40
CA SER A 209 -46.75 -9.22 -11.94
C SER A 209 -46.97 -10.75 -11.95
N THR A 210 -45.87 -11.49 -12.06
CA THR A 210 -45.90 -12.92 -11.77
C THR A 210 -45.95 -13.14 -10.26
N ARG A 211 -46.36 -14.36 -9.87
CA ARG A 211 -46.34 -14.73 -8.46
C ARG A 211 -44.94 -14.62 -7.87
N CYS A 212 -43.92 -15.01 -8.64
CA CYS A 212 -42.54 -14.87 -8.19
C CYS A 212 -42.20 -13.42 -7.86
N GLU A 213 -42.58 -12.49 -8.75
CA GLU A 213 -42.34 -11.07 -8.52
C GLU A 213 -43.17 -10.58 -7.33
N SER A 214 -44.44 -10.99 -7.25
CA SER A 214 -45.27 -10.54 -6.14
C SER A 214 -44.64 -10.90 -4.80
N PHE A 215 -44.18 -12.16 -4.64
CA PHE A 215 -43.60 -12.56 -3.38
C PHE A 215 -42.27 -11.85 -3.09
N ILE A 216 -41.47 -11.59 -4.13
CA ILE A 216 -40.22 -10.84 -3.95
C ILE A 216 -40.51 -9.43 -3.46
N HIS A 217 -41.50 -8.75 -4.07
CA HIS A 217 -41.85 -7.41 -3.59
C HIS A 217 -42.36 -7.44 -2.15
N LYS A 218 -43.21 -8.42 -1.83
CA LYS A 218 -43.66 -8.61 -0.46
C LYS A 218 -42.49 -8.82 0.50
N ALA A 219 -41.53 -9.67 0.12
CA ALA A 219 -40.40 -9.92 1.03
C ALA A 219 -39.55 -8.67 1.24
N MET A 220 -39.53 -7.76 0.27
CA MET A 220 -38.88 -6.47 0.44
C MET A 220 -39.62 -5.54 1.40
N GLY A 221 -40.80 -5.96 1.87
CA GLY A 221 -41.57 -5.17 2.82
C GLY A 221 -42.41 -4.08 2.18
N LEU A 222 -42.60 -4.12 0.88
CA LEU A 222 -43.45 -3.13 0.23
C LEU A 222 -44.92 -3.40 0.52
N ASP A 223 -45.72 -2.31 0.56
CA ASP A 223 -47.13 -2.45 0.92
C ASP A 223 -48.03 -2.69 -0.28
N ILE A 224 -47.82 -1.96 -1.39
CA ILE A 224 -48.70 -2.07 -2.54
C ILE A 224 -47.87 -2.07 -3.81
N VAL A 225 -48.52 -2.45 -4.91
CA VAL A 225 -47.93 -2.41 -6.25
C VAL A 225 -48.86 -1.61 -7.16
N ASN A 226 -48.30 -0.73 -7.99
CA ASN A 226 -49.08 0.07 -8.93
C ASN A 226 -48.22 0.32 -10.17
N MET A 227 -48.75 1.10 -11.15
CA MET A 227 -48.04 1.39 -12.39
C MET A 227 -47.84 2.86 -12.71
N THR A 228 -48.41 3.80 -11.94
CA THR A 228 -48.46 5.17 -12.40
C THR A 228 -47.88 6.20 -11.43
N LEU A 229 -47.45 5.80 -10.23
CA LEU A 229 -46.99 6.79 -9.25
C LEU A 229 -45.73 7.51 -9.71
N VAL A 230 -44.80 6.78 -10.31
CA VAL A 230 -43.52 7.25 -10.77
C VAL A 230 -43.59 7.28 -12.29
N PRO A 231 -43.18 8.38 -12.92
CA PRO A 231 -42.45 9.51 -12.36
C PRO A 231 -43.33 10.71 -11.95
N GLU A 232 -44.65 10.49 -11.89
CA GLU A 232 -45.57 11.58 -11.57
C GLU A 232 -45.14 12.31 -10.28
N VAL A 233 -44.89 11.55 -9.21
CA VAL A 233 -44.49 12.14 -7.92
C VAL A 233 -43.18 12.91 -8.05
N SER A 234 -42.23 12.37 -8.83
CA SER A 234 -40.92 13.00 -8.98
C SER A 234 -41.03 14.32 -9.73
N LEU A 235 -41.79 14.31 -10.82
CA LEU A 235 -41.93 15.51 -11.63
C LEU A 235 -42.70 16.59 -10.89
N ALA A 236 -43.67 16.21 -10.04
CA ALA A 236 -44.33 17.23 -9.24
C ALA A 236 -43.33 17.99 -8.37
N ARG A 237 -42.38 17.28 -7.74
CA ARG A 237 -41.40 17.98 -6.93
C ARG A 237 -40.46 18.83 -7.79
N GLU A 238 -40.09 18.35 -8.98
CA GLU A 238 -39.29 19.17 -9.90
C GLU A 238 -40.01 20.45 -10.28
N ALA A 239 -41.33 20.41 -10.32
CA ALA A 239 -42.13 21.54 -10.73
C ALA A 239 -42.44 22.50 -9.58
N GLY A 240 -41.93 22.22 -8.38
CA GLY A 240 -42.23 23.07 -7.24
C GLY A 240 -43.61 22.88 -6.65
N LEU A 241 -44.26 21.75 -6.90
CA LEU A 241 -45.64 21.53 -6.49
C LEU A 241 -45.69 20.59 -5.28
N SER A 242 -46.68 20.79 -4.42
CA SER A 242 -46.93 19.86 -3.32
C SER A 242 -47.81 18.73 -3.83
N TYR A 243 -47.33 17.51 -3.72
CA TYR A 243 -47.97 16.34 -4.28
C TYR A 243 -48.27 15.34 -3.18
N ALA A 244 -49.47 14.76 -3.20
CA ALA A 244 -49.77 13.63 -2.33
C ALA A 244 -50.66 12.66 -3.11
N SER A 245 -50.47 11.37 -2.85
CA SER A 245 -51.18 10.29 -3.52
C SER A 245 -52.04 9.51 -2.53
N ILE A 246 -53.25 9.16 -2.93
CA ILE A 246 -54.07 8.21 -2.16
C ILE A 246 -54.42 7.05 -3.09
N ALA A 247 -53.94 5.87 -2.74
CA ALA A 247 -54.05 4.72 -3.62
C ALA A 247 -55.28 3.92 -3.21
N ILE A 248 -55.98 3.36 -4.21
CA ILE A 248 -57.19 2.59 -3.94
C ILE A 248 -56.85 1.12 -4.06
N VAL A 249 -56.97 0.35 -2.96
CA VAL A 249 -56.66 -1.07 -3.04
C VAL A 249 -57.81 -1.78 -3.75
N THR A 250 -57.51 -2.41 -4.88
CA THR A 250 -58.52 -3.10 -5.65
C THR A 250 -58.36 -4.62 -5.64
N ASP A 251 -57.25 -5.14 -5.13
CA ASP A 251 -56.94 -6.57 -5.24
C ASP A 251 -55.75 -6.88 -4.35
N PHE A 252 -55.48 -8.18 -4.16
CA PHE A 252 -54.30 -8.66 -3.45
C PHE A 252 -53.15 -9.06 -4.39
N ASP A 253 -53.01 -8.40 -5.53
CA ASP A 253 -51.96 -8.74 -6.52
C ASP A 253 -52.09 -10.24 -6.82
N CYS A 254 -51.01 -11.07 -6.70
CA CYS A 254 -51.26 -12.50 -6.91
C CYS A 254 -50.49 -13.41 -5.95
N TRP A 255 -50.22 -12.96 -4.73
CA TRP A 255 -49.59 -13.82 -3.73
C TRP A 255 -50.61 -14.65 -2.91
N LYS A 256 -51.92 -14.41 -3.05
CA LYS A 256 -52.87 -15.23 -2.29
C LYS A 256 -53.44 -16.37 -3.14
N SER A 257 -54.70 -16.74 -2.88
CA SER A 257 -55.31 -17.86 -3.57
C SER A 257 -55.64 -17.49 -5.02
N GLU A 258 -55.72 -18.54 -5.86
CA GLU A 258 -55.94 -18.38 -7.29
C GLU A 258 -57.18 -17.54 -7.59
N GLU A 259 -58.22 -17.67 -6.77
CA GLU A 259 -59.45 -16.90 -6.95
C GLU A 259 -59.23 -15.43 -6.65
N GLU A 260 -58.14 -15.07 -5.97
CA GLU A 260 -57.82 -13.69 -5.65
C GLU A 260 -56.72 -13.10 -6.52
N HIS A 261 -56.30 -13.81 -7.58
CA HIS A 261 -55.25 -13.26 -8.43
C HIS A 261 -55.81 -12.14 -9.30
N VAL A 262 -55.07 -11.03 -9.33
CA VAL A 262 -55.53 -9.83 -10.02
C VAL A 262 -55.82 -10.07 -11.51
N CYS A 263 -56.84 -9.36 -12.00
CA CYS A 263 -57.13 -9.20 -13.43
C CYS A 263 -57.94 -7.92 -13.59
N VAL A 264 -58.15 -7.50 -14.84
CA VAL A 264 -58.78 -6.20 -15.08
C VAL A 264 -60.19 -6.14 -14.50
N ASP A 265 -60.97 -7.21 -14.68
CA ASP A 265 -62.35 -7.16 -14.21
C ASP A 265 -62.41 -6.99 -12.69
N MET A 266 -61.49 -7.66 -12.00
CA MET A 266 -61.43 -7.58 -10.54
C MET A 266 -61.07 -6.17 -10.08
N VAL A 267 -60.08 -5.56 -10.74
CA VAL A 267 -59.68 -4.19 -10.44
C VAL A 267 -60.87 -3.25 -10.61
N LEU A 268 -61.53 -3.34 -11.78
CA LEU A 268 -62.59 -2.39 -12.10
C LEU A 268 -63.77 -2.52 -11.16
N GLU A 269 -64.14 -3.77 -10.81
CA GLU A 269 -65.29 -3.98 -9.94
C GLU A 269 -65.08 -3.32 -8.57
N GLN A 270 -63.86 -3.45 -8.02
CA GLN A 270 -63.61 -2.83 -6.71
C GLN A 270 -63.45 -1.33 -6.84
N PHE A 271 -62.74 -0.89 -7.89
CA PHE A 271 -62.60 0.54 -8.13
C PHE A 271 -63.97 1.23 -8.15
N ARG A 272 -64.94 0.62 -8.84
CA ARG A 272 -66.25 1.26 -8.95
C ARG A 272 -66.92 1.41 -7.59
N LYS A 273 -66.68 0.47 -6.67
CA LYS A 273 -67.26 0.58 -5.33
C LYS A 273 -66.56 1.61 -4.46
N SER A 274 -65.26 1.84 -4.70
CA SER A 274 -64.45 2.69 -3.81
C SER A 274 -64.34 4.14 -4.28
N VAL A 275 -64.72 4.43 -5.52
CA VAL A 275 -64.41 5.74 -6.08
C VAL A 275 -65.26 6.82 -5.41
N VAL A 276 -66.44 6.47 -4.88
CA VAL A 276 -67.27 7.48 -4.23
C VAL A 276 -66.60 7.96 -2.94
N HIS A 277 -66.02 7.05 -2.15
CA HIS A 277 -65.27 7.46 -0.98
C HIS A 277 -64.06 8.30 -1.36
N VAL A 278 -63.34 7.90 -2.41
CA VAL A 278 -62.15 8.64 -2.78
C VAL A 278 -62.52 10.06 -3.25
N ARG A 279 -63.66 10.19 -3.94
CA ARG A 279 -64.14 11.52 -4.31
C ARG A 279 -64.42 12.38 -3.08
N GLU A 280 -65.04 11.79 -2.05
CA GLU A 280 -65.36 12.57 -0.87
C GLU A 280 -64.10 13.04 -0.16
N ILE A 281 -63.11 12.15 -0.05
CA ILE A 281 -61.82 12.52 0.53
C ILE A 281 -61.16 13.65 -0.26
N LEU A 282 -61.08 13.50 -1.60
CA LEU A 282 -60.38 14.48 -2.41
C LEU A 282 -61.05 15.85 -2.34
N LEU A 283 -62.38 15.89 -2.40
CA LEU A 283 -63.06 17.17 -2.36
C LEU A 283 -62.95 17.82 -0.98
N GLU A 284 -62.91 17.00 0.07
CA GLU A 284 -62.76 17.56 1.40
C GLU A 284 -61.34 18.10 1.59
N ALA A 285 -60.36 17.42 1.00
CA ALA A 285 -58.97 17.86 1.09
C ALA A 285 -58.72 19.17 0.34
N VAL A 286 -59.42 19.41 -0.78
CA VAL A 286 -59.25 20.69 -1.46
C VAL A 286 -59.70 21.84 -0.55
N ALA A 287 -60.81 21.67 0.15
CA ALA A 287 -61.26 22.69 1.10
C ALA A 287 -60.26 22.88 2.21
N LEU A 288 -59.72 21.79 2.76
CA LEU A 288 -58.76 21.89 3.87
C LEU A 288 -57.47 22.57 3.43
N ILE A 289 -57.02 22.34 2.19
CA ILE A 289 -55.86 23.04 1.67
C ILE A 289 -56.15 24.54 1.59
N GLY A 290 -57.32 24.91 1.07
CA GLY A 290 -57.66 26.32 0.94
C GLY A 290 -57.88 27.04 2.27
N ALA A 291 -58.00 26.30 3.36
CA ALA A 291 -58.23 26.91 4.66
C ALA A 291 -56.93 27.21 5.41
N GLU A 292 -55.78 27.03 4.78
CA GLU A 292 -54.49 27.26 5.43
C GLU A 292 -53.60 28.14 4.57
N ASP A 293 -52.55 28.67 5.19
CA ASP A 293 -51.57 29.48 4.49
C ASP A 293 -50.41 28.60 4.06
N TRP A 294 -49.98 28.75 2.80
CA TRP A 294 -48.95 27.89 2.22
C TRP A 294 -47.75 28.68 1.71
N THR A 295 -47.60 29.95 2.14
CA THR A 295 -46.56 30.81 1.59
C THR A 295 -45.17 30.19 1.79
N LYS A 296 -44.84 29.83 3.03
CA LYS A 296 -43.50 29.30 3.30
C LYS A 296 -43.28 27.94 2.64
N THR A 297 -44.29 27.07 2.65
CA THR A 297 -44.14 25.77 2.00
C THR A 297 -43.88 25.92 0.50
N ILE A 298 -44.61 26.83 -0.16
CA ILE A 298 -44.42 27.09 -1.59
C ILE A 298 -43.00 27.58 -1.86
N GLU A 299 -42.56 28.56 -1.07
CA GLU A 299 -41.19 29.07 -1.21
C GLU A 299 -40.16 27.97 -0.97
N ALA A 300 -40.42 27.11 0.03
CA ALA A 300 -39.54 25.98 0.28
C ALA A 300 -39.51 25.03 -0.92
N ASN A 301 -40.68 24.71 -1.49
CA ASN A 301 -40.75 23.88 -2.69
C ASN A 301 -39.88 24.47 -3.79
N LYS A 302 -40.04 25.76 -4.07
CA LYS A 302 -39.30 26.38 -5.16
C LYS A 302 -37.81 26.42 -4.87
N ALA A 303 -37.42 26.72 -3.63
CA ALA A 303 -36.00 26.78 -3.31
C ALA A 303 -35.34 25.41 -3.38
N LEU A 304 -36.10 24.34 -3.08
CA LEU A 304 -35.58 22.99 -3.23
C LEU A 304 -35.18 22.72 -4.67
N VAL A 305 -35.99 23.20 -5.62
CA VAL A 305 -35.63 23.03 -7.03
C VAL A 305 -34.36 23.80 -7.34
N MET A 306 -34.29 25.07 -6.92
CA MET A 306 -33.13 25.88 -7.23
C MET A 306 -31.84 25.27 -6.65
N SER A 307 -31.91 24.77 -5.42
CA SER A 307 -30.71 24.24 -4.79
C SER A 307 -30.28 22.90 -5.37
N SER A 308 -31.12 22.27 -6.18
CA SER A 308 -30.81 20.98 -6.77
C SER A 308 -30.18 21.09 -8.15
N ARG A 309 -29.89 22.30 -8.63
CA ARG A 309 -29.27 22.51 -9.94
C ARG A 309 -27.75 22.29 -9.85
N GLN A 310 -27.28 21.17 -10.41
CA GLN A 310 -25.87 20.83 -10.36
C GLN A 310 -25.04 21.68 -11.32
N ASP A 311 -25.62 22.04 -12.47
CA ASP A 311 -24.92 22.86 -13.45
C ASP A 311 -24.77 24.31 -12.99
N LEU A 312 -25.67 24.79 -12.12
CA LEU A 312 -25.59 26.15 -11.61
C LEU A 312 -24.71 26.26 -10.38
N LEU A 313 -24.79 25.30 -9.47
CA LEU A 313 -24.01 25.32 -8.23
C LEU A 313 -22.52 25.14 -8.52
N MET B 22 2.19 -4.40 -27.65
CA MET B 22 3.49 -3.79 -27.93
C MET B 22 4.15 -3.26 -26.65
N SER B 23 3.47 -3.48 -25.51
CA SER B 23 3.97 -3.24 -24.15
C SER B 23 4.01 -1.76 -23.77
N LYS B 24 3.44 -0.86 -24.58
CA LYS B 24 3.38 0.55 -24.23
C LYS B 24 2.15 0.80 -23.35
N VAL B 25 2.34 1.49 -22.24
CA VAL B 25 1.19 1.78 -21.36
C VAL B 25 0.83 3.25 -21.50
N LYS B 26 -0.44 3.53 -21.29
CA LYS B 26 -0.97 4.88 -21.44
C LYS B 26 -2.27 4.90 -20.64
N VAL B 27 -2.39 5.84 -19.71
CA VAL B 27 -3.43 5.80 -18.70
C VAL B 27 -4.45 6.90 -18.97
N GLY B 28 -5.68 6.49 -19.28
CA GLY B 28 -6.78 7.45 -19.34
C GLY B 28 -7.36 7.69 -17.96
N ILE B 29 -7.88 8.90 -17.73
CA ILE B 29 -8.49 9.25 -16.45
C ILE B 29 -9.85 9.89 -16.76
N ILE B 30 -10.91 9.33 -16.17
CA ILE B 30 -12.23 9.90 -16.34
C ILE B 30 -12.61 10.54 -15.01
N GLY B 31 -12.86 11.85 -15.07
CA GLY B 31 -13.09 12.63 -13.87
C GLY B 31 -14.58 12.91 -13.73
N GLY B 32 -15.12 12.56 -12.57
CA GLY B 32 -16.51 12.78 -12.26
C GLY B 32 -16.75 14.13 -11.63
N SER B 33 -17.82 14.20 -10.81
CA SER B 33 -18.12 15.42 -10.07
CA SER B 33 -18.12 15.42 -10.09
C SER B 33 -16.91 15.87 -9.29
N GLY B 34 -16.73 17.19 -9.20
CA GLY B 34 -15.55 17.75 -8.58
C GLY B 34 -14.27 17.62 -9.38
N PHE B 35 -14.33 17.03 -10.58
CA PHE B 35 -13.18 16.91 -11.48
C PHE B 35 -13.50 17.45 -12.86
N ASP B 36 -14.31 18.51 -12.93
CA ASP B 36 -14.74 19.07 -14.20
C ASP B 36 -13.60 19.75 -14.96
N ASP B 37 -12.51 20.10 -14.26
CA ASP B 37 -11.34 20.70 -14.89
C ASP B 37 -10.11 20.45 -14.03
N PRO B 38 -9.58 19.23 -14.01
CA PRO B 38 -8.45 18.92 -13.12
C PRO B 38 -7.11 19.31 -13.73
N ASN B 39 -6.20 19.69 -12.85
CA ASN B 39 -4.84 20.03 -13.23
C ASN B 39 -3.94 18.92 -12.72
N LEU B 40 -3.96 17.80 -13.42
CA LEU B 40 -3.10 16.68 -13.09
C LEU B 40 -1.72 16.80 -13.72
N PHE B 41 -1.61 17.53 -14.82
CA PHE B 41 -0.34 17.68 -15.53
C PHE B 41 -0.47 18.86 -16.48
N LYS B 42 0.67 19.29 -17.00
CA LYS B 42 0.65 20.33 -18.03
C LYS B 42 0.13 19.76 -19.34
N LYS B 43 -0.83 20.45 -19.95
CA LYS B 43 -1.37 20.00 -21.23
C LYS B 43 -0.27 19.93 -22.29
N VAL B 44 -0.21 18.82 -23.01
CA VAL B 44 0.58 18.73 -24.23
C VAL B 44 -0.29 18.90 -25.46
N GLY B 45 -1.35 18.13 -25.57
CA GLY B 45 -2.29 18.25 -26.66
C GLY B 45 -3.73 18.22 -26.18
N VAL B 46 -4.57 18.95 -26.90
CA VAL B 46 -6.00 18.97 -26.65
C VAL B 46 -6.68 18.38 -27.88
N ARG B 47 -7.43 17.29 -27.70
CA ARG B 47 -7.94 16.49 -28.81
C ARG B 47 -9.46 16.59 -28.84
N GLN B 48 -9.98 17.17 -29.91
CA GLN B 48 -11.41 17.09 -30.22
C GLN B 48 -11.57 15.94 -31.20
N VAL B 49 -12.20 14.86 -30.76
CA VAL B 49 -12.27 13.66 -31.58
C VAL B 49 -13.73 13.25 -31.73
N THR B 50 -13.95 12.36 -32.68
CA THR B 50 -15.21 11.67 -32.81
C THR B 50 -14.94 10.18 -32.82
N THR B 51 -15.99 9.42 -32.58
CA THR B 51 -15.95 7.97 -32.52
C THR B 51 -17.07 7.45 -33.38
N PRO B 52 -17.10 6.14 -33.67
CA PRO B 52 -18.28 5.56 -34.32
C PRO B 52 -19.55 5.70 -33.50
N PHE B 53 -19.44 6.06 -32.21
CA PHE B 53 -20.60 6.14 -31.32
C PHE B 53 -20.92 7.57 -30.92
N GLY B 54 -20.33 8.55 -31.59
CA GLY B 54 -20.59 9.95 -31.38
C GLY B 54 -19.46 10.64 -30.64
N LYS B 55 -19.78 11.83 -30.19
CA LYS B 55 -18.81 12.71 -29.55
C LYS B 55 -18.64 12.36 -28.07
N PRO B 56 -17.42 12.33 -27.59
CA PRO B 56 -17.20 12.20 -26.15
C PRO B 56 -17.68 13.45 -25.40
N SER B 57 -17.66 13.36 -24.08
CA SER B 57 -18.21 14.41 -23.21
C SER B 57 -17.55 15.75 -23.43
N ASP B 58 -16.26 15.77 -23.79
CA ASP B 58 -15.53 17.01 -23.99
C ASP B 58 -14.29 16.69 -24.81
N THR B 59 -13.49 17.71 -25.07
CA THR B 59 -12.14 17.49 -25.61
C THR B 59 -11.34 16.64 -24.63
N LEU B 60 -10.37 15.89 -25.17
CA LEU B 60 -9.48 15.06 -24.36
C LEU B 60 -8.12 15.74 -24.25
N VAL B 61 -7.59 15.79 -23.03
CA VAL B 61 -6.32 16.47 -22.78
C VAL B 61 -5.24 15.40 -22.59
N GLU B 62 -4.24 15.44 -23.45
CA GLU B 62 -3.11 14.53 -23.42
C GLU B 62 -1.90 15.19 -22.78
N GLY B 63 -1.12 14.37 -22.06
CA GLY B 63 0.12 14.84 -21.49
C GLY B 63 0.89 13.69 -20.89
N PHE B 64 1.77 14.04 -19.95
CA PHE B 64 2.65 13.09 -19.29
C PHE B 64 2.62 13.31 -17.78
N VAL B 65 2.53 12.23 -17.03
CA VAL B 65 2.83 12.22 -15.60
C VAL B 65 4.14 11.47 -15.44
N GLY B 66 5.20 12.17 -15.07
CA GLY B 66 6.54 11.60 -15.21
C GLY B 66 6.80 11.24 -16.67
N ASP B 67 7.18 9.98 -16.92
CA ASP B 67 7.34 9.45 -18.27
C ASP B 67 6.12 8.72 -18.79
N VAL B 68 5.02 8.68 -18.03
CA VAL B 68 3.84 7.91 -18.41
C VAL B 68 2.87 8.82 -19.16
N ALA B 69 2.55 8.46 -20.40
CA ALA B 69 1.54 9.21 -21.14
C ALA B 69 0.16 9.05 -20.49
N CYS B 70 -0.60 10.13 -20.46
CA CYS B 70 -1.87 10.15 -19.73
C CYS B 70 -2.86 11.01 -20.51
N VAL B 71 -4.15 10.64 -20.43
CA VAL B 71 -5.22 11.34 -21.13
C VAL B 71 -6.35 11.59 -20.14
N VAL B 72 -6.84 12.81 -20.07
CA VAL B 72 -7.87 13.19 -19.09
C VAL B 72 -9.14 13.62 -19.81
N LEU B 73 -10.27 13.13 -19.30
CA LEU B 73 -11.59 13.44 -19.85
C LEU B 73 -12.57 13.69 -18.73
N PRO B 74 -13.28 14.84 -18.70
CA PRO B 74 -14.35 15.03 -17.70
C PRO B 74 -15.64 14.34 -18.12
N ARG B 75 -16.19 13.54 -17.20
CA ARG B 75 -17.34 12.70 -17.54
C ARG B 75 -18.57 13.52 -17.91
N HIS B 76 -18.79 14.64 -17.22
CA HIS B 76 -20.01 15.41 -17.41
C HIS B 76 -19.79 16.62 -18.29
N GLY B 77 -18.62 16.73 -18.94
CA GLY B 77 -18.33 17.89 -19.78
C GLY B 77 -17.84 19.06 -18.96
N LYS B 78 -17.49 20.13 -19.67
CA LYS B 78 -16.78 21.24 -19.02
C LYS B 78 -17.64 21.94 -17.98
N GLY B 79 -18.91 22.20 -18.28
CA GLY B 79 -19.77 22.91 -17.35
C GLY B 79 -20.74 22.02 -16.60
N HIS B 80 -20.42 20.73 -16.50
CA HIS B 80 -21.26 19.74 -15.83
C HIS B 80 -22.70 19.84 -16.28
N LEU B 81 -22.88 19.83 -17.61
CA LEU B 81 -24.20 19.99 -18.22
C LEU B 81 -24.82 18.67 -18.63
N ILE B 82 -24.08 17.56 -18.59
CA ILE B 82 -24.58 16.29 -19.09
C ILE B 82 -24.94 15.43 -17.88
N PRO B 83 -26.21 15.10 -17.66
CA PRO B 83 -26.57 14.26 -16.50
C PRO B 83 -26.06 12.84 -16.65
N PRO B 84 -25.98 12.08 -15.55
CA PRO B 84 -25.47 10.70 -15.64
C PRO B 84 -26.10 9.84 -16.71
N SER B 85 -27.41 9.91 -16.90
CA SER B 85 -28.05 8.97 -17.81
C SER B 85 -27.79 9.30 -19.27
N GLU B 86 -27.34 10.53 -19.56
CA GLU B 86 -27.09 10.99 -20.93
C GLU B 86 -25.60 11.06 -21.32
N VAL B 87 -24.69 10.73 -20.41
CA VAL B 87 -23.27 10.65 -20.77
C VAL B 87 -23.05 9.63 -21.88
N ASN B 88 -22.26 10.00 -22.88
CA ASN B 88 -21.95 9.03 -23.94
C ASN B 88 -20.77 8.20 -23.45
N TYR B 89 -21.07 7.18 -22.62
CA TYR B 89 -20.04 6.28 -22.12
C TYR B 89 -19.31 5.57 -23.25
N ARG B 90 -20.04 5.09 -24.25
CA ARG B 90 -19.41 4.44 -25.40
C ARG B 90 -18.36 5.34 -26.06
N ALA B 91 -18.72 6.60 -26.33
CA ALA B 91 -17.78 7.50 -26.99
C ALA B 91 -16.59 7.81 -26.10
N ASN B 92 -16.84 8.03 -24.80
CA ASN B 92 -15.75 8.33 -23.87
C ASN B 92 -14.74 7.19 -23.82
N VAL B 93 -15.22 5.96 -23.65
CA VAL B 93 -14.32 4.82 -23.57
C VAL B 93 -13.63 4.57 -24.91
N TRP B 94 -14.36 4.68 -26.02
CA TRP B 94 -13.75 4.42 -27.32
C TRP B 94 -12.73 5.48 -27.68
N ALA B 95 -12.98 6.75 -27.33
CA ALA B 95 -12.03 7.81 -27.60
C ALA B 95 -10.71 7.57 -26.87
N LEU B 96 -10.78 7.12 -25.62
CA LEU B 96 -9.57 6.83 -24.86
C LEU B 96 -8.82 5.66 -25.48
N LYS B 97 -9.56 4.61 -25.88
CA LYS B 97 -8.93 3.49 -26.56
C LYS B 97 -8.26 3.92 -27.85
N ASP B 98 -8.93 4.78 -28.63
CA ASP B 98 -8.37 5.22 -29.91
C ASP B 98 -7.09 6.02 -29.74
N LEU B 99 -6.95 6.75 -28.62
CA LEU B 99 -5.70 7.43 -28.32
C LEU B 99 -4.62 6.52 -27.76
N GLY B 100 -4.87 5.22 -27.63
CA GLY B 100 -3.87 4.29 -27.18
C GLY B 100 -3.87 3.98 -25.69
N CYS B 101 -4.88 4.43 -24.96
CA CYS B 101 -4.92 4.08 -23.55
C CYS B 101 -5.01 2.56 -23.39
N THR B 102 -4.25 2.03 -22.44
CA THR B 102 -4.36 0.65 -21.97
C THR B 102 -5.17 0.52 -20.70
N HIS B 103 -5.26 1.60 -19.93
CA HIS B 103 -5.87 1.62 -18.61
C HIS B 103 -6.83 2.79 -18.54
N ILE B 104 -7.87 2.66 -17.72
CA ILE B 104 -8.67 3.80 -17.32
C ILE B 104 -8.78 3.79 -15.81
N LEU B 105 -8.45 4.92 -15.20
CA LEU B 105 -8.72 5.20 -13.80
C LEU B 105 -9.89 6.16 -13.74
N ALA B 106 -10.89 5.89 -12.90
CA ALA B 106 -12.08 6.71 -12.87
C ALA B 106 -12.45 7.10 -11.45
N THR B 107 -13.01 8.30 -11.29
CA THR B 107 -13.51 8.79 -10.02
C THR B 107 -15.03 8.89 -10.07
N THR B 108 -15.64 8.80 -8.88
CA THR B 108 -17.07 9.04 -8.77
C THR B 108 -17.39 9.48 -7.35
N ALA B 109 -18.30 10.46 -7.24
CA ALA B 109 -18.90 10.80 -5.95
C ALA B 109 -20.04 9.81 -5.63
N CYS B 110 -20.19 9.49 -4.34
CA CYS B 110 -21.18 8.48 -4.00
C CYS B 110 -21.73 8.71 -2.59
N GLY B 111 -22.84 8.04 -2.32
CA GLY B 111 -23.42 8.03 -0.99
C GLY B 111 -23.14 6.72 -0.29
N SER B 112 -22.95 6.79 1.03
CA SER B 112 -22.68 5.60 1.83
C SER B 112 -23.98 4.97 2.31
N LEU B 113 -24.04 3.64 2.20
CA LEU B 113 -25.14 2.84 2.72
C LEU B 113 -24.75 2.07 3.99
N GLN B 114 -23.59 2.33 4.58
CA GLN B 114 -23.08 1.53 5.69
C GLN B 114 -22.33 2.42 6.67
N GLU B 115 -22.39 2.05 7.96
CA GLU B 115 -21.92 2.95 9.01
C GLU B 115 -20.41 3.15 8.97
N ASP B 116 -19.65 2.17 8.51
CA ASP B 116 -18.21 2.32 8.53
C ASP B 116 -17.68 3.07 7.32
N LEU B 117 -18.54 3.44 6.36
CA LEU B 117 -18.16 4.26 5.21
C LEU B 117 -18.67 5.67 5.46
N VAL B 118 -17.77 6.56 5.83
CA VAL B 118 -18.10 7.88 6.33
C VAL B 118 -17.72 8.92 5.27
N PRO B 119 -18.46 10.02 5.13
CA PRO B 119 -18.04 11.09 4.23
C PRO B 119 -16.58 11.49 4.46
N GLY B 120 -15.83 11.59 3.35
CA GLY B 120 -14.41 11.79 3.37
C GLY B 120 -13.60 10.55 3.12
N ASP B 121 -14.20 9.36 3.30
CA ASP B 121 -13.56 8.11 2.93
C ASP B 121 -13.57 7.93 1.42
N PHE B 122 -12.71 7.04 0.94
CA PHE B 122 -12.74 6.58 -0.43
C PHE B 122 -12.96 5.07 -0.45
N VAL B 123 -13.39 4.56 -1.60
CA VAL B 123 -13.64 3.13 -1.77
C VAL B 123 -13.05 2.71 -3.10
N VAL B 124 -12.10 1.77 -3.07
CA VAL B 124 -11.65 1.13 -4.30
C VAL B 124 -12.63 -0.02 -4.58
N LEU B 125 -13.61 0.25 -5.44
CA LEU B 125 -14.71 -0.69 -5.69
C LEU B 125 -14.22 -2.01 -6.25
N ASN B 126 -14.90 -3.12 -5.89
CA ASN B 126 -14.66 -4.38 -6.57
C ASN B 126 -15.91 -5.08 -7.09
N GLN B 127 -17.10 -4.55 -6.80
CA GLN B 127 -18.35 -5.19 -7.18
C GLN B 127 -19.38 -4.10 -7.47
N PHE B 128 -20.43 -4.47 -8.19
CA PHE B 128 -21.58 -3.58 -8.34
C PHE B 128 -22.89 -4.35 -8.56
N MET B 129 -23.98 -3.63 -8.33
CA MET B 129 -25.35 -4.03 -8.64
C MET B 129 -25.93 -2.95 -9.56
N ASP B 130 -26.40 -3.33 -10.74
CA ASP B 130 -26.75 -2.38 -11.80
C ASP B 130 -28.26 -2.10 -11.78
N LYS B 131 -28.64 -0.84 -11.56
CA LYS B 131 -30.04 -0.41 -11.66
C LYS B 131 -30.20 0.71 -12.70
N THR B 132 -29.33 0.74 -13.69
CA THR B 132 -29.45 1.71 -14.78
C THR B 132 -30.28 1.13 -15.90
N TRP B 133 -30.76 2.02 -16.77
CA TRP B 133 -31.57 1.65 -17.92
C TRP B 133 -31.48 2.77 -18.94
N GLY B 134 -31.78 2.42 -20.19
CA GLY B 134 -31.81 3.39 -21.26
C GLY B 134 -30.47 3.90 -21.70
N ARG B 135 -29.37 3.36 -21.20
CA ARG B 135 -28.05 3.80 -21.64
C ARG B 135 -27.50 2.78 -22.63
N GLU B 136 -26.75 3.27 -23.61
CA GLU B 136 -26.01 2.38 -24.50
C GLU B 136 -24.90 1.67 -23.71
N ASN B 137 -25.02 0.36 -23.55
CA ASN B 137 -24.10 -0.32 -22.64
C ASN B 137 -23.20 -1.34 -23.33
N THR B 138 -23.23 -1.43 -24.67
CA THR B 138 -22.34 -2.34 -25.40
C THR B 138 -21.95 -1.73 -26.73
N PHE B 139 -20.72 -2.03 -27.16
CA PHE B 139 -20.24 -1.64 -28.49
C PHE B 139 -20.77 -2.53 -29.59
N TYR B 140 -21.28 -3.72 -29.25
CA TYR B 140 -21.60 -4.74 -30.25
C TYR B 140 -23.10 -4.95 -30.39
N GLY B 141 -23.53 -5.30 -31.60
CA GLY B 141 -24.93 -5.67 -31.79
C GLY B 141 -25.23 -5.93 -33.25
N SER B 142 -26.52 -5.95 -33.56
CA SER B 142 -26.96 -6.24 -34.91
C SER B 142 -27.42 -5.01 -35.67
N LYS B 143 -27.41 -3.83 -35.05
CA LYS B 143 -27.87 -2.64 -35.78
C LYS B 143 -26.71 -1.91 -36.43
N PRO B 144 -26.96 -1.08 -37.45
CA PRO B 144 -25.85 -0.42 -38.16
C PRO B 144 -25.00 0.51 -37.30
N ASP B 145 -25.53 1.03 -36.20
CA ASP B 145 -24.77 1.98 -35.38
C ASP B 145 -23.93 1.30 -34.32
N SER B 146 -23.61 0.01 -34.49
CA SER B 146 -22.76 -0.68 -33.51
C SER B 146 -21.79 -1.60 -34.26
N LEU B 147 -20.77 -2.05 -33.55
CA LEU B 147 -19.86 -3.02 -34.12
C LEU B 147 -20.56 -4.35 -34.32
N LYS B 148 -20.19 -5.05 -35.39
CA LYS B 148 -20.85 -6.30 -35.75
C LYS B 148 -20.41 -7.42 -34.81
N GLY B 149 -21.37 -8.07 -34.16
CA GLY B 149 -21.09 -9.23 -33.36
C GLY B 149 -22.00 -9.29 -32.16
N VAL B 150 -21.91 -10.40 -31.43
CA VAL B 150 -22.62 -10.59 -30.17
C VAL B 150 -21.55 -10.89 -29.12
N LEU B 151 -21.36 -9.97 -28.20
CA LEU B 151 -20.32 -10.03 -27.18
C LEU B 151 -20.97 -10.25 -25.83
N HIS B 152 -20.65 -11.38 -25.18
CA HIS B 152 -21.16 -11.71 -23.85
C HIS B 152 -19.96 -11.77 -22.91
N MET B 153 -19.64 -10.63 -22.25
CA MET B 153 -18.44 -10.54 -21.41
C MET B 153 -18.71 -11.07 -20.00
N PRO B 154 -17.87 -11.96 -19.49
CA PRO B 154 -17.94 -12.26 -18.06
C PRO B 154 -17.67 -11.01 -17.25
N MET B 155 -18.35 -10.90 -16.11
CA MET B 155 -18.24 -9.71 -15.27
C MET B 155 -18.26 -10.09 -13.79
N ALA B 156 -18.02 -11.37 -13.48
CA ALA B 156 -18.13 -11.82 -12.08
C ALA B 156 -17.30 -10.94 -11.14
N GLU B 157 -16.05 -10.66 -11.50
CA GLU B 157 -15.23 -9.68 -10.79
C GLU B 157 -14.92 -8.59 -11.81
N PRO B 158 -15.71 -7.52 -11.86
CA PRO B 158 -15.76 -6.71 -13.09
C PRO B 158 -14.63 -5.70 -13.29
N PHE B 159 -13.77 -5.47 -12.31
CA PHE B 159 -12.66 -4.53 -12.45
C PHE B 159 -11.38 -5.29 -12.78
N CYS B 160 -10.35 -4.53 -13.17
CA CYS B 160 -9.00 -5.07 -13.28
C CYS B 160 -8.36 -5.13 -11.90
N GLU B 161 -8.10 -6.35 -11.41
CA GLU B 161 -7.64 -6.51 -10.03
C GLU B 161 -6.24 -5.91 -9.83
N ARG B 162 -5.31 -6.14 -10.77
CA ARG B 162 -4.01 -5.48 -10.69
C ARG B 162 -4.15 -3.97 -10.52
N THR B 163 -5.02 -3.35 -11.31
CA THR B 163 -5.18 -1.91 -11.26
C THR B 163 -5.88 -1.46 -9.98
N ARG B 164 -6.83 -2.26 -9.47
CA ARG B 164 -7.38 -2.00 -8.14
C ARG B 164 -6.28 -1.91 -7.10
N GLN B 165 -5.40 -2.92 -7.07
CA GLN B 165 -4.36 -2.95 -6.05
C GLN B 165 -3.37 -1.79 -6.21
N ILE B 166 -3.19 -1.30 -7.44
CA ILE B 166 -2.36 -0.11 -7.64
C ILE B 166 -2.99 1.10 -6.98
N LEU B 167 -4.32 1.27 -7.11
CA LEU B 167 -4.97 2.38 -6.41
C LEU B 167 -4.77 2.27 -4.90
N ILE B 168 -4.88 1.05 -4.37
CA ILE B 168 -4.74 0.84 -2.93
C ILE B 168 -3.31 1.11 -2.48
N GLN B 169 -2.33 0.64 -3.26
CA GLN B 169 -0.94 0.94 -2.95
C GLN B 169 -0.64 2.42 -3.05
N ALA B 170 -1.24 3.10 -4.04
CA ALA B 170 -1.00 4.53 -4.19
C ALA B 170 -1.44 5.29 -2.94
N ALA B 171 -2.57 4.88 -2.35
CA ALA B 171 -3.02 5.50 -1.11
C ALA B 171 -2.04 5.24 0.02
N ARG B 172 -1.53 4.01 0.14
CA ARG B 172 -0.49 3.73 1.12
CA ARG B 172 -0.49 3.74 1.13
C ARG B 172 0.73 4.64 0.90
N ASN B 173 1.13 4.80 -0.37
CA ASN B 173 2.32 5.59 -0.65
C ASN B 173 2.12 7.06 -0.35
N LYS B 174 0.88 7.52 -0.30
CA LYS B 174 0.56 8.91 0.01
C LYS B 174 0.14 9.09 1.47
N SER B 175 0.39 8.09 2.31
CA SER B 175 0.13 8.18 3.75
C SER B 175 -1.36 8.43 4.04
N ILE B 176 -2.22 7.76 3.27
CA ILE B 176 -3.66 7.79 3.50
C ILE B 176 -4.05 6.43 4.07
N ASN B 177 -4.75 6.44 5.20
CA ASN B 177 -5.18 5.22 5.86
C ASN B 177 -5.89 4.28 4.89
N VAL B 178 -5.56 3.00 4.97
CA VAL B 178 -6.23 1.97 4.19
C VAL B 178 -6.88 1.00 5.16
N TYR B 179 -8.16 0.71 4.95
CA TYR B 179 -8.90 -0.22 5.79
C TYR B 179 -9.34 -1.39 4.95
N ASP B 180 -8.85 -2.58 5.28
CA ASP B 180 -9.20 -3.81 4.58
C ASP B 180 -10.01 -4.68 5.55
N LYS B 181 -11.32 -4.77 5.32
CA LYS B 181 -12.19 -5.49 6.25
C LYS B 181 -11.88 -6.99 6.31
N LYS B 182 -11.20 -7.54 5.29
CA LYS B 182 -10.93 -8.97 5.30
C LYS B 182 -9.80 -9.34 6.24
N THR B 183 -8.90 -8.40 6.54
CA THR B 183 -7.71 -8.69 7.33
C THR B 183 -7.56 -7.81 8.57
N MET B 184 -8.35 -6.75 8.71
CA MET B 184 -8.20 -5.81 9.81
C MET B 184 -9.46 -5.83 10.67
N ASP B 185 -9.29 -5.47 11.94
CA ASP B 185 -10.43 -5.38 12.83
C ASP B 185 -11.16 -4.06 12.61
N LYS B 186 -12.41 -4.00 13.09
CA LYS B 186 -13.19 -2.77 12.98
C LYS B 186 -12.48 -1.60 13.64
N SER B 187 -11.74 -1.85 14.73
CA SER B 187 -11.03 -0.77 15.42
C SER B 187 -9.96 -0.14 14.54
N ALA B 188 -9.48 -0.86 13.54
CA ALA B 188 -8.51 -0.33 12.59
C ALA B 188 -9.14 0.49 11.47
N CYS B 189 -10.46 0.72 11.53
CA CYS B 189 -11.13 1.61 10.58
C CYS B 189 -10.99 3.03 11.12
N ILE B 190 -9.99 3.74 10.63
CA ILE B 190 -9.64 5.07 11.10
C ILE B 190 -9.89 6.05 9.96
N HIS B 191 -10.74 7.04 10.22
CA HIS B 191 -11.17 7.97 9.19
C HIS B 191 -10.30 9.23 9.15
N PRO B 192 -10.11 9.80 7.96
CA PRO B 192 -10.57 9.28 6.66
C PRO B 192 -9.71 8.10 6.15
N CYS B 193 -10.32 7.13 5.49
CA CYS B 193 -9.55 5.98 4.99
C CYS B 193 -10.05 5.59 3.61
N VAL B 194 -9.23 4.79 2.94
CA VAL B 194 -9.57 4.17 1.67
C VAL B 194 -9.99 2.74 1.98
N HIS B 195 -11.23 2.39 1.65
CA HIS B 195 -11.69 1.02 1.83
C HIS B 195 -11.19 0.15 0.69
N ALA B 196 -10.58 -0.97 1.04
CA ALA B 196 -9.88 -1.80 0.07
C ALA B 196 -10.82 -2.64 -0.78
N GLU B 197 -12.10 -2.71 -0.44
CA GLU B 197 -13.08 -3.35 -1.30
C GLU B 197 -14.43 -2.66 -1.09
N GLY B 198 -15.38 -2.97 -1.96
CA GLY B 198 -16.72 -2.42 -1.80
C GLY B 198 -17.62 -2.59 -3.00
N SER B 199 -18.93 -2.65 -2.76
CA SER B 199 -19.90 -2.78 -3.84
C SER B 199 -20.71 -1.51 -4.02
N ALA B 200 -20.98 -1.15 -5.28
CA ALA B 200 -21.79 0.01 -5.60
C ALA B 200 -23.11 -0.43 -6.21
N VAL B 201 -24.21 0.15 -5.79
CA VAL B 201 -25.42 0.07 -6.61
C VAL B 201 -25.44 1.34 -7.47
N THR B 202 -25.60 1.18 -8.78
CA THR B 202 -25.63 2.32 -9.68
C THR B 202 -27.06 2.55 -10.11
N ILE B 203 -27.62 3.69 -9.72
CA ILE B 203 -29.00 4.05 -10.05
C ILE B 203 -28.97 4.98 -11.26
N ASN B 204 -30.12 5.11 -11.93
CA ASN B 204 -30.10 5.81 -13.20
C ASN B 204 -30.06 7.32 -13.03
N GLY B 205 -30.56 7.84 -11.93
CA GLY B 205 -30.67 9.30 -11.79
C GLY B 205 -31.79 9.84 -12.67
N PRO B 206 -31.93 11.18 -12.73
CA PRO B 206 -31.13 12.15 -11.99
C PRO B 206 -31.52 12.28 -10.51
N ARG B 207 -32.72 11.86 -10.13
CA ARG B 207 -33.12 12.01 -8.72
C ARG B 207 -32.27 11.11 -7.82
N PHE B 208 -32.11 11.55 -6.57
CA PHE B 208 -31.57 10.66 -5.54
C PHE B 208 -32.65 9.67 -5.09
N SER B 209 -32.22 8.68 -4.29
CA SER B 209 -33.09 7.58 -3.84
C SER B 209 -34.11 8.02 -2.80
N THR B 210 -35.22 7.27 -2.71
CA THR B 210 -36.12 7.40 -1.57
C THR B 210 -35.50 6.69 -0.37
N ARG B 211 -35.99 7.01 0.82
CA ARG B 211 -35.59 6.26 2.00
C ARG B 211 -35.90 4.76 1.83
N CYS B 212 -37.06 4.46 1.24
CA CYS B 212 -37.43 3.07 0.97
C CYS B 212 -36.40 2.36 0.10
N GLU B 213 -35.95 3.02 -0.97
CA GLU B 213 -34.98 2.43 -1.86
C GLU B 213 -33.63 2.29 -1.16
N SER B 214 -33.23 3.31 -0.40
CA SER B 214 -31.96 3.26 0.30
C SER B 214 -31.92 2.08 1.28
N PHE B 215 -32.99 1.88 2.06
CA PHE B 215 -33.00 0.78 3.02
C PHE B 215 -32.98 -0.59 2.32
N ILE B 216 -33.64 -0.69 1.17
CA ILE B 216 -33.61 -1.93 0.39
C ILE B 216 -32.19 -2.22 -0.11
N HIS B 217 -31.51 -1.18 -0.64
CA HIS B 217 -30.12 -1.34 -1.10
C HIS B 217 -29.20 -1.72 0.04
N LYS B 218 -29.40 -1.09 1.20
CA LYS B 218 -28.63 -1.43 2.39
C LYS B 218 -28.88 -2.87 2.83
N ALA B 219 -30.16 -3.31 2.77
CA ALA B 219 -30.48 -4.67 3.18
C ALA B 219 -29.89 -5.72 2.25
N MET B 220 -29.68 -5.37 0.97
CA MET B 220 -28.99 -6.25 0.04
C MET B 220 -27.49 -6.31 0.27
N GLY B 221 -26.96 -5.53 1.22
CA GLY B 221 -25.55 -5.53 1.53
C GLY B 221 -24.67 -4.62 0.69
N LEU B 222 -25.24 -3.72 -0.08
CA LEU B 222 -24.43 -2.84 -0.92
C LEU B 222 -23.78 -1.76 -0.06
N ASP B 223 -22.57 -1.34 -0.48
CA ASP B 223 -21.82 -0.41 0.36
C ASP B 223 -22.07 1.05 0.01
N ILE B 224 -22.18 1.37 -1.28
CA ILE B 224 -22.35 2.75 -1.71
C ILE B 224 -23.35 2.81 -2.86
N VAL B 225 -23.86 4.02 -3.11
CA VAL B 225 -24.75 4.27 -4.23
C VAL B 225 -24.16 5.41 -5.07
N ASN B 226 -24.22 5.24 -6.39
CA ASN B 226 -23.75 6.26 -7.31
C ASN B 226 -24.61 6.23 -8.57
N MET B 227 -24.24 7.05 -9.58
CA MET B 227 -25.00 7.13 -10.82
C MET B 227 -24.23 6.86 -12.11
N THR B 228 -22.90 6.66 -12.05
CA THR B 228 -22.10 6.72 -13.28
C THR B 228 -21.16 5.54 -13.51
N LEU B 229 -21.10 4.56 -12.61
CA LEU B 229 -20.13 3.47 -12.77
C LEU B 229 -20.48 2.58 -13.95
N VAL B 230 -21.77 2.31 -14.15
CA VAL B 230 -22.29 1.45 -15.21
C VAL B 230 -22.99 2.32 -16.24
N PRO B 231 -22.71 2.14 -17.53
CA PRO B 231 -21.95 1.08 -18.21
C PRO B 231 -20.43 1.32 -18.41
N GLU B 232 -19.90 2.38 -17.80
CA GLU B 232 -18.48 2.72 -18.01
C GLU B 232 -17.56 1.53 -17.74
N VAL B 233 -17.73 0.85 -16.59
CA VAL B 233 -16.86 -0.26 -16.23
C VAL B 233 -17.01 -1.39 -17.24
N SER B 234 -18.24 -1.66 -17.66
CA SER B 234 -18.51 -2.72 -18.63
C SER B 234 -17.87 -2.43 -19.98
N LEU B 235 -18.04 -1.20 -20.50
CA LEU B 235 -17.49 -0.86 -21.81
C LEU B 235 -15.96 -0.88 -21.79
N ALA B 236 -15.36 -0.48 -20.68
CA ALA B 236 -13.90 -0.56 -20.58
C ALA B 236 -13.42 -1.98 -20.83
N ARG B 237 -14.07 -2.96 -20.20
CA ARG B 237 -13.69 -4.35 -20.40
C ARG B 237 -13.96 -4.81 -21.84
N GLU B 238 -15.09 -4.37 -22.42
CA GLU B 238 -15.35 -4.68 -23.83
C GLU B 238 -14.25 -4.16 -24.73
N ALA B 239 -13.67 -3.02 -24.38
CA ALA B 239 -12.63 -2.38 -25.15
C ALA B 239 -11.25 -2.99 -24.89
N GLY B 240 -11.16 -3.99 -24.01
CA GLY B 240 -9.88 -4.62 -23.71
C GLY B 240 -8.99 -3.78 -22.81
N LEU B 241 -9.59 -2.87 -22.03
CA LEU B 241 -8.87 -1.95 -21.16
C LEU B 241 -8.99 -2.39 -19.70
N SER B 242 -7.93 -2.11 -18.95
CA SER B 242 -7.89 -2.34 -17.51
C SER B 242 -8.52 -1.15 -16.80
N TYR B 243 -9.66 -1.35 -16.11
CA TYR B 243 -10.41 -0.27 -15.48
C TYR B 243 -10.49 -0.46 -13.97
N ALA B 244 -10.29 0.62 -13.23
CA ALA B 244 -10.53 0.64 -11.80
C ALA B 244 -11.09 1.99 -11.40
N SER B 245 -11.97 1.97 -10.39
CA SER B 245 -12.71 3.13 -9.92
C SER B 245 -12.37 3.44 -8.46
N ILE B 246 -12.22 4.73 -8.14
CA ILE B 246 -12.10 5.15 -6.75
C ILE B 246 -13.30 6.06 -6.47
N ALA B 247 -14.16 5.62 -5.58
CA ALA B 247 -15.36 6.35 -5.22
C ALA B 247 -15.07 7.22 -4.00
N ILE B 248 -15.57 8.45 -4.05
CA ILE B 248 -15.43 9.42 -2.98
C ILE B 248 -16.75 9.49 -2.23
N VAL B 249 -16.74 9.13 -0.96
CA VAL B 249 -17.96 9.18 -0.16
C VAL B 249 -18.23 10.63 0.21
N THR B 250 -19.35 11.17 -0.27
CA THR B 250 -19.70 12.54 0.04
C THR B 250 -20.89 12.67 0.98
N ASP B 251 -21.55 11.58 1.35
CA ASP B 251 -22.80 11.66 2.11
C ASP B 251 -23.20 10.25 2.56
N PHE B 252 -24.15 10.21 3.49
CA PHE B 252 -24.76 8.97 3.99
C PHE B 252 -26.06 8.62 3.27
N ASP B 253 -26.21 9.02 2.02
CA ASP B 253 -27.44 8.84 1.25
C ASP B 253 -28.62 9.38 2.05
N CYS B 254 -29.67 8.57 2.31
CA CYS B 254 -30.78 9.11 3.07
C CYS B 254 -31.35 8.12 4.10
N TRP B 255 -30.57 7.12 4.52
CA TRP B 255 -31.04 6.17 5.52
C TRP B 255 -30.79 6.62 6.96
N LYS B 256 -30.07 7.71 7.18
CA LYS B 256 -29.86 8.23 8.54
C LYS B 256 -30.75 9.43 8.83
N SER B 257 -30.28 10.34 9.68
CA SER B 257 -31.09 11.47 10.13
C SER B 257 -31.32 12.48 8.99
N GLU B 258 -32.38 13.28 9.15
CA GLU B 258 -32.76 14.26 8.14
C GLU B 258 -31.67 15.30 7.90
N GLU B 259 -30.77 15.50 8.85
CA GLU B 259 -29.65 16.42 8.69
C GLU B 259 -28.50 15.79 7.91
N GLU B 260 -28.59 14.50 7.60
CA GLU B 260 -27.59 13.83 6.78
C GLU B 260 -28.17 13.31 5.48
N HIS B 261 -29.33 13.83 5.06
CA HIS B 261 -29.93 13.40 3.81
C HIS B 261 -29.28 14.11 2.64
N VAL B 262 -29.01 13.33 1.59
CA VAL B 262 -28.17 13.78 0.50
C VAL B 262 -28.85 14.88 -0.32
N CYS B 263 -28.03 15.81 -0.81
CA CYS B 263 -28.44 16.84 -1.77
C CYS B 263 -27.18 17.30 -2.48
N VAL B 264 -27.38 18.09 -3.55
CA VAL B 264 -26.26 18.50 -4.39
C VAL B 264 -25.21 19.27 -3.58
N ASP B 265 -25.65 20.19 -2.72
CA ASP B 265 -24.71 21.00 -1.94
C ASP B 265 -23.87 20.12 -1.01
N MET B 266 -24.51 19.14 -0.36
CA MET B 266 -23.76 18.19 0.46
C MET B 266 -22.71 17.46 -0.36
N VAL B 267 -23.07 17.03 -1.58
CA VAL B 267 -22.14 16.28 -2.40
C VAL B 267 -20.95 17.16 -2.79
N LEU B 268 -21.20 18.37 -3.27
CA LEU B 268 -20.13 19.27 -3.70
C LEU B 268 -19.24 19.70 -2.53
N GLU B 269 -19.84 20.02 -1.38
CA GLU B 269 -19.07 20.53 -0.24
C GLU B 269 -18.07 19.50 0.25
N GLN B 270 -18.51 18.25 0.42
CA GLN B 270 -17.59 17.19 0.83
C GLN B 270 -16.54 16.93 -0.26
N PHE B 271 -16.96 16.97 -1.52
CA PHE B 271 -16.03 16.63 -2.59
C PHE B 271 -14.86 17.61 -2.64
N ARG B 272 -15.16 18.92 -2.55
CA ARG B 272 -14.11 19.92 -2.51
C ARG B 272 -13.06 19.60 -1.46
N LYS B 273 -13.48 19.00 -0.34
CA LYS B 273 -12.56 18.67 0.74
C LYS B 273 -11.67 17.46 0.39
N SER B 274 -12.23 16.49 -0.33
CA SER B 274 -11.58 15.22 -0.63
C SER B 274 -10.83 15.19 -1.95
N VAL B 275 -11.10 16.14 -2.85
CA VAL B 275 -10.51 16.09 -4.20
C VAL B 275 -8.99 16.16 -4.14
N VAL B 276 -8.43 16.86 -3.15
CA VAL B 276 -6.98 16.99 -3.05
C VAL B 276 -6.35 15.61 -2.88
N HIS B 277 -6.92 14.78 -2.02
CA HIS B 277 -6.32 13.48 -1.79
C HIS B 277 -6.58 12.53 -2.95
N VAL B 278 -7.71 12.69 -3.65
CA VAL B 278 -7.98 11.90 -4.85
C VAL B 278 -6.96 12.18 -5.92
N ARG B 279 -6.60 13.46 -6.11
CA ARG B 279 -5.59 13.82 -7.09
C ARG B 279 -4.25 13.15 -6.78
N GLU B 280 -3.86 13.17 -5.50
CA GLU B 280 -2.59 12.55 -5.12
C GLU B 280 -2.62 11.05 -5.39
N ILE B 281 -3.76 10.40 -5.11
CA ILE B 281 -3.86 8.96 -5.37
C ILE B 281 -3.76 8.68 -6.87
N LEU B 282 -4.45 9.49 -7.69
CA LEU B 282 -4.47 9.24 -9.13
C LEU B 282 -3.08 9.44 -9.75
N LEU B 283 -2.38 10.49 -9.35
CA LEU B 283 -1.05 10.73 -9.90
C LEU B 283 -0.07 9.66 -9.44
N GLU B 284 -0.16 9.22 -8.19
CA GLU B 284 0.71 8.15 -7.74
C GLU B 284 0.37 6.85 -8.47
N ALA B 285 -0.93 6.57 -8.65
CA ALA B 285 -1.35 5.36 -9.37
C ALA B 285 -0.81 5.34 -10.81
N VAL B 286 -0.84 6.48 -11.50
CA VAL B 286 -0.29 6.52 -12.87
C VAL B 286 1.19 6.15 -12.86
N ALA B 287 1.97 6.73 -11.95
CA ALA B 287 3.38 6.37 -11.84
C ALA B 287 3.54 4.87 -11.54
N LEU B 288 2.71 4.31 -10.66
CA LEU B 288 2.87 2.89 -10.29
C LEU B 288 2.53 1.97 -11.47
N ILE B 289 1.54 2.35 -12.27
CA ILE B 289 1.25 1.59 -13.48
C ILE B 289 2.46 1.62 -14.41
N GLY B 290 3.04 2.80 -14.59
CA GLY B 290 4.20 2.96 -15.45
C GLY B 290 5.42 2.16 -15.03
N ALA B 291 5.50 1.77 -13.74
CA ALA B 291 6.69 1.09 -13.22
C ALA B 291 6.67 -0.42 -13.45
N GLU B 292 5.59 -0.96 -14.01
CA GLU B 292 5.44 -2.40 -14.18
C GLU B 292 5.23 -2.75 -15.64
N ASP B 293 5.53 -4.00 -15.98
CA ASP B 293 5.20 -4.56 -17.29
C ASP B 293 3.78 -5.07 -17.30
N TRP B 294 3.03 -4.70 -18.35
CA TRP B 294 1.63 -5.08 -18.47
C TRP B 294 1.38 -5.98 -19.66
N THR B 295 2.44 -6.57 -20.22
CA THR B 295 2.31 -7.27 -21.49
C THR B 295 1.29 -8.41 -21.40
N LYS B 296 1.43 -9.28 -20.39
CA LYS B 296 0.51 -10.43 -20.31
C LYS B 296 -0.90 -10.02 -19.93
N THR B 297 -1.05 -8.99 -19.08
CA THR B 297 -2.40 -8.53 -18.69
C THR B 297 -3.14 -7.89 -19.85
N ILE B 298 -2.44 -7.07 -20.64
CA ILE B 298 -3.05 -6.47 -21.83
C ILE B 298 -3.45 -7.54 -22.82
N GLU B 299 -2.55 -8.52 -23.06
CA GLU B 299 -2.88 -9.65 -23.94
C GLU B 299 -4.12 -10.39 -23.46
N ALA B 300 -4.23 -10.60 -22.16
CA ALA B 300 -5.37 -11.32 -21.61
C ALA B 300 -6.65 -10.50 -21.74
N ASN B 301 -6.54 -9.16 -21.57
CA ASN B 301 -7.70 -8.28 -21.76
C ASN B 301 -8.25 -8.42 -23.18
N LYS B 302 -7.36 -8.36 -24.18
CA LYS B 302 -7.77 -8.52 -25.57
C LYS B 302 -8.33 -9.91 -25.83
N ALA B 303 -7.70 -10.93 -25.26
CA ALA B 303 -8.16 -12.30 -25.51
C ALA B 303 -9.52 -12.55 -24.87
N LEU B 304 -9.84 -11.87 -23.77
CA LEU B 304 -11.15 -12.07 -23.16
C LEU B 304 -12.27 -11.55 -24.07
N VAL B 305 -12.01 -10.45 -24.78
CA VAL B 305 -12.98 -9.94 -25.75
C VAL B 305 -13.20 -10.97 -26.87
N MET B 306 -12.12 -11.49 -27.45
CA MET B 306 -12.28 -12.38 -28.60
C MET B 306 -12.99 -13.66 -28.20
N SER B 307 -12.71 -14.18 -27.00
CA SER B 307 -13.35 -15.41 -26.56
C SER B 307 -14.79 -15.19 -26.09
N SER B 308 -15.23 -13.95 -25.92
CA SER B 308 -16.61 -13.68 -25.50
C SER B 308 -17.53 -13.44 -26.69
N ARG B 309 -17.04 -13.63 -27.91
CA ARG B 309 -17.83 -13.44 -29.11
C ARG B 309 -18.63 -14.72 -29.41
N GLN B 310 -19.96 -14.63 -29.32
CA GLN B 310 -20.81 -15.78 -29.55
C GLN B 310 -21.29 -15.88 -30.99
N ASP B 311 -21.05 -14.86 -31.82
CA ASP B 311 -21.33 -15.02 -33.23
C ASP B 311 -20.22 -15.79 -33.95
N LEU B 312 -18.99 -15.66 -33.48
CA LEU B 312 -17.83 -16.35 -34.06
C LEU B 312 -17.77 -17.81 -33.60
N LYS C 24 -57.61 -28.19 -34.65
CA LYS C 24 -56.31 -28.57 -35.22
C LYS C 24 -55.19 -27.75 -34.60
N VAL C 25 -54.04 -28.37 -34.40
CA VAL C 25 -52.93 -27.69 -33.74
C VAL C 25 -51.80 -27.49 -34.73
N LYS C 26 -50.97 -26.52 -34.43
CA LYS C 26 -49.74 -26.28 -35.16
C LYS C 26 -48.73 -25.74 -34.17
N VAL C 27 -47.56 -26.37 -34.07
CA VAL C 27 -46.63 -26.02 -32.99
C VAL C 27 -45.47 -25.21 -33.54
N GLY C 28 -45.33 -23.99 -33.04
CA GLY C 28 -44.16 -23.18 -33.34
C GLY C 28 -43.05 -23.45 -32.34
N ILE C 29 -41.81 -23.37 -32.83
CA ILE C 29 -40.64 -23.67 -32.01
C ILE C 29 -39.66 -22.52 -32.17
N ILE C 30 -39.30 -21.90 -31.06
CA ILE C 30 -38.29 -20.84 -31.07
C ILE C 30 -37.05 -21.46 -30.45
N GLY C 31 -36.02 -21.64 -31.28
CA GLY C 31 -34.80 -22.29 -30.83
C GLY C 31 -33.79 -21.23 -30.41
N GLY C 32 -33.28 -21.38 -29.18
CA GLY C 32 -32.24 -20.50 -28.68
C GLY C 32 -30.83 -20.93 -29.03
N SER C 33 -29.89 -20.56 -28.17
CA SER C 33 -28.52 -20.98 -28.34
C SER C 33 -28.43 -22.50 -28.46
N GLY C 34 -27.59 -22.96 -29.37
CA GLY C 34 -27.52 -24.37 -29.72
C GLY C 34 -28.49 -24.81 -30.78
N PHE C 35 -29.48 -23.96 -31.10
CA PHE C 35 -30.50 -24.22 -32.11
C PHE C 35 -30.50 -23.11 -33.19
N ASP C 36 -29.32 -22.53 -33.46
CA ASP C 36 -29.29 -21.45 -34.45
C ASP C 36 -29.58 -21.95 -35.86
N ASP C 37 -29.29 -23.23 -36.14
CA ASP C 37 -29.65 -23.88 -37.39
C ASP C 37 -30.25 -25.23 -37.03
N PRO C 38 -31.50 -25.26 -36.57
CA PRO C 38 -32.08 -26.52 -36.10
C PRO C 38 -32.43 -27.43 -37.27
N ASN C 39 -32.25 -28.72 -37.06
CA ASN C 39 -32.64 -29.73 -38.05
C ASN C 39 -33.61 -30.70 -37.38
N LEU C 40 -34.79 -30.16 -37.02
CA LEU C 40 -35.79 -30.93 -36.30
C LEU C 40 -36.65 -31.80 -37.21
N PHE C 41 -36.75 -31.46 -38.49
CA PHE C 41 -37.57 -32.21 -39.43
C PHE C 41 -37.16 -31.83 -40.84
N LYS C 42 -37.58 -32.63 -41.80
CA LYS C 42 -37.32 -32.30 -43.19
C LYS C 42 -38.11 -31.06 -43.59
N LYS C 43 -37.41 -30.08 -44.15
CA LYS C 43 -38.05 -28.84 -44.57
C LYS C 43 -39.01 -29.11 -45.73
N VAL C 44 -40.29 -28.82 -45.52
CA VAL C 44 -41.24 -28.87 -46.62
C VAL C 44 -41.34 -27.52 -47.31
N GLY C 45 -41.18 -26.43 -46.56
CA GLY C 45 -41.22 -25.11 -47.16
C GLY C 45 -40.62 -24.10 -46.22
N VAL C 46 -40.40 -22.89 -46.76
CA VAL C 46 -39.89 -21.78 -45.97
C VAL C 46 -40.79 -20.59 -46.22
N ARG C 47 -40.89 -19.72 -45.20
CA ARG C 47 -41.66 -18.49 -45.31
C ARG C 47 -40.76 -17.34 -44.90
N GLN C 48 -40.44 -16.49 -45.87
CA GLN C 48 -39.65 -15.28 -45.64
C GLN C 48 -40.63 -14.12 -45.54
N VAL C 49 -40.97 -13.73 -44.31
CA VAL C 49 -42.10 -12.86 -44.02
C VAL C 49 -41.65 -11.70 -43.14
N THR C 50 -42.42 -10.61 -43.19
CA THR C 50 -42.31 -9.60 -42.16
C THR C 50 -43.65 -9.49 -41.42
N THR C 51 -43.67 -8.65 -40.40
CA THR C 51 -44.84 -8.45 -39.55
C THR C 51 -45.14 -6.97 -39.39
N PRO C 52 -46.31 -6.63 -38.82
CA PRO C 52 -46.58 -5.21 -38.49
C PRO C 52 -45.62 -4.65 -37.45
N PHE C 53 -44.79 -5.50 -36.83
CA PHE C 53 -43.86 -5.06 -35.80
C PHE C 53 -42.40 -5.26 -36.23
N GLY C 54 -42.18 -5.41 -37.52
CA GLY C 54 -40.84 -5.57 -38.07
C GLY C 54 -40.52 -7.00 -38.45
N LYS C 55 -39.20 -7.25 -38.70
CA LYS C 55 -38.75 -8.51 -39.25
C LYS C 55 -38.51 -9.53 -38.15
N PRO C 56 -38.98 -10.76 -38.35
CA PRO C 56 -38.58 -11.85 -37.45
C PRO C 56 -37.08 -12.11 -37.56
N SER C 57 -36.58 -12.93 -36.63
CA SER C 57 -35.13 -13.18 -36.54
C SER C 57 -34.58 -13.86 -37.78
N ASP C 58 -35.38 -14.66 -38.49
CA ASP C 58 -34.90 -15.37 -39.66
C ASP C 58 -36.11 -15.89 -40.42
N THR C 59 -35.82 -16.55 -41.55
CA THR C 59 -36.85 -17.31 -42.26
C THR C 59 -37.49 -18.32 -41.32
N LEU C 60 -38.81 -18.49 -41.43
CA LEU C 60 -39.52 -19.53 -40.71
C LEU C 60 -39.54 -20.79 -41.58
N VAL C 61 -39.24 -21.94 -40.97
CA VAL C 61 -39.14 -23.20 -41.69
C VAL C 61 -40.32 -24.08 -41.32
N GLU C 62 -41.02 -24.59 -42.32
CA GLU C 62 -42.24 -25.36 -42.12
C GLU C 62 -42.02 -26.86 -42.36
N GLY C 63 -42.63 -27.68 -41.51
CA GLY C 63 -42.64 -29.11 -41.75
C GLY C 63 -43.64 -29.85 -40.87
N PHE C 64 -43.36 -31.13 -40.60
CA PHE C 64 -44.27 -31.98 -39.84
C PHE C 64 -43.44 -32.87 -38.91
N VAL C 65 -43.97 -33.07 -37.71
CA VAL C 65 -43.52 -34.13 -36.80
C VAL C 65 -44.65 -35.17 -36.77
N GLY C 66 -44.44 -36.31 -37.42
CA GLY C 66 -45.57 -37.19 -37.67
C GLY C 66 -46.52 -36.46 -38.60
N ASP C 67 -47.79 -36.35 -38.20
CA ASP C 67 -48.75 -35.56 -38.96
C ASP C 67 -49.08 -34.24 -38.29
N VAL C 68 -48.25 -33.79 -37.33
CA VAL C 68 -48.46 -32.54 -36.64
C VAL C 68 -47.63 -31.46 -37.32
N ALA C 69 -48.29 -30.40 -37.79
CA ALA C 69 -47.61 -29.31 -38.46
C ALA C 69 -46.76 -28.54 -37.47
N CYS C 70 -45.55 -28.16 -37.90
CA CYS C 70 -44.56 -27.54 -37.04
C CYS C 70 -43.87 -26.40 -37.80
N VAL C 71 -43.47 -25.35 -37.06
CA VAL C 71 -42.77 -24.19 -37.61
C VAL C 71 -41.61 -23.87 -36.68
N VAL C 72 -40.40 -23.70 -37.25
CA VAL C 72 -39.21 -23.45 -36.44
C VAL C 72 -38.55 -22.16 -36.87
N LEU C 73 -38.12 -21.36 -35.89
CA LEU C 73 -37.28 -20.22 -36.22
C LEU C 73 -36.23 -20.06 -35.13
N PRO C 74 -35.01 -19.70 -35.51
CA PRO C 74 -33.93 -19.50 -34.52
C PRO C 74 -34.00 -18.09 -33.92
N ARG C 75 -34.10 -18.03 -32.59
CA ARG C 75 -34.27 -16.74 -31.90
C ARG C 75 -33.21 -15.74 -32.30
N HIS C 76 -31.93 -16.17 -32.36
CA HIS C 76 -30.85 -15.23 -32.64
C HIS C 76 -30.49 -15.18 -34.13
N GLY C 77 -31.28 -15.81 -35.00
CA GLY C 77 -30.98 -15.90 -36.40
C GLY C 77 -29.85 -16.87 -36.70
N LYS C 78 -29.71 -17.30 -37.93
CA LYS C 78 -28.56 -18.14 -38.26
C LYS C 78 -27.29 -17.33 -38.13
N GLY C 79 -26.24 -17.97 -37.65
CA GLY C 79 -25.03 -17.23 -37.37
C GLY C 79 -25.02 -16.52 -36.04
N HIS C 80 -26.13 -16.55 -35.30
CA HIS C 80 -26.23 -15.99 -33.95
C HIS C 80 -25.75 -14.54 -33.92
N LEU C 81 -26.30 -13.74 -34.82
CA LEU C 81 -25.87 -12.35 -34.94
C LEU C 81 -26.73 -11.38 -34.13
N ILE C 82 -27.84 -11.81 -33.57
CA ILE C 82 -28.77 -10.91 -32.90
C ILE C 82 -28.66 -11.14 -31.40
N PRO C 83 -28.22 -10.16 -30.61
CA PRO C 83 -28.13 -10.33 -29.14
C PRO C 83 -29.51 -10.29 -28.48
N PRO C 84 -29.61 -10.77 -27.24
CA PRO C 84 -30.94 -10.86 -26.58
C PRO C 84 -31.75 -9.56 -26.60
N SER C 85 -31.14 -8.43 -26.29
CA SER C 85 -31.97 -7.23 -26.17
C SER C 85 -32.46 -6.70 -27.51
N GLU C 86 -31.91 -7.18 -28.62
CA GLU C 86 -32.28 -6.72 -29.97
C GLU C 86 -33.16 -7.71 -30.71
N VAL C 87 -33.40 -8.88 -30.14
CA VAL C 87 -34.33 -9.83 -30.75
C VAL C 87 -35.70 -9.19 -30.88
N ASN C 88 -36.33 -9.39 -32.03
CA ASN C 88 -37.67 -8.84 -32.25
C ASN C 88 -38.67 -9.89 -31.79
N TYR C 89 -38.88 -9.93 -30.46
CA TYR C 89 -39.84 -10.84 -29.85
C TYR C 89 -41.24 -10.64 -30.41
N ARG C 90 -41.67 -9.37 -30.60
CA ARG C 90 -43.00 -9.14 -31.15
C ARG C 90 -43.14 -9.79 -32.52
N ALA C 91 -42.16 -9.55 -33.41
CA ALA C 91 -42.25 -10.07 -34.77
C ALA C 91 -42.19 -11.59 -34.80
N ASN C 92 -41.35 -12.19 -33.95
CA ASN C 92 -41.27 -13.65 -33.90
C ASN C 92 -42.62 -14.25 -33.46
N VAL C 93 -43.22 -13.72 -32.40
CA VAL C 93 -44.51 -14.25 -31.96
C VAL C 93 -45.59 -13.98 -33.01
N TRP C 94 -45.62 -12.75 -33.56
CA TRP C 94 -46.65 -12.43 -34.55
C TRP C 94 -46.55 -13.32 -35.77
N ALA C 95 -45.32 -13.53 -36.27
CA ALA C 95 -45.13 -14.34 -37.46
C ALA C 95 -45.61 -15.76 -37.24
N LEU C 96 -45.33 -16.33 -36.06
CA LEU C 96 -45.83 -17.68 -35.75
C LEU C 96 -47.35 -17.70 -35.65
N LYS C 97 -47.94 -16.66 -35.04
CA LYS C 97 -49.40 -16.56 -34.98
C LYS C 97 -49.99 -16.43 -36.38
N ASP C 98 -49.36 -15.63 -37.25
CA ASP C 98 -49.83 -15.43 -38.62
C ASP C 98 -49.89 -16.73 -39.40
N LEU C 99 -48.98 -17.67 -39.11
CA LEU C 99 -48.97 -18.97 -39.77
C LEU C 99 -49.95 -19.96 -39.16
N GLY C 100 -50.71 -19.54 -38.16
CA GLY C 100 -51.68 -20.43 -37.55
C GLY C 100 -51.17 -21.28 -36.41
N CYS C 101 -50.01 -20.96 -35.83
CA CYS C 101 -49.54 -21.72 -34.69
C CYS C 101 -50.51 -21.53 -33.53
N THR C 102 -50.78 -22.61 -32.81
CA THR C 102 -51.56 -22.59 -31.58
C THR C 102 -50.69 -22.64 -30.33
N HIS C 103 -49.47 -23.15 -30.48
CA HIS C 103 -48.51 -23.37 -29.40
C HIS C 103 -47.17 -22.80 -29.82
N ILE C 104 -46.37 -22.37 -28.83
CA ILE C 104 -44.94 -22.13 -29.01
C ILE C 104 -44.17 -22.91 -27.93
N LEU C 105 -43.21 -23.72 -28.37
CA LEU C 105 -42.22 -24.31 -27.48
C LEU C 105 -40.92 -23.56 -27.69
N ALA C 106 -40.27 -23.15 -26.60
CA ALA C 106 -39.04 -22.37 -26.70
C ALA C 106 -37.95 -22.97 -25.85
N THR C 107 -36.71 -22.84 -26.29
CA THR C 107 -35.55 -23.26 -25.51
C THR C 107 -34.76 -22.03 -25.06
N THR C 108 -33.98 -22.21 -23.99
CA THR C 108 -33.11 -21.14 -23.54
C THR C 108 -31.96 -21.75 -22.77
N ALA C 109 -30.75 -21.30 -23.07
CA ALA C 109 -29.56 -21.73 -22.33
C ALA C 109 -29.38 -20.78 -21.14
N CYS C 110 -29.11 -21.33 -19.96
CA CYS C 110 -29.19 -20.53 -18.75
C CYS C 110 -28.07 -20.89 -17.80
N GLY C 111 -27.80 -19.99 -16.84
CA GLY C 111 -26.86 -20.29 -15.77
C GLY C 111 -27.59 -20.60 -14.48
N SER C 112 -26.99 -21.43 -13.63
CA SER C 112 -27.64 -21.82 -12.40
C SER C 112 -27.35 -20.84 -11.27
N LEU C 113 -28.36 -20.64 -10.41
CA LEU C 113 -28.25 -19.88 -9.17
C LEU C 113 -28.34 -20.74 -7.91
N GLN C 114 -28.55 -22.05 -8.02
CA GLN C 114 -28.76 -22.87 -6.83
C GLN C 114 -28.00 -24.19 -6.98
N GLU C 115 -27.65 -24.78 -5.84
CA GLU C 115 -26.73 -25.91 -5.80
C GLU C 115 -27.28 -27.15 -6.51
N ASP C 116 -28.59 -27.35 -6.49
CA ASP C 116 -29.13 -28.55 -7.10
C ASP C 116 -29.46 -28.38 -8.58
N LEU C 117 -29.27 -27.19 -9.15
CA LEU C 117 -29.41 -27.00 -10.60
C LEU C 117 -28.00 -27.04 -11.17
N VAL C 118 -27.67 -28.15 -11.80
CA VAL C 118 -26.29 -28.47 -12.19
C VAL C 118 -26.15 -28.41 -13.71
N PRO C 119 -25.00 -27.99 -14.25
CA PRO C 119 -24.83 -28.01 -15.71
C PRO C 119 -25.19 -29.37 -16.29
N GLY C 120 -25.99 -29.34 -17.36
CA GLY C 120 -26.52 -30.54 -17.95
C GLY C 120 -27.95 -30.85 -17.57
N ASP C 121 -28.44 -30.26 -16.47
CA ASP C 121 -29.86 -30.30 -16.11
C ASP C 121 -30.69 -29.44 -17.05
N PHE C 122 -31.99 -29.64 -16.97
CA PHE C 122 -32.99 -28.83 -17.67
C PHE C 122 -33.99 -28.31 -16.64
N VAL C 123 -34.70 -27.23 -16.98
CA VAL C 123 -35.79 -26.69 -16.15
C VAL C 123 -36.99 -26.41 -17.04
N VAL C 124 -38.15 -26.98 -16.69
CA VAL C 124 -39.39 -26.56 -17.34
C VAL C 124 -39.92 -25.41 -16.47
N LEU C 125 -39.62 -24.16 -16.89
CA LEU C 125 -39.88 -22.99 -16.07
C LEU C 125 -41.37 -22.83 -15.78
N ASN C 126 -41.69 -22.35 -14.58
CA ASN C 126 -43.07 -21.95 -14.30
C ASN C 126 -43.18 -20.52 -13.77
N GLN C 127 -42.06 -19.84 -13.52
CA GLN C 127 -42.05 -18.51 -12.92
C GLN C 127 -40.88 -17.69 -13.43
N PHE C 128 -40.98 -16.36 -13.28
CA PHE C 128 -39.83 -15.53 -13.61
C PHE C 128 -39.86 -14.21 -12.84
N MET C 129 -38.69 -13.61 -12.75
CA MET C 129 -38.52 -12.22 -12.33
C MET C 129 -37.86 -11.44 -13.46
N ASP C 130 -38.49 -10.36 -13.86
CA ASP C 130 -38.10 -9.58 -15.04
C ASP C 130 -37.15 -8.46 -14.66
N LYS C 131 -35.93 -8.49 -15.19
CA LYS C 131 -35.00 -7.36 -15.09
C LYS C 131 -34.61 -6.83 -16.47
N THR C 132 -35.45 -7.04 -17.48
CA THR C 132 -35.19 -6.49 -18.81
C THR C 132 -35.75 -5.07 -18.93
N TRP C 133 -35.26 -4.34 -19.94
CA TRP C 133 -35.69 -2.99 -20.20
C TRP C 133 -35.38 -2.67 -21.66
N GLY C 134 -36.08 -1.64 -22.17
CA GLY C 134 -35.79 -1.16 -23.51
C GLY C 134 -36.23 -2.06 -24.63
N ARG C 135 -36.95 -3.15 -24.34
CA ARG C 135 -37.49 -4.02 -25.36
C ARG C 135 -38.98 -3.76 -25.56
N GLU C 136 -39.43 -3.92 -26.80
CA GLU C 136 -40.86 -3.85 -27.12
C GLU C 136 -41.54 -5.06 -26.50
N ASN C 137 -42.40 -4.84 -25.51
CA ASN C 137 -42.93 -5.95 -24.73
C ASN C 137 -44.45 -6.08 -24.84
N THR C 138 -45.10 -5.33 -25.73
CA THR C 138 -46.53 -5.47 -25.85
C THR C 138 -46.95 -5.10 -27.27
N PHE C 139 -48.03 -5.76 -27.75
CA PHE C 139 -48.59 -5.41 -29.05
C PHE C 139 -49.53 -4.20 -28.98
N TYR C 140 -50.00 -3.83 -27.79
CA TYR C 140 -51.11 -2.90 -27.62
C TYR C 140 -50.64 -1.57 -27.03
N GLY C 141 -51.37 -0.50 -27.31
CA GLY C 141 -51.08 0.76 -26.66
C GLY C 141 -51.70 1.90 -27.44
N SER C 142 -51.20 3.10 -27.17
CA SER C 142 -51.76 4.29 -27.79
C SER C 142 -50.91 4.82 -28.95
N LYS C 143 -49.75 4.22 -29.23
CA LYS C 143 -48.96 4.62 -30.40
C LYS C 143 -49.68 4.24 -31.70
N PRO C 144 -49.47 5.00 -32.76
CA PRO C 144 -50.20 4.71 -34.01
C PRO C 144 -49.91 3.34 -34.57
N ASP C 145 -48.71 2.79 -34.36
CA ASP C 145 -48.39 1.49 -34.93
C ASP C 145 -48.71 0.33 -33.99
N SER C 146 -49.22 0.60 -32.79
CA SER C 146 -49.67 -0.45 -31.90
C SER C 146 -51.10 -0.82 -32.21
N LEU C 147 -51.48 -2.03 -31.82
CA LEU C 147 -52.88 -2.36 -31.77
C LEU C 147 -53.58 -1.45 -30.75
N LYS C 148 -54.76 -0.96 -31.10
CA LYS C 148 -55.44 0.00 -30.24
C LYS C 148 -56.04 -0.72 -29.04
N GLY C 149 -55.99 -0.08 -27.90
CA GLY C 149 -56.52 -0.67 -26.70
C GLY C 149 -55.44 -0.75 -25.66
N VAL C 150 -55.83 -0.97 -24.41
CA VAL C 150 -54.90 -1.10 -23.31
C VAL C 150 -55.10 -2.50 -22.76
N LEU C 151 -54.04 -3.30 -22.81
CA LEU C 151 -54.10 -4.71 -22.39
C LEU C 151 -53.27 -4.88 -21.13
N HIS C 152 -53.91 -5.30 -20.04
CA HIS C 152 -53.26 -5.63 -18.77
C HIS C 152 -53.47 -7.13 -18.54
N MET C 153 -52.51 -7.96 -19.01
CA MET C 153 -52.71 -9.40 -18.91
C MET C 153 -52.32 -9.89 -17.52
N PRO C 154 -53.08 -10.82 -16.95
CA PRO C 154 -52.61 -11.52 -15.75
C PRO C 154 -51.38 -12.34 -16.10
N MET C 155 -50.43 -12.42 -15.14
CA MET C 155 -49.19 -13.17 -15.33
C MET C 155 -48.81 -13.97 -14.10
N ALA C 156 -49.77 -14.16 -13.19
CA ALA C 156 -49.49 -14.85 -11.92
C ALA C 156 -48.72 -16.15 -12.16
N GLU C 157 -49.21 -16.97 -13.07
CA GLU C 157 -48.57 -18.21 -13.51
C GLU C 157 -48.47 -18.08 -15.03
N PRO C 158 -47.33 -17.62 -15.54
CA PRO C 158 -47.32 -16.97 -16.86
C PRO C 158 -47.20 -17.91 -18.04
N PHE C 159 -47.05 -19.22 -17.85
CA PHE C 159 -46.95 -20.21 -18.92
C PHE C 159 -48.28 -20.92 -19.11
N CYS C 160 -48.40 -21.67 -20.22
CA CYS C 160 -49.53 -22.56 -20.42
C CYS C 160 -49.25 -23.86 -19.64
N GLU C 161 -50.03 -24.13 -18.58
CA GLU C 161 -49.68 -25.25 -17.70
C GLU C 161 -49.80 -26.61 -18.39
N ARG C 162 -50.87 -26.83 -19.17
CA ARG C 162 -50.99 -28.04 -19.97
C ARG C 162 -49.75 -28.28 -20.81
N THR C 163 -49.27 -27.24 -21.49
CA THR C 163 -48.08 -27.38 -22.32
C THR C 163 -46.83 -27.63 -21.47
N ARG C 164 -46.74 -27.00 -20.29
CA ARG C 164 -45.60 -27.31 -19.42
C ARG C 164 -45.56 -28.80 -19.08
N GLN C 165 -46.71 -29.36 -18.72
CA GLN C 165 -46.74 -30.77 -18.35
C GLN C 165 -46.43 -31.67 -19.53
N ILE C 166 -46.76 -31.23 -20.76
CA ILE C 166 -46.34 -31.98 -21.94
C ILE C 166 -44.82 -32.06 -22.01
N LEU C 167 -44.13 -30.92 -21.82
CA LEU C 167 -42.68 -30.96 -21.90
C LEU C 167 -42.10 -31.91 -20.86
N ILE C 168 -42.66 -31.90 -19.65
CA ILE C 168 -42.15 -32.79 -18.61
C ILE C 168 -42.42 -34.25 -18.97
N GLN C 169 -43.62 -34.55 -19.45
CA GLN C 169 -43.95 -35.91 -19.89
C GLN C 169 -43.06 -36.34 -21.06
N ALA C 170 -42.77 -35.43 -22.00
CA ALA C 170 -41.88 -35.80 -23.10
C ALA C 170 -40.54 -36.24 -22.57
N ALA C 171 -40.02 -35.56 -21.55
CA ALA C 171 -38.74 -35.96 -20.96
C ALA C 171 -38.85 -37.35 -20.31
N ARG C 172 -39.92 -37.61 -19.56
CA ARG C 172 -40.10 -38.97 -19.04
C ARG C 172 -40.11 -39.98 -20.18
N ASN C 173 -40.80 -39.65 -21.27
CA ASN C 173 -40.96 -40.63 -22.35
C ASN C 173 -39.66 -40.87 -23.10
N LYS C 174 -38.69 -39.96 -22.97
CA LYS C 174 -37.38 -40.12 -23.58
C LYS C 174 -36.32 -40.55 -22.57
N SER C 175 -36.75 -41.06 -21.40
CA SER C 175 -35.86 -41.67 -20.39
C SER C 175 -34.93 -40.65 -19.73
N ILE C 176 -35.42 -39.44 -19.49
CA ILE C 176 -34.65 -38.42 -18.76
C ILE C 176 -35.23 -38.29 -17.36
N ASN C 177 -34.36 -38.34 -16.35
CA ASN C 177 -34.77 -38.11 -14.96
C ASN C 177 -35.59 -36.83 -14.81
N VAL C 178 -36.64 -36.89 -13.98
CA VAL C 178 -37.45 -35.72 -13.63
C VAL C 178 -37.43 -35.58 -12.11
N TYR C 179 -37.11 -34.39 -11.64
CA TYR C 179 -37.01 -34.11 -10.22
C TYR C 179 -38.01 -33.05 -9.86
N ASP C 180 -38.91 -33.36 -8.91
CA ASP C 180 -39.93 -32.41 -8.45
C ASP C 180 -39.71 -32.17 -6.96
N LYS C 181 -39.15 -31.01 -6.63
CA LYS C 181 -38.77 -30.75 -5.25
C LYS C 181 -39.97 -30.63 -4.33
N LYS C 182 -41.17 -30.42 -4.87
CA LYS C 182 -42.35 -30.36 -4.00
C LYS C 182 -42.71 -31.72 -3.40
N THR C 183 -42.45 -32.83 -4.12
CA THR C 183 -42.86 -34.16 -3.67
C THR C 183 -41.70 -35.10 -3.42
N MET C 184 -40.48 -34.72 -3.77
CA MET C 184 -39.33 -35.61 -3.72
C MET C 184 -38.25 -35.01 -2.84
N ASP C 185 -37.61 -35.86 -2.04
CA ASP C 185 -36.44 -35.41 -1.32
C ASP C 185 -35.29 -35.14 -2.28
N LYS C 186 -34.33 -34.34 -1.83
CA LYS C 186 -33.15 -34.04 -2.63
C LYS C 186 -32.38 -35.30 -3.05
N SER C 187 -32.68 -36.46 -2.45
CA SER C 187 -32.06 -37.71 -2.88
C SER C 187 -32.61 -38.23 -4.20
N ALA C 188 -33.76 -37.74 -4.66
CA ALA C 188 -34.25 -38.10 -5.98
C ALA C 188 -33.74 -37.15 -7.04
N CYS C 189 -32.93 -36.18 -6.66
CA CYS C 189 -32.33 -35.24 -7.60
C CYS C 189 -31.12 -35.92 -8.22
N ILE C 190 -31.36 -36.71 -9.27
CA ILE C 190 -30.30 -37.46 -9.93
C ILE C 190 -30.00 -36.77 -11.26
N HIS C 191 -28.72 -36.43 -11.46
CA HIS C 191 -28.34 -35.64 -12.61
C HIS C 191 -27.88 -36.53 -13.78
N PRO C 192 -28.13 -36.09 -15.03
CA PRO C 192 -28.89 -34.89 -15.35
C PRO C 192 -30.39 -35.11 -15.19
N CYS C 193 -31.12 -34.06 -14.84
CA CYS C 193 -32.55 -34.18 -14.63
C CYS C 193 -33.25 -32.93 -15.12
N VAL C 194 -34.53 -33.13 -15.47
CA VAL C 194 -35.46 -32.03 -15.73
C VAL C 194 -36.05 -31.62 -14.38
N HIS C 195 -35.83 -30.37 -13.99
CA HIS C 195 -36.51 -29.85 -12.81
C HIS C 195 -37.94 -29.48 -13.19
N ALA C 196 -38.91 -30.06 -12.47
CA ALA C 196 -40.33 -29.97 -12.82
C ALA C 196 -40.91 -28.58 -12.63
N GLU C 197 -40.20 -27.68 -11.94
CA GLU C 197 -40.61 -26.30 -11.71
C GLU C 197 -39.35 -25.47 -11.60
N GLY C 198 -39.50 -24.15 -11.71
CA GLY C 198 -38.33 -23.31 -11.53
C GLY C 198 -38.56 -21.89 -11.96
N SER C 199 -37.83 -20.95 -11.38
CA SER C 199 -37.98 -19.54 -11.69
C SER C 199 -36.72 -19.04 -12.39
N ALA C 200 -36.89 -18.16 -13.36
CA ALA C 200 -35.77 -17.52 -14.04
C ALA C 200 -35.74 -16.04 -13.68
N VAL C 201 -34.55 -15.50 -13.43
CA VAL C 201 -34.39 -14.05 -13.54
C VAL C 201 -33.87 -13.76 -14.94
N THR C 202 -34.59 -12.91 -15.70
CA THR C 202 -34.19 -12.54 -17.06
C THR C 202 -33.52 -11.17 -17.00
N ILE C 203 -32.22 -11.14 -17.26
CA ILE C 203 -31.45 -9.91 -17.25
C ILE C 203 -31.33 -9.42 -18.70
N ASN C 204 -30.96 -8.15 -18.85
CA ASN C 204 -31.05 -7.56 -20.18
C ASN C 204 -29.88 -7.98 -21.05
N GLY C 205 -28.73 -8.22 -20.46
CA GLY C 205 -27.52 -8.49 -21.21
C GLY C 205 -27.01 -7.23 -21.90
N PRO C 206 -26.00 -7.39 -22.76
CA PRO C 206 -25.37 -8.65 -23.13
C PRO C 206 -24.39 -9.22 -22.08
N ARG C 207 -23.97 -8.41 -21.10
CA ARG C 207 -22.97 -8.85 -20.15
C ARG C 207 -23.55 -9.88 -19.18
N PHE C 208 -22.67 -10.73 -18.66
CA PHE C 208 -23.10 -11.61 -17.57
C PHE C 208 -23.15 -10.81 -16.27
N SER C 209 -23.77 -11.41 -15.24
CA SER C 209 -23.90 -10.78 -13.94
C SER C 209 -22.58 -10.69 -13.18
N THR C 210 -22.45 -9.66 -12.35
CA THR C 210 -21.38 -9.64 -11.37
C THR C 210 -21.65 -10.68 -10.29
N ARG C 211 -20.62 -11.00 -9.50
CA ARG C 211 -20.85 -11.88 -8.34
C ARG C 211 -21.86 -11.26 -7.38
N CYS C 212 -21.76 -9.95 -7.16
CA CYS C 212 -22.70 -9.26 -6.28
C CYS C 212 -24.14 -9.47 -6.74
N GLU C 213 -24.40 -9.29 -8.05
CA GLU C 213 -25.74 -9.48 -8.61
C GLU C 213 -26.18 -10.93 -8.49
N SER C 214 -25.28 -11.89 -8.79
CA SER C 214 -25.63 -13.31 -8.73
C SER C 214 -26.07 -13.71 -7.32
N PHE C 215 -25.33 -13.26 -6.31
CA PHE C 215 -25.67 -13.61 -4.93
C PHE C 215 -26.98 -12.97 -4.49
N ILE C 216 -27.28 -11.77 -4.98
CA ILE C 216 -28.56 -11.18 -4.63
C ILE C 216 -29.70 -11.94 -5.29
N HIS C 217 -29.54 -12.33 -6.56
CA HIS C 217 -30.57 -13.13 -7.22
C HIS C 217 -30.75 -14.47 -6.52
N LYS C 218 -29.65 -15.09 -6.12
CA LYS C 218 -29.74 -16.35 -5.39
C LYS C 218 -30.50 -16.17 -4.07
N ALA C 219 -30.20 -15.07 -3.36
CA ALA C 219 -30.84 -14.83 -2.06
C ALA C 219 -32.33 -14.60 -2.22
N MET C 220 -32.77 -14.08 -3.37
CA MET C 220 -34.19 -13.94 -3.69
C MET C 220 -34.86 -15.27 -4.03
N GLY C 221 -34.11 -16.37 -4.07
CA GLY C 221 -34.66 -17.69 -4.34
C GLY C 221 -34.85 -18.06 -5.80
N LEU C 222 -34.28 -17.28 -6.73
CA LEU C 222 -34.41 -17.57 -8.15
C LEU C 222 -33.51 -18.75 -8.52
N ASP C 223 -33.97 -19.59 -9.46
CA ASP C 223 -33.25 -20.83 -9.77
C ASP C 223 -32.19 -20.67 -10.87
N ILE C 224 -32.48 -19.91 -11.92
CA ILE C 224 -31.56 -19.78 -13.06
C ILE C 224 -31.59 -18.34 -13.54
N VAL C 225 -30.57 -17.98 -14.33
CA VAL C 225 -30.48 -16.67 -14.96
C VAL C 225 -30.38 -16.85 -16.48
N ASN C 226 -31.16 -16.06 -17.22
CA ASN C 226 -31.01 -16.02 -18.68
C ASN C 226 -31.31 -14.62 -19.19
N MET C 227 -31.41 -14.48 -20.52
CA MET C 227 -31.56 -13.16 -21.11
C MET C 227 -32.72 -13.03 -22.08
N THR C 228 -33.44 -14.13 -22.37
CA THR C 228 -34.36 -14.17 -23.51
C THR C 228 -35.81 -14.55 -23.18
N LEU C 229 -36.13 -14.92 -21.93
CA LEU C 229 -37.50 -15.37 -21.66
C LEU C 229 -38.52 -14.26 -21.81
N VAL C 230 -38.16 -13.07 -21.34
CA VAL C 230 -39.07 -11.94 -21.33
C VAL C 230 -38.54 -10.96 -22.40
N PRO C 231 -39.40 -10.40 -23.28
CA PRO C 231 -40.88 -10.48 -23.21
C PRO C 231 -41.48 -11.61 -24.04
N GLU C 232 -40.69 -12.58 -24.47
CA GLU C 232 -41.22 -13.66 -25.30
C GLU C 232 -42.46 -14.32 -24.68
N VAL C 233 -42.36 -14.75 -23.40
CA VAL C 233 -43.48 -15.44 -22.77
C VAL C 233 -44.71 -14.53 -22.66
N SER C 234 -44.51 -13.24 -22.38
CA SER C 234 -45.59 -12.27 -22.24
C SER C 234 -46.31 -12.06 -23.56
N LEU C 235 -45.54 -11.91 -24.65
CA LEU C 235 -46.16 -11.64 -25.95
C LEU C 235 -46.92 -12.86 -26.47
N ALA C 236 -46.42 -14.06 -26.17
CA ALA C 236 -47.13 -15.26 -26.57
C ALA C 236 -48.51 -15.29 -25.95
N ARG C 237 -48.62 -14.90 -24.68
CA ARG C 237 -49.94 -14.85 -24.03
C ARG C 237 -50.80 -13.72 -24.61
N GLU C 238 -50.21 -12.57 -24.93
CA GLU C 238 -50.97 -11.51 -25.60
C GLU C 238 -51.55 -12.00 -26.92
N ALA C 239 -50.81 -12.87 -27.61
CA ALA C 239 -51.21 -13.40 -28.91
C ALA C 239 -52.16 -14.59 -28.79
N GLY C 240 -52.54 -14.98 -27.58
CA GLY C 240 -53.48 -16.08 -27.44
C GLY C 240 -52.88 -17.44 -27.71
N LEU C 241 -51.57 -17.56 -27.55
CA LEU C 241 -50.85 -18.80 -27.81
C LEU C 241 -50.49 -19.46 -26.50
N SER C 242 -50.43 -20.80 -26.51
CA SER C 242 -49.94 -21.60 -25.39
C SER C 242 -48.43 -21.71 -25.49
N TYR C 243 -47.72 -21.20 -24.49
CA TYR C 243 -46.27 -21.08 -24.49
C TYR C 243 -45.66 -21.90 -23.35
N ALA C 244 -44.60 -22.67 -23.63
CA ALA C 244 -43.82 -23.26 -22.55
C ALA C 244 -42.35 -23.25 -22.93
N SER C 245 -41.48 -23.11 -21.94
CA SER C 245 -40.03 -22.97 -22.16
C SER C 245 -39.29 -24.12 -21.47
N ILE C 246 -38.26 -24.64 -22.12
CA ILE C 246 -37.37 -25.59 -21.46
C ILE C 246 -35.98 -24.98 -21.45
N ALA C 247 -35.43 -24.80 -20.25
CA ALA C 247 -34.13 -24.18 -20.10
C ALA C 247 -33.06 -25.26 -20.04
N ILE C 248 -31.89 -24.99 -20.60
CA ILE C 248 -30.72 -25.85 -20.48
C ILE C 248 -29.77 -25.17 -19.51
N VAL C 249 -29.40 -25.86 -18.43
CA VAL C 249 -28.40 -25.32 -17.52
C VAL C 249 -27.02 -25.57 -18.13
N THR C 250 -26.28 -24.51 -18.41
CA THR C 250 -24.98 -24.73 -19.03
C THR C 250 -23.80 -24.44 -18.13
N ASP C 251 -23.96 -23.58 -17.10
CA ASP C 251 -22.96 -23.51 -16.03
CA ASP C 251 -22.92 -23.41 -16.09
C ASP C 251 -23.47 -22.72 -14.84
N VAL C 262 -8.85 -26.32 -16.35
CA VAL C 262 -9.44 -26.44 -17.68
C VAL C 262 -10.81 -27.09 -17.56
N CYS C 263 -11.80 -26.54 -18.27
CA CYS C 263 -13.16 -27.03 -18.16
C CYS C 263 -14.01 -26.62 -19.36
N VAL C 264 -13.53 -25.66 -20.15
CA VAL C 264 -14.36 -25.09 -21.21
C VAL C 264 -14.74 -26.17 -22.23
N ASP C 265 -13.79 -27.07 -22.53
CA ASP C 265 -14.07 -28.14 -23.48
C ASP C 265 -15.11 -29.10 -22.94
N MET C 266 -15.06 -29.42 -21.65
CA MET C 266 -16.09 -30.26 -21.06
C MET C 266 -17.44 -29.54 -21.01
N VAL C 267 -17.44 -28.23 -20.74
CA VAL C 267 -18.70 -27.50 -20.73
C VAL C 267 -19.35 -27.55 -22.12
N LEU C 268 -18.54 -27.37 -23.17
CA LEU C 268 -19.09 -27.35 -24.52
C LEU C 268 -19.64 -28.69 -24.93
N GLU C 269 -18.92 -29.78 -24.62
CA GLU C 269 -19.41 -31.10 -24.98
C GLU C 269 -20.68 -31.43 -24.20
N GLN C 270 -20.70 -31.07 -22.91
CA GLN C 270 -21.92 -31.20 -22.12
C GLN C 270 -23.08 -30.43 -22.76
N PHE C 271 -22.82 -29.25 -23.29
CA PHE C 271 -23.90 -28.49 -23.90
C PHE C 271 -24.39 -29.17 -25.17
N ARG C 272 -23.48 -29.75 -25.96
CA ARG C 272 -23.92 -30.50 -27.14
C ARG C 272 -24.83 -31.65 -26.76
N LYS C 273 -24.48 -32.39 -25.71
CA LYS C 273 -25.34 -33.49 -25.26
C LYS C 273 -26.68 -32.95 -24.76
N SER C 274 -26.66 -31.80 -24.08
CA SER C 274 -27.92 -31.21 -23.64
C SER C 274 -28.81 -30.84 -24.82
N VAL C 275 -28.22 -30.31 -25.89
CA VAL C 275 -28.98 -29.95 -27.08
C VAL C 275 -29.60 -31.19 -27.73
N VAL C 276 -28.83 -32.28 -27.84
CA VAL C 276 -29.40 -33.54 -28.33
C VAL C 276 -30.60 -33.98 -27.47
N HIS C 277 -30.46 -33.94 -26.14
CA HIS C 277 -31.61 -34.28 -25.28
C HIS C 277 -32.80 -33.33 -25.50
N VAL C 278 -32.56 -32.03 -25.59
CA VAL C 278 -33.69 -31.10 -25.77
C VAL C 278 -34.36 -31.33 -27.12
N ARG C 279 -33.57 -31.67 -28.15
CA ARG C 279 -34.13 -32.04 -29.44
C ARG C 279 -35.10 -33.21 -29.30
N GLU C 280 -34.70 -34.25 -28.56
CA GLU C 280 -35.58 -35.39 -28.32
C GLU C 280 -36.86 -34.96 -27.59
N ILE C 281 -36.72 -34.09 -26.59
CA ILE C 281 -37.88 -33.66 -25.81
C ILE C 281 -38.85 -32.89 -26.69
N LEU C 282 -38.32 -31.97 -27.51
CA LEU C 282 -39.17 -31.15 -28.38
C LEU C 282 -39.94 -32.02 -29.36
N LEU C 283 -39.27 -32.98 -30.00
CA LEU C 283 -39.96 -33.82 -30.99
C LEU C 283 -41.04 -34.67 -30.33
N GLU C 284 -40.77 -35.19 -29.14
CA GLU C 284 -41.77 -35.98 -28.43
C GLU C 284 -42.92 -35.09 -27.96
N ALA C 285 -42.61 -33.88 -27.51
CA ALA C 285 -43.65 -32.95 -27.06
C ALA C 285 -44.58 -32.56 -28.20
N VAL C 286 -44.05 -32.32 -29.39
CA VAL C 286 -44.90 -32.01 -30.53
C VAL C 286 -45.89 -33.15 -30.79
N ALA C 287 -45.39 -34.39 -30.75
CA ALA C 287 -46.28 -35.54 -30.98
C ALA C 287 -47.33 -35.62 -29.89
N LEU C 288 -46.94 -35.32 -28.66
CA LEU C 288 -47.88 -35.42 -27.54
C LEU C 288 -48.95 -34.33 -27.63
N ILE C 289 -48.58 -33.13 -28.06
CA ILE C 289 -49.56 -32.07 -28.27
C ILE C 289 -50.57 -32.50 -29.32
N GLY C 290 -50.08 -33.04 -30.44
CA GLY C 290 -50.97 -33.48 -31.50
C GLY C 290 -51.93 -34.57 -31.09
N ALA C 291 -51.60 -35.33 -30.04
CA ALA C 291 -52.41 -36.46 -29.62
C ALA C 291 -53.64 -36.06 -28.81
N GLU C 292 -53.81 -34.77 -28.50
CA GLU C 292 -54.91 -34.32 -27.65
C GLU C 292 -55.71 -33.23 -28.35
N ASP C 293 -56.92 -32.99 -27.84
CA ASP C 293 -57.78 -31.92 -28.29
C ASP C 293 -57.49 -30.66 -27.48
N TRP C 294 -57.33 -29.52 -28.17
CA TRP C 294 -57.02 -28.25 -27.54
C TRP C 294 -58.09 -27.18 -27.75
N THR C 295 -59.27 -27.55 -28.24
CA THR C 295 -60.31 -26.57 -28.59
C THR C 295 -60.58 -25.62 -27.42
N LYS C 296 -60.86 -26.17 -26.23
CA LYS C 296 -61.23 -25.36 -25.08
C LYS C 296 -60.06 -24.52 -24.57
N THR C 297 -58.86 -25.09 -24.50
CA THR C 297 -57.67 -24.35 -24.09
C THR C 297 -57.41 -23.15 -25.01
N ILE C 298 -57.54 -23.36 -26.32
CA ILE C 298 -57.29 -22.28 -27.26
C ILE C 298 -58.34 -21.20 -27.11
N GLU C 299 -59.60 -21.61 -26.97
CA GLU C 299 -60.65 -20.64 -26.73
C GLU C 299 -60.40 -19.86 -25.45
N ALA C 300 -59.91 -20.53 -24.41
CA ALA C 300 -59.59 -19.84 -23.17
C ALA C 300 -58.41 -18.90 -23.36
N ASN C 301 -57.42 -19.29 -24.16
CA ASN C 301 -56.32 -18.36 -24.46
C ASN C 301 -56.86 -17.08 -25.09
N LYS C 302 -57.81 -17.20 -26.04
CA LYS C 302 -58.31 -16.02 -26.73
C LYS C 302 -59.19 -15.20 -25.82
N ALA C 303 -59.95 -15.87 -24.96
CA ALA C 303 -60.86 -15.17 -24.05
C ALA C 303 -60.09 -14.39 -23.01
N LEU C 304 -58.91 -14.89 -22.61
CA LEU C 304 -58.09 -14.18 -21.62
C LEU C 304 -57.58 -12.86 -22.19
N VAL C 305 -57.21 -12.85 -23.46
CA VAL C 305 -56.80 -11.60 -24.09
C VAL C 305 -57.96 -10.60 -24.04
N MET C 306 -59.15 -11.02 -24.43
CA MET C 306 -60.27 -10.07 -24.50
C MET C 306 -60.64 -9.56 -23.11
N SER C 307 -60.61 -10.43 -22.10
CA SER C 307 -60.95 -9.99 -20.75
C SER C 307 -59.88 -9.08 -20.14
N SER C 308 -58.70 -8.98 -20.76
CA SER C 308 -57.65 -8.11 -20.27
C SER C 308 -57.67 -6.74 -20.95
N ARG C 309 -58.66 -6.48 -21.81
CA ARG C 309 -58.76 -5.19 -22.50
C ARG C 309 -59.43 -4.20 -21.57
N GLN C 310 -58.62 -3.39 -20.89
CA GLN C 310 -59.13 -2.40 -19.96
C GLN C 310 -60.05 -1.39 -20.67
N ASP C 311 -59.71 -1.01 -21.90
CA ASP C 311 -60.50 -0.01 -22.58
C ASP C 311 -61.89 -0.53 -22.95
N LEU C 312 -62.01 -1.83 -23.23
CA LEU C 312 -63.32 -2.40 -23.53
C LEU C 312 -64.14 -2.65 -22.27
N LEU C 313 -63.49 -3.03 -21.16
CA LEU C 313 -64.24 -3.31 -19.93
C LEU C 313 -64.76 -2.05 -19.28
N HIS C 314 -64.02 -0.94 -19.39
CA HIS C 314 -64.58 0.36 -19.04
C HIS C 314 -65.86 0.63 -19.82
N GLN C 315 -65.91 0.23 -21.08
CA GLN C 315 -67.08 0.57 -21.90
C GLN C 315 -68.28 -0.30 -21.56
N GLY C 316 -68.04 -1.58 -21.26
CA GLY C 316 -69.12 -2.50 -20.92
C GLY C 316 -69.91 -2.09 -19.70
N SER C 317 -69.37 -1.20 -18.87
CA SER C 317 -70.08 -0.72 -17.68
C SER C 317 -70.41 0.76 -17.75
N ASN C 318 -70.19 1.41 -18.90
CA ASN C 318 -70.40 2.85 -19.07
C ASN C 318 -69.63 3.64 -18.02
N ASP C 319 -68.36 3.28 -17.85
CA ASP C 319 -67.49 3.95 -16.88
C ASP C 319 -67.09 5.33 -17.41
N LYS C 320 -67.30 6.35 -16.59
CA LYS C 320 -66.90 7.73 -16.89
C LYS C 320 -67.39 8.19 -18.26
N LYS D 24 14.75 35.41 23.73
CA LYS D 24 15.83 35.42 22.76
C LYS D 24 16.34 34.01 22.51
N VAL D 25 15.49 33.03 22.79
CA VAL D 25 15.82 31.64 22.58
C VAL D 25 14.96 31.10 21.44
N LYS D 26 15.49 30.09 20.76
CA LYS D 26 14.78 29.46 19.66
C LYS D 26 15.23 28.01 19.65
N VAL D 27 14.28 27.09 19.72
CA VAL D 27 14.57 25.68 19.99
C VAL D 27 14.35 24.88 18.72
N GLY D 28 15.41 24.22 18.23
CA GLY D 28 15.23 23.20 17.22
C GLY D 28 14.87 21.88 17.85
N ILE D 29 14.07 21.09 17.14
CA ILE D 29 13.67 19.76 17.59
C ILE D 29 13.97 18.75 16.48
N ILE D 30 14.92 17.84 16.72
CA ILE D 30 15.25 16.82 15.74
C ILE D 30 14.62 15.52 16.18
N GLY D 31 13.83 14.91 15.31
CA GLY D 31 13.35 13.60 15.70
C GLY D 31 12.48 12.91 14.69
N GLY D 32 11.44 12.28 15.23
CA GLY D 32 10.36 11.65 14.51
C GLY D 32 9.19 11.47 15.47
N SER D 33 9.28 12.19 16.59
CA SER D 33 8.18 12.27 17.55
C SER D 33 6.99 13.04 16.99
N GLY D 34 7.23 13.95 16.04
CA GLY D 34 6.17 14.78 15.50
C GLY D 34 5.62 15.74 16.53
N PHE D 35 6.39 16.75 16.92
CA PHE D 35 5.98 17.73 17.94
C PHE D 35 4.86 18.62 17.44
N ASP D 36 3.98 18.09 16.58
CA ASP D 36 2.83 18.82 16.07
C ASP D 36 1.76 17.85 15.58
N LEU D 40 -0.73 22.23 20.85
CA LEU D 40 0.21 22.97 21.69
C LEU D 40 1.33 23.60 20.86
N PHE D 41 1.39 23.25 19.58
CA PHE D 41 2.40 23.77 18.66
C PHE D 41 1.66 24.58 17.59
N LYS D 42 1.90 25.88 17.57
CA LYS D 42 1.25 26.76 16.60
C LYS D 42 2.08 26.74 15.33
N LYS D 43 1.71 25.88 14.38
CA LYS D 43 2.43 25.78 13.13
C LYS D 43 2.20 27.01 12.28
N VAL D 44 3.28 27.52 11.68
CA VAL D 44 3.23 28.69 10.83
C VAL D 44 3.43 28.33 9.37
N GLY D 45 4.44 27.52 9.06
CA GLY D 45 4.72 27.21 7.69
C GLY D 45 5.89 26.25 7.54
N VAL D 46 6.12 25.85 6.30
CA VAL D 46 7.16 24.90 5.93
C VAL D 46 8.26 25.68 5.22
N ARG D 47 9.52 25.32 5.47
CA ARG D 47 10.67 26.06 4.95
C ARG D 47 11.75 25.15 4.40
N GLN D 48 12.25 25.46 3.20
CA GLN D 48 13.40 24.81 2.58
C GLN D 48 14.63 25.68 2.77
N VAL D 49 15.73 25.08 3.24
CA VAL D 49 17.00 25.81 3.35
C VAL D 49 18.12 24.99 2.72
N THR D 50 19.18 25.70 2.36
CA THR D 50 20.44 25.08 1.97
C THR D 50 21.50 25.45 2.99
N THR D 51 22.56 24.66 3.03
CA THR D 51 23.68 24.95 3.92
C THR D 51 24.99 24.75 3.15
N PRO D 52 26.14 25.18 3.71
CA PRO D 52 27.42 24.91 3.03
C PRO D 52 27.77 23.44 2.97
N PHE D 53 27.05 22.58 3.68
CA PHE D 53 27.34 21.16 3.73
C PHE D 53 26.27 20.33 3.01
N GLY D 54 25.43 20.96 2.21
CA GLY D 54 24.38 20.26 1.51
C GLY D 54 23.01 20.53 2.11
N LYS D 55 22.03 19.84 1.57
CA LYS D 55 20.63 19.98 1.99
C LYS D 55 20.39 19.21 3.28
N PRO D 56 19.56 19.75 4.19
CA PRO D 56 19.11 18.97 5.35
C PRO D 56 18.17 17.85 4.93
N SER D 57 17.82 17.01 5.92
CA SER D 57 17.05 15.80 5.63
C SER D 57 15.73 16.11 4.96
N ASP D 58 15.11 17.24 5.28
CA ASP D 58 13.82 17.57 4.70
C ASP D 58 13.59 19.07 4.87
N THR D 59 12.44 19.54 4.36
CA THR D 59 11.97 20.85 4.79
C THR D 59 11.73 20.87 6.29
N LEU D 60 11.64 22.07 6.84
CA LEU D 60 11.50 22.29 8.27
C LEU D 60 10.14 22.91 8.58
N VAL D 61 9.56 22.53 9.71
CA VAL D 61 8.29 23.09 10.17
C VAL D 61 8.60 24.16 11.19
N GLU D 62 8.25 25.41 10.87
CA GLU D 62 8.42 26.54 11.77
C GLU D 62 7.12 26.81 12.54
N GLY D 63 7.27 27.13 13.82
CA GLY D 63 6.11 27.47 14.63
C GLY D 63 6.49 28.06 15.97
N PHE D 64 5.54 28.04 16.90
CA PHE D 64 5.70 28.61 18.22
C PHE D 64 5.09 27.69 19.27
N VAL D 65 5.80 27.55 20.40
CA VAL D 65 5.26 26.97 21.62
C VAL D 65 5.11 28.13 22.60
N GLY D 66 3.90 28.65 22.74
CA GLY D 66 3.72 29.86 23.50
C GLY D 66 4.38 31.03 22.80
N ASP D 67 5.32 31.71 23.46
CA ASP D 67 6.06 32.80 22.87
C ASP D 67 7.44 32.39 22.35
N VAL D 68 7.72 31.09 22.29
CA VAL D 68 9.06 30.58 21.96
C VAL D 68 9.05 30.02 20.55
N ALA D 69 9.91 30.55 19.68
CA ALA D 69 10.03 30.02 18.33
C ALA D 69 10.61 28.61 18.35
N CYS D 70 10.04 27.73 17.50
CA CYS D 70 10.47 26.34 17.38
C CYS D 70 10.59 25.96 15.92
N VAL D 71 11.56 25.08 15.63
CA VAL D 71 11.74 24.51 14.31
C VAL D 71 11.86 23.00 14.46
N VAL D 72 11.07 22.25 13.69
CA VAL D 72 11.02 20.80 13.75
C VAL D 72 11.61 20.20 12.48
N LEU D 73 12.49 19.23 12.65
CA LEU D 73 13.20 18.63 11.54
C LEU D 73 13.23 17.10 11.70
N PRO D 74 12.57 16.35 10.81
CA PRO D 74 12.68 14.88 10.88
C PRO D 74 14.04 14.42 10.39
N ARG D 75 14.73 13.69 11.25
CA ARG D 75 16.11 13.27 10.96
C ARG D 75 16.18 12.43 9.68
N HIS D 76 15.21 11.54 9.48
CA HIS D 76 15.30 10.58 8.38
C HIS D 76 14.51 11.00 7.14
N GLY D 77 13.99 12.21 7.10
CA GLY D 77 13.08 12.58 6.03
C GLY D 77 11.68 12.08 6.31
N LYS D 78 10.71 12.67 5.59
CA LYS D 78 9.31 12.39 5.89
C LYS D 78 8.95 10.94 5.63
N GLY D 79 9.47 10.36 4.55
CA GLY D 79 9.24 8.96 4.23
C GLY D 79 10.20 7.99 4.91
N HIS D 80 11.05 8.47 5.80
CA HIS D 80 12.08 7.67 6.46
C HIS D 80 12.91 6.90 5.43
N LEU D 81 13.37 7.61 4.39
CA LEU D 81 14.19 7.03 3.33
C LEU D 81 15.69 7.19 3.54
N ILE D 82 16.12 7.94 4.56
CA ILE D 82 17.54 8.20 4.77
C ILE D 82 17.99 7.38 5.97
N PRO D 83 18.93 6.44 5.80
CA PRO D 83 19.36 5.61 6.93
C PRO D 83 20.27 6.40 7.86
N PRO D 84 20.46 5.94 9.11
CA PRO D 84 21.33 6.66 10.05
C PRO D 84 22.71 7.03 9.54
N SER D 85 23.39 6.15 8.81
CA SER D 85 24.75 6.47 8.39
C SER D 85 24.79 7.50 7.28
N GLU D 86 23.69 7.74 6.60
CA GLU D 86 23.65 8.67 5.48
C GLU D 86 22.99 9.99 5.80
N VAL D 87 22.40 10.14 7.00
CA VAL D 87 21.83 11.42 7.40
C VAL D 87 22.90 12.50 7.34
N ASN D 88 22.56 13.66 6.75
CA ASN D 88 23.52 14.76 6.67
C ASN D 88 23.43 15.56 7.96
N TYR D 89 24.13 15.05 8.99
CA TYR D 89 24.06 15.65 10.31
C TYR D 89 24.61 17.06 10.28
N ARG D 90 25.68 17.28 9.50
CA ARG D 90 26.26 18.60 9.40
C ARG D 90 25.23 19.60 8.89
N ALA D 91 24.51 19.24 7.83
CA ALA D 91 23.53 20.15 7.25
C ALA D 91 22.38 20.40 8.21
N ASN D 92 21.90 19.34 8.87
CA ASN D 92 20.78 19.49 9.80
C ASN D 92 21.13 20.44 10.93
N VAL D 93 22.31 20.26 11.53
CA VAL D 93 22.69 21.11 12.63
C VAL D 93 22.97 22.51 12.15
N TRP D 94 23.69 22.65 11.03
CA TRP D 94 24.00 23.98 10.53
C TRP D 94 22.72 24.70 10.12
N ALA D 95 21.77 23.99 9.50
CA ALA D 95 20.51 24.63 9.13
C ALA D 95 19.83 25.24 10.34
N LEU D 96 19.84 24.54 11.48
CA LEU D 96 19.17 25.07 12.67
C LEU D 96 19.94 26.25 13.25
N LYS D 97 21.27 26.16 13.25
CA LYS D 97 22.10 27.30 13.63
C LYS D 97 21.76 28.51 12.75
N ASP D 98 21.65 28.28 11.44
CA ASP D 98 21.40 29.40 10.52
C ASP D 98 20.01 29.99 10.72
N LEU D 99 19.06 29.20 11.21
CA LEU D 99 17.73 29.75 11.51
C LEU D 99 17.69 30.47 12.84
N GLY D 100 18.81 30.54 13.56
CA GLY D 100 18.85 31.28 14.80
C GLY D 100 18.62 30.45 16.04
N CYS D 101 18.57 29.14 15.91
CA CYS D 101 18.37 28.27 17.07
C CYS D 101 19.51 28.43 18.07
N THR D 102 19.13 28.51 19.34
CA THR D 102 20.09 28.47 20.43
C THR D 102 20.17 27.08 21.08
N HIS D 103 19.16 26.25 20.87
CA HIS D 103 19.06 24.94 21.52
C HIS D 103 18.59 23.91 20.51
N ILE D 104 19.02 22.67 20.68
CA ILE D 104 18.44 21.53 19.98
C ILE D 104 17.98 20.50 21.00
N LEU D 105 16.72 20.11 20.93
CA LEU D 105 16.23 18.92 21.61
C LEU D 105 16.05 17.82 20.57
N ALA D 106 16.52 16.62 20.90
CA ALA D 106 16.57 15.52 19.95
C ALA D 106 15.98 14.28 20.60
N THR D 107 15.31 13.46 19.81
CA THR D 107 14.80 12.17 20.25
C THR D 107 15.39 11.07 19.37
N THR D 108 15.36 9.84 19.89
CA THR D 108 15.80 8.68 19.11
C THR D 108 15.17 7.46 19.75
N ALA D 109 14.79 6.49 18.93
CA ALA D 109 14.45 5.20 19.51
C ALA D 109 15.75 4.50 19.89
N CYS D 110 15.65 3.54 20.80
CA CYS D 110 16.86 2.86 21.26
C CYS D 110 16.51 1.51 21.87
N GLY D 111 17.52 0.65 21.98
CA GLY D 111 17.42 -0.61 22.69
C GLY D 111 18.09 -0.55 24.04
N SER D 112 17.43 -1.14 25.05
CA SER D 112 17.99 -1.22 26.38
C SER D 112 18.98 -2.38 26.50
N LEU D 113 20.11 -2.10 27.13
CA LEU D 113 21.07 -3.12 27.51
C LEU D 113 20.98 -3.48 28.98
N GLN D 114 20.02 -2.92 29.73
CA GLN D 114 20.03 -3.08 31.18
C GLN D 114 18.63 -3.40 31.69
N GLU D 115 18.57 -4.16 32.79
CA GLU D 115 17.31 -4.71 33.32
C GLU D 115 16.27 -3.63 33.64
N ASP D 116 16.70 -2.49 34.17
CA ASP D 116 15.75 -1.51 34.69
C ASP D 116 15.33 -0.47 33.66
N LEU D 117 15.91 -0.51 32.46
CA LEU D 117 15.48 0.31 31.34
C LEU D 117 14.60 -0.58 30.46
N VAL D 118 13.30 -0.32 30.45
CA VAL D 118 12.37 -1.24 29.82
C VAL D 118 11.58 -0.48 28.76
N PRO D 119 11.05 -1.18 27.76
CA PRO D 119 10.29 -0.52 26.70
C PRO D 119 9.21 0.36 27.30
N GLY D 120 9.07 1.57 26.76
CA GLY D 120 8.18 2.58 27.31
C GLY D 120 8.88 3.61 28.19
N ASP D 121 10.08 3.30 28.66
CA ASP D 121 10.90 4.24 29.42
C ASP D 121 11.57 5.22 28.47
N PHE D 122 12.08 6.30 29.04
CA PHE D 122 12.88 7.29 28.33
C PHE D 122 14.18 7.47 29.09
N VAL D 123 15.22 7.94 28.38
CA VAL D 123 16.52 8.21 29.00
C VAL D 123 16.97 9.60 28.57
N VAL D 124 17.22 10.49 29.53
CA VAL D 124 17.89 11.76 29.27
C VAL D 124 19.40 11.48 29.35
N LEU D 125 20.00 11.25 28.19
CA LEU D 125 21.37 10.76 28.10
C LEU D 125 22.36 11.78 28.64
N ASN D 126 23.42 11.30 29.29
CA ASN D 126 24.52 12.19 29.63
C ASN D 126 25.87 11.71 29.10
N GLN D 127 25.93 10.55 28.45
CA GLN D 127 27.23 9.98 28.03
C GLN D 127 27.03 9.15 26.78
N PHE D 128 28.13 8.90 26.05
CA PHE D 128 28.05 7.98 24.91
C PHE D 128 29.39 7.33 24.65
N MET D 129 29.34 6.22 23.92
CA MET D 129 30.52 5.59 23.34
C MET D 129 30.29 5.45 21.84
N ASP D 130 31.26 5.92 21.05
CA ASP D 130 31.08 6.09 19.61
C ASP D 130 31.56 4.85 18.86
N LYS D 131 30.66 4.18 18.13
CA LYS D 131 31.08 3.13 17.22
C LYS D 131 30.64 3.40 15.78
N THR D 132 30.41 4.66 15.42
CA THR D 132 30.07 5.01 14.05
C THR D 132 31.34 5.24 13.24
N TRP D 133 31.18 5.20 11.91
CA TRP D 133 32.29 5.43 11.00
C TRP D 133 31.71 5.96 9.70
N GLY D 134 32.55 6.62 8.92
CA GLY D 134 32.13 7.03 7.59
C GLY D 134 31.12 8.14 7.54
N ARG D 135 30.86 8.80 8.66
CA ARG D 135 29.96 9.95 8.73
C ARG D 135 30.79 11.21 8.87
N GLU D 136 30.33 12.31 8.23
CA GLU D 136 30.98 13.61 8.42
C GLU D 136 30.72 14.06 9.85
N ASN D 137 31.77 14.12 10.68
CA ASN D 137 31.52 14.34 12.11
C ASN D 137 32.09 15.65 12.62
N THR D 138 32.53 16.54 11.73
CA THR D 138 33.08 17.83 12.11
C THR D 138 32.87 18.82 10.96
N PHE D 139 32.64 20.10 11.31
CA PHE D 139 32.52 21.12 10.30
C PHE D 139 33.86 21.60 9.76
N TYR D 140 34.97 21.28 10.44
CA TYR D 140 36.27 21.87 10.18
C TYR D 140 37.26 20.87 9.58
N GLY D 141 38.22 21.37 8.81
CA GLY D 141 39.26 20.49 8.28
C GLY D 141 40.09 21.20 7.24
N SER D 142 40.74 20.40 6.40
CA SER D 142 41.57 20.92 5.32
C SER D 142 41.00 20.62 3.94
N LYS D 143 39.91 19.87 3.86
CA LYS D 143 39.27 19.59 2.58
C LYS D 143 38.45 20.80 2.14
N PRO D 144 38.20 20.94 0.83
CA PRO D 144 37.43 22.10 0.36
C PRO D 144 35.98 22.14 0.82
N ASP D 145 35.40 21.02 1.24
CA ASP D 145 34.00 21.00 1.65
C ASP D 145 33.81 21.23 3.14
N SER D 146 34.82 21.77 3.83
CA SER D 146 34.75 22.02 5.26
C SER D 146 35.31 23.39 5.56
N LEU D 147 35.04 23.89 6.77
CA LEU D 147 35.60 25.15 7.20
C LEU D 147 37.08 24.99 7.53
N LYS D 148 37.88 25.96 7.07
CA LYS D 148 39.31 25.93 7.35
C LYS D 148 39.55 26.05 8.85
N GLY D 149 40.39 25.17 9.39
CA GLY D 149 40.69 25.14 10.81
C GLY D 149 40.74 23.72 11.33
N VAL D 150 41.38 23.56 12.49
CA VAL D 150 41.47 22.28 13.20
C VAL D 150 40.82 22.48 14.55
N LEU D 151 39.66 21.84 14.77
CA LEU D 151 38.87 22.06 15.97
C LEU D 151 38.87 20.78 16.81
N HIS D 152 39.37 20.88 18.04
CA HIS D 152 39.46 19.75 18.97
C HIS D 152 38.59 20.08 20.17
N MET D 153 37.33 19.71 20.10
CA MET D 153 36.36 20.05 21.14
C MET D 153 36.48 19.11 22.34
N PRO D 154 36.49 19.64 23.56
CA PRO D 154 36.30 18.77 24.73
C PRO D 154 34.91 18.16 24.70
N MET D 155 34.82 16.88 25.14
CA MET D 155 33.55 16.14 25.11
C MET D 155 33.36 15.28 26.36
N ALA D 156 34.10 15.57 27.43
CA ALA D 156 34.02 14.75 28.65
C ALA D 156 32.58 14.53 29.08
N GLU D 157 31.80 15.63 29.18
CA GLU D 157 30.37 15.60 29.42
C GLU D 157 29.71 16.25 28.22
N PRO D 158 29.28 15.46 27.23
CA PRO D 158 29.07 16.01 25.89
C PRO D 158 27.76 16.75 25.67
N PHE D 159 26.85 16.76 26.64
CA PHE D 159 25.55 17.42 26.47
C PHE D 159 25.57 18.77 27.20
N CYS D 160 24.55 19.59 26.92
CA CYS D 160 24.33 20.79 27.74
C CYS D 160 23.57 20.40 29.00
N GLU D 161 24.24 20.50 30.16
CA GLU D 161 23.66 20.01 31.40
C GLU D 161 22.41 20.78 31.80
N ARG D 162 22.41 22.11 31.66
CA ARG D 162 21.21 22.90 31.91
C ARG D 162 20.04 22.40 31.09
N THR D 163 20.29 22.09 29.81
CA THR D 163 19.22 21.63 28.95
C THR D 163 18.77 20.22 29.34
N ARG D 164 19.71 19.35 29.75
CA ARG D 164 19.33 18.04 30.27
C ARG D 164 18.37 18.18 31.45
N GLN D 165 18.68 19.08 32.37
CA GLN D 165 17.85 19.22 33.58
C GLN D 165 16.47 19.78 33.23
N ILE D 166 16.36 20.57 32.16
CA ILE D 166 15.06 21.07 31.74
C ILE D 166 14.19 19.94 31.18
N LEU D 167 14.78 19.02 30.40
CA LEU D 167 14.03 17.84 29.96
C LEU D 167 13.53 17.04 31.14
N ILE D 168 14.36 16.90 32.19
CA ILE D 168 13.97 16.11 33.35
C ILE D 168 12.86 16.82 34.12
N GLN D 169 13.03 18.13 34.33
CA GLN D 169 11.98 18.92 34.98
C GLN D 169 10.69 18.90 34.17
N ALA D 170 10.78 18.93 32.84
CA ALA D 170 9.58 18.89 32.03
C ALA D 170 8.82 17.58 32.23
N ALA D 171 9.56 16.48 32.43
CA ALA D 171 8.89 15.21 32.74
C ALA D 171 8.17 15.29 34.08
N ARG D 172 8.80 15.89 35.10
CA ARG D 172 8.13 16.05 36.38
CA ARG D 172 8.12 16.03 36.38
C ARG D 172 6.86 16.87 36.24
N ASN D 173 6.94 17.96 35.46
CA ASN D 173 5.80 18.84 35.27
C ASN D 173 4.64 18.14 34.60
N LYS D 174 4.93 17.14 33.76
CA LYS D 174 3.88 16.38 33.09
C LYS D 174 3.50 15.11 33.85
N SER D 175 3.85 15.02 35.14
CA SER D 175 3.50 13.87 35.98
C SER D 175 4.06 12.56 35.44
N ILE D 176 5.26 12.58 34.87
CA ILE D 176 5.92 11.38 34.40
C ILE D 176 7.00 11.03 35.42
N ASN D 177 7.01 9.77 35.88
CA ASN D 177 7.98 9.36 36.90
C ASN D 177 9.39 9.60 36.40
N VAL D 178 10.24 10.10 37.30
CA VAL D 178 11.66 10.27 37.03
C VAL D 178 12.43 9.34 37.96
N TYR D 179 13.34 8.54 37.40
CA TYR D 179 14.17 7.63 38.16
C TYR D 179 15.63 8.03 38.01
N ASP D 180 16.27 8.35 39.13
CA ASP D 180 17.67 8.79 39.16
C ASP D 180 18.45 7.77 40.00
N LYS D 181 19.16 6.85 39.34
CA LYS D 181 19.81 5.76 40.07
C LYS D 181 20.92 6.23 41.00
N LYS D 182 21.29 7.51 40.96
CA LYS D 182 22.27 8.03 41.90
C LYS D 182 21.67 8.28 43.27
N THR D 183 20.38 8.62 43.34
CA THR D 183 19.73 9.00 44.59
C THR D 183 18.53 8.13 44.94
N MET D 184 18.19 7.15 44.11
CA MET D 184 17.08 6.25 44.37
C MET D 184 17.56 4.82 44.23
N ASP D 185 16.98 3.92 45.02
CA ASP D 185 17.28 2.50 44.89
C ASP D 185 16.44 1.89 43.79
N LYS D 186 16.94 0.79 43.20
CA LYS D 186 16.23 0.16 42.08
C LYS D 186 14.86 -0.36 42.48
N SER D 187 14.59 -0.52 43.78
CA SER D 187 13.25 -0.89 44.19
C SER D 187 12.25 0.25 44.02
N ALA D 188 12.72 1.48 43.85
CA ALA D 188 11.86 2.63 43.65
C ALA D 188 11.80 3.09 42.19
N CYS D 189 12.15 2.19 41.26
CA CYS D 189 12.02 2.45 39.83
C CYS D 189 10.62 2.04 39.40
N ILE D 190 9.80 3.02 39.01
CA ILE D 190 8.39 2.85 38.68
C ILE D 190 8.22 3.19 37.21
N HIS D 191 7.75 2.24 36.42
CA HIS D 191 7.58 2.45 34.99
C HIS D 191 6.20 2.96 34.62
N PRO D 192 6.10 3.67 33.49
CA PRO D 192 7.16 4.14 32.61
C PRO D 192 7.86 5.33 33.25
N CYS D 193 9.20 5.41 33.16
CA CYS D 193 9.89 6.49 33.82
C CYS D 193 10.94 7.08 32.88
N VAL D 194 11.26 8.34 33.16
CA VAL D 194 12.41 9.00 32.54
C VAL D 194 13.62 8.70 33.41
N HIS D 195 14.62 8.02 32.85
CA HIS D 195 15.88 7.82 33.56
C HIS D 195 16.72 9.09 33.50
N ALA D 196 17.16 9.56 34.68
CA ALA D 196 17.80 10.87 34.82
C ALA D 196 19.22 10.91 34.27
N GLU D 197 19.82 9.77 33.95
CA GLU D 197 21.12 9.74 33.30
C GLU D 197 21.20 8.45 32.50
N GLY D 198 22.25 8.32 31.68
CA GLY D 198 22.44 7.10 30.91
C GLY D 198 23.47 7.25 29.82
N SER D 199 24.10 6.15 29.40
CA SER D 199 25.09 6.16 28.32
C SER D 199 24.57 5.36 27.12
N ALA D 200 24.80 5.88 25.92
CA ALA D 200 24.43 5.21 24.68
C ALA D 200 25.68 4.76 23.93
N VAL D 201 25.70 3.52 23.46
CA VAL D 201 26.61 3.15 22.39
C VAL D 201 25.90 3.42 21.07
N THR D 202 26.55 4.15 20.19
CA THR D 202 25.97 4.49 18.89
C THR D 202 26.66 3.62 17.84
N ILE D 203 25.91 2.70 17.25
CA ILE D 203 26.42 1.83 16.21
C ILE D 203 26.05 2.42 14.85
N ASN D 204 26.75 1.97 13.82
CA ASN D 204 26.61 2.63 12.52
C ASN D 204 25.35 2.20 11.81
N GLY D 205 24.87 0.98 12.07
CA GLY D 205 23.74 0.45 11.32
C GLY D 205 24.18 0.12 9.92
N PRO D 206 23.23 -0.22 9.03
CA PRO D 206 21.78 -0.24 9.31
C PRO D 206 21.33 -1.46 10.12
N ARG D 207 22.16 -2.50 10.16
CA ARG D 207 21.72 -3.72 10.82
C ARG D 207 21.66 -3.51 12.32
N PHE D 208 20.77 -4.23 12.97
CA PHE D 208 20.84 -4.33 14.43
C PHE D 208 22.03 -5.20 14.84
N SER D 209 22.32 -5.22 16.15
CA SER D 209 23.47 -5.92 16.70
C SER D 209 23.29 -7.45 16.72
N THR D 210 24.41 -8.16 16.72
CA THR D 210 24.39 -9.58 17.06
C THR D 210 24.26 -9.75 18.56
N ARG D 211 23.81 -10.93 18.99
CA ARG D 211 23.84 -11.26 20.43
C ARG D 211 25.24 -11.05 21.00
N CYS D 212 26.27 -11.46 20.26
CA CYS D 212 27.62 -11.32 20.75
C CYS D 212 27.97 -9.86 21.00
N GLU D 213 27.60 -8.97 20.07
CA GLU D 213 27.84 -7.53 20.25
C GLU D 213 27.02 -6.97 21.40
N SER D 214 25.75 -7.37 21.49
CA SER D 214 24.86 -6.87 22.55
C SER D 214 25.44 -7.18 23.92
N PHE D 215 25.86 -8.43 24.14
CA PHE D 215 26.46 -8.79 25.44
C PHE D 215 27.77 -8.06 25.70
N ILE D 216 28.56 -7.82 24.65
CA ILE D 216 29.82 -7.09 24.87
C ILE D 216 29.54 -5.64 25.28
N HIS D 217 28.56 -5.00 24.62
CA HIS D 217 28.19 -3.63 24.99
C HIS D 217 27.65 -3.59 26.41
N LYS D 218 26.82 -4.57 26.76
CA LYS D 218 26.29 -4.66 28.13
C LYS D 218 27.42 -4.82 29.15
N ALA D 219 28.41 -5.65 28.83
CA ALA D 219 29.51 -5.88 29.77
C ALA D 219 30.37 -4.64 29.95
N MET D 220 30.43 -3.77 28.96
CA MET D 220 31.10 -2.48 29.09
C MET D 220 30.32 -1.51 29.97
N GLY D 221 29.09 -1.86 30.38
CA GLY D 221 28.31 -1.03 31.27
C GLY D 221 27.47 0.02 30.58
N LEU D 222 27.30 -0.07 29.25
CA LEU D 222 26.47 0.87 28.51
C LEU D 222 24.98 0.59 28.79
N ASP D 223 24.18 1.66 28.77
CA ASP D 223 22.76 1.51 29.12
C ASP D 223 21.89 1.20 27.93
N ILE D 224 22.10 1.89 26.80
CA ILE D 224 21.27 1.76 25.61
C ILE D 224 22.14 1.73 24.35
N VAL D 225 21.54 1.23 23.28
CA VAL D 225 22.14 1.20 21.95
C VAL D 225 21.22 1.95 20.99
N ASN D 226 21.81 2.76 20.12
CA ASN D 226 21.06 3.48 19.09
C ASN D 226 22.00 3.69 17.89
N MET D 227 21.51 4.44 16.90
CA MET D 227 22.27 4.64 15.66
C MET D 227 22.50 6.09 15.25
N THR D 228 21.90 7.07 15.94
CA THR D 228 21.85 8.43 15.39
C THR D 228 22.37 9.53 16.32
N LEU D 229 22.76 9.21 17.56
CA LEU D 229 23.18 10.24 18.49
C LEU D 229 24.46 10.94 18.03
N VAL D 230 25.39 10.18 17.47
CA VAL D 230 26.71 10.67 17.03
C VAL D 230 26.69 10.58 15.52
N PRO D 231 27.15 11.64 14.80
CA PRO D 231 27.83 12.84 15.31
C PRO D 231 26.92 14.04 15.61
N GLU D 232 25.62 13.81 15.64
CA GLU D 232 24.69 14.91 15.89
C GLU D 232 25.05 15.71 17.15
N VAL D 233 25.31 15.01 18.26
CA VAL D 233 25.63 15.69 19.52
C VAL D 233 26.94 16.45 19.40
N SER D 234 27.92 15.89 18.69
CA SER D 234 29.21 16.55 18.54
C SER D 234 29.11 17.80 17.70
N LEU D 235 28.34 17.74 16.61
CA LEU D 235 28.16 18.88 15.74
C LEU D 235 27.39 20.00 16.42
N ALA D 236 26.41 19.66 17.27
CA ALA D 236 25.71 20.70 18.02
C ALA D 236 26.67 21.50 18.88
N ARG D 237 27.58 20.82 19.59
CA ARG D 237 28.56 21.56 20.38
C ARG D 237 29.50 22.39 19.49
N GLU D 238 29.96 21.82 18.37
CA GLU D 238 30.81 22.57 17.43
C GLU D 238 30.13 23.84 16.92
N ALA D 239 28.80 23.80 16.80
CA ALA D 239 28.01 24.93 16.33
C ALA D 239 27.67 25.90 17.45
N GLY D 240 28.15 25.64 18.67
CA GLY D 240 27.84 26.57 19.75
C GLY D 240 26.40 26.50 20.22
N LEU D 241 25.73 25.37 20.01
CA LEU D 241 24.34 25.18 20.42
C LEU D 241 24.26 24.27 21.63
N SER D 242 23.26 24.52 22.47
CA SER D 242 22.95 23.66 23.61
C SER D 242 22.09 22.50 23.15
N TYR D 243 22.58 21.28 23.37
CA TYR D 243 21.95 20.06 22.86
C TYR D 243 21.64 19.10 23.99
N ALA D 244 20.44 18.53 23.98
CA ALA D 244 20.10 17.44 24.88
C ALA D 244 19.26 16.42 24.12
N SER D 245 19.43 15.15 24.47
CA SER D 245 18.75 14.02 23.82
C SER D 245 17.83 13.31 24.81
N ILE D 246 16.63 12.95 24.37
CA ILE D 246 15.79 12.05 25.14
C ILE D 246 15.53 10.81 24.29
N ALA D 247 16.01 9.67 24.75
CA ALA D 247 15.91 8.43 23.98
C ALA D 247 14.68 7.66 24.46
N ILE D 248 13.98 7.06 23.49
CA ILE D 248 12.77 6.28 23.76
C ILE D 248 13.15 4.81 23.71
N VAL D 249 13.05 4.12 24.85
CA VAL D 249 13.39 2.70 24.91
C VAL D 249 12.30 1.92 24.19
N THR D 250 12.62 1.28 23.07
CA THR D 250 11.59 0.52 22.36
C THR D 250 11.75 -0.99 22.47
N ASP D 251 12.87 -1.50 22.99
CA ASP D 251 13.15 -2.93 22.97
C ASP D 251 14.34 -3.20 23.88
N PHE D 252 14.61 -4.49 24.10
CA PHE D 252 15.77 -4.94 24.89
C PHE D 252 16.93 -5.40 24.01
N ASP D 253 17.14 -4.77 22.84
CA ASP D 253 18.18 -5.20 21.90
C ASP D 253 18.04 -6.71 21.67
N CYS D 254 19.08 -7.53 21.90
CA CYS D 254 18.83 -8.97 21.74
C CYS D 254 19.58 -9.81 22.76
N TRP D 255 19.82 -9.28 23.95
CA TRP D 255 20.48 -10.05 25.00
C TRP D 255 19.50 -10.87 25.85
N LYS D 256 18.19 -10.74 25.63
CA LYS D 256 17.20 -11.57 26.33
C LYS D 256 16.67 -12.72 25.48
N SER D 257 15.41 -13.11 25.68
CA SER D 257 14.86 -14.29 25.01
C SER D 257 14.46 -13.96 23.56
N GLU D 258 14.30 -15.02 22.77
CA GLU D 258 14.15 -14.85 21.32
C GLU D 258 12.95 -13.97 20.97
N GLU D 259 11.82 -14.15 21.68
CA GLU D 259 10.65 -13.34 21.39
C GLU D 259 10.89 -11.86 21.71
N GLU D 260 11.92 -11.55 22.48
CA GLU D 260 12.25 -10.18 22.83
C GLU D 260 13.36 -9.60 21.95
N HIS D 261 13.79 -10.28 20.89
CA HIS D 261 14.89 -9.75 20.09
C HIS D 261 14.39 -8.67 19.14
N VAL D 262 15.14 -7.57 19.09
CA VAL D 262 14.69 -6.38 18.36
C VAL D 262 14.46 -6.68 16.89
N CYS D 263 13.44 -6.02 16.32
CA CYS D 263 13.18 -5.95 14.89
C CYS D 263 12.34 -4.70 14.66
N VAL D 264 12.19 -4.31 13.38
CA VAL D 264 11.54 -3.04 13.06
C VAL D 264 10.10 -2.99 13.59
N ASP D 265 9.34 -4.06 13.42
CA ASP D 265 7.95 -4.06 13.89
C ASP D 265 7.89 -3.83 15.40
N MET D 266 8.81 -4.46 16.14
CA MET D 266 8.84 -4.30 17.60
C MET D 266 9.14 -2.85 17.98
N VAL D 267 10.12 -2.24 17.30
CA VAL D 267 10.49 -0.85 17.56
C VAL D 267 9.30 0.07 17.32
N LEU D 268 8.67 -0.09 16.16
CA LEU D 268 7.54 0.76 15.81
C LEU D 268 6.38 0.61 16.77
N GLU D 269 6.07 -0.63 17.17
CA GLU D 269 4.93 -0.85 18.07
C GLU D 269 5.10 -0.12 19.40
N GLN D 270 6.30 -0.19 19.99
CA GLN D 270 6.51 0.55 21.25
C GLN D 270 6.63 2.04 20.99
N PHE D 271 7.29 2.44 19.91
CA PHE D 271 7.44 3.86 19.60
C PHE D 271 6.08 4.55 19.55
N ARG D 272 5.11 3.89 18.94
CA ARG D 272 3.78 4.50 18.83
C ARG D 272 3.13 4.67 20.19
N LYS D 273 3.38 3.74 21.13
CA LYS D 273 2.75 3.87 22.44
C LYS D 273 3.35 5.00 23.27
N SER D 274 4.64 5.28 23.08
CA SER D 274 5.42 6.21 23.89
C SER D 274 5.52 7.62 23.31
N VAL D 275 5.24 7.80 22.02
CA VAL D 275 5.51 9.08 21.36
C VAL D 275 4.67 10.21 21.97
N VAL D 276 3.48 9.90 22.46
CA VAL D 276 2.63 10.94 23.05
C VAL D 276 3.30 11.52 24.30
N HIS D 277 3.86 10.66 25.15
CA HIS D 277 4.61 11.15 26.30
C HIS D 277 5.82 11.99 25.86
N VAL D 278 6.52 11.54 24.81
CA VAL D 278 7.68 12.28 24.30
C VAL D 278 7.29 13.70 23.90
N ARG D 279 6.20 13.83 23.14
CA ARG D 279 5.75 15.14 22.69
C ARG D 279 5.50 16.09 23.86
N GLU D 280 4.81 15.63 24.89
CA GLU D 280 4.50 16.56 25.97
C GLU D 280 5.75 16.94 26.76
N ILE D 281 6.71 16.04 26.88
CA ILE D 281 8.01 16.41 27.47
C ILE D 281 8.69 17.49 26.63
N LEU D 282 8.75 17.27 25.31
CA LEU D 282 9.41 18.24 24.44
C LEU D 282 8.69 19.58 24.45
N LEU D 283 7.36 19.58 24.41
CA LEU D 283 6.63 20.85 24.38
C LEU D 283 6.74 21.59 25.71
N GLU D 284 6.76 20.86 26.82
CA GLU D 284 6.98 21.50 28.11
C GLU D 284 8.39 22.07 28.20
N ALA D 285 9.39 21.31 27.73
CA ALA D 285 10.78 21.75 27.80
C ALA D 285 11.00 23.04 27.02
N VAL D 286 10.42 23.17 25.82
CA VAL D 286 10.55 24.40 25.05
C VAL D 286 10.09 25.59 25.88
N ALA D 287 8.92 25.49 26.52
CA ALA D 287 8.44 26.57 27.35
C ALA D 287 9.39 26.84 28.50
N LEU D 288 9.93 25.78 29.12
CA LEU D 288 10.86 25.95 30.22
C LEU D 288 12.17 26.62 29.79
N ILE D 289 12.62 26.34 28.56
CA ILE D 289 13.82 27.02 28.06
C ILE D 289 13.57 28.52 27.91
N GLY D 290 12.40 28.88 27.38
CA GLY D 290 12.08 30.29 27.20
C GLY D 290 11.91 31.06 28.50
N ALA D 291 11.62 30.36 29.60
CA ALA D 291 11.40 31.02 30.88
C ALA D 291 12.69 31.40 31.59
N GLU D 292 13.87 31.19 30.99
CA GLU D 292 15.13 31.48 31.65
C GLU D 292 16.02 32.31 30.74
N ASP D 293 17.00 32.96 31.35
CA ASP D 293 18.01 33.72 30.62
C ASP D 293 19.17 32.79 30.28
N TRP D 294 19.63 32.83 29.03
CA TRP D 294 20.70 31.96 28.57
C TRP D 294 21.92 32.72 28.06
N THR D 295 22.05 34.00 28.46
CA THR D 295 23.08 34.84 27.87
C THR D 295 24.48 34.29 28.15
N LYS D 296 24.76 33.99 29.42
CA LYS D 296 26.09 33.50 29.77
C LYS D 296 26.34 32.10 29.21
N THR D 297 25.31 31.25 29.19
CA THR D 297 25.50 29.90 28.67
C THR D 297 25.77 29.93 27.17
N ILE D 298 25.10 30.83 26.45
CA ILE D 298 25.36 30.97 25.03
C ILE D 298 26.75 31.53 24.79
N GLU D 299 27.14 32.55 25.55
CA GLU D 299 28.50 33.09 25.46
C GLU D 299 29.53 31.99 25.70
N ALA D 300 29.29 31.13 26.69
CA ALA D 300 30.25 30.07 26.99
C ALA D 300 30.27 29.01 25.89
N ASN D 301 29.11 28.70 25.30
CA ASN D 301 29.09 27.76 24.18
C ASN D 301 29.98 28.27 23.05
N LYS D 302 29.86 29.55 22.71
CA LYS D 302 30.67 30.11 21.64
C LYS D 302 32.14 30.17 22.02
N ALA D 303 32.43 30.53 23.27
CA ALA D 303 33.83 30.64 23.68
C ALA D 303 34.53 29.29 23.61
N LEU D 304 33.81 28.21 23.94
CA LEU D 304 34.41 26.89 23.94
C LEU D 304 34.85 26.49 22.53
N VAL D 305 34.03 26.85 21.53
CA VAL D 305 34.41 26.63 20.15
C VAL D 305 35.69 27.37 19.82
N MET D 306 35.74 28.66 20.18
CA MET D 306 36.92 29.47 19.86
C MET D 306 38.18 28.89 20.50
N SER D 307 38.09 28.47 21.75
CA SER D 307 39.27 28.02 22.48
C SER D 307 39.70 26.61 22.08
N SER D 308 38.91 25.92 21.25
CA SER D 308 39.27 24.59 20.78
C SER D 308 39.91 24.61 19.39
N ARG D 309 40.25 25.79 18.88
CA ARG D 309 40.91 25.93 17.59
C ARG D 309 42.42 25.80 17.78
N GLN D 310 42.98 24.67 17.33
CA GLN D 310 44.43 24.48 17.47
C GLN D 310 45.21 25.18 16.37
N ASP D 311 44.63 25.32 15.18
CA ASP D 311 45.29 26.10 14.12
C ASP D 311 45.43 27.58 14.51
N LEU D 312 44.69 28.04 15.51
CA LEU D 312 44.80 29.42 15.97
C LEU D 312 45.76 29.55 17.15
N MET E 22 72.73 6.34 -0.91
CA MET E 22 74.04 6.69 -0.40
C MET E 22 74.20 6.33 1.08
N SER E 23 73.37 6.94 1.92
CA SER E 23 73.50 6.77 3.37
C SER E 23 73.17 5.34 3.79
N LYS E 24 74.04 4.73 4.61
CA LYS E 24 73.70 3.43 5.19
C LYS E 24 72.60 3.58 6.26
N VAL E 25 72.71 4.58 7.16
CA VAL E 25 71.62 4.92 8.07
C VAL E 25 71.28 6.40 7.90
N LYS E 26 70.00 6.70 8.07
CA LYS E 26 69.46 8.03 7.84
C LYS E 26 68.14 8.10 8.59
N VAL E 27 68.00 9.07 9.49
CA VAL E 27 66.89 9.05 10.45
C VAL E 27 65.88 10.11 10.04
N GLY E 28 64.65 9.68 9.73
CA GLY E 28 63.53 10.61 9.61
C GLY E 28 62.93 10.91 10.97
N ILE E 29 62.47 12.15 11.13
CA ILE E 29 61.86 12.59 12.38
C ILE E 29 60.51 13.21 12.03
N ILE E 30 59.43 12.60 12.52
CA ILE E 30 58.08 13.13 12.34
C ILE E 30 57.66 13.78 13.64
N GLY E 31 57.39 15.08 13.57
CA GLY E 31 57.12 15.89 14.75
C GLY E 31 55.65 16.26 14.79
N GLY E 32 55.01 15.95 15.92
CA GLY E 32 53.56 16.03 16.06
C GLY E 32 53.04 17.40 16.47
N SER E 33 52.23 17.46 17.53
CA SER E 33 51.88 18.73 18.14
C SER E 33 53.10 19.28 18.88
N GLY E 34 53.34 20.58 18.76
CA GLY E 34 54.70 21.04 18.97
C GLY E 34 55.57 20.41 17.91
N PHE E 35 56.85 20.78 17.83
CA PHE E 35 57.72 20.27 16.75
C PHE E 35 57.16 20.57 15.36
N ASP E 36 56.22 21.51 15.25
CA ASP E 36 55.76 22.03 13.96
C ASP E 36 56.88 22.67 13.15
N ASP E 37 58.03 22.94 13.79
CA ASP E 37 59.18 23.62 13.21
C ASP E 37 60.44 22.80 13.45
N PRO E 38 61.36 22.67 12.37
CA PRO E 38 62.63 21.94 12.53
C PRO E 38 63.82 22.80 12.97
N ASN E 39 63.89 23.05 14.28
CA ASN E 39 65.07 23.67 14.87
C ASN E 39 66.06 22.64 15.41
N LEU E 40 66.08 21.45 14.81
CA LEU E 40 66.91 20.35 15.30
C LEU E 40 68.34 20.41 14.77
N PHE E 41 68.55 21.01 13.60
CA PHE E 41 69.88 21.10 13.00
C PHE E 41 69.85 22.17 11.93
N LYS E 42 71.05 22.57 11.50
CA LYS E 42 71.17 23.51 10.37
C LYS E 42 70.65 22.85 9.09
N LYS E 43 69.69 23.49 8.44
CA LYS E 43 69.14 22.92 7.22
C LYS E 43 70.20 22.86 6.12
N VAL E 44 70.20 21.76 5.38
CA VAL E 44 71.04 21.62 4.20
C VAL E 44 70.22 21.73 2.91
N GLY E 45 69.05 21.12 2.87
CA GLY E 45 68.16 21.25 1.73
C GLY E 45 66.71 21.13 2.17
N VAL E 46 65.82 21.73 1.37
CA VAL E 46 64.38 21.68 1.60
C VAL E 46 63.78 21.02 0.37
N ARG E 47 63.09 19.90 0.57
CA ARG E 47 62.61 19.08 -0.53
C ARG E 47 61.11 19.23 -0.65
N GLN E 48 60.65 19.70 -1.80
CA GLN E 48 59.23 19.71 -2.17
C GLN E 48 59.00 18.47 -3.01
N VAL E 49 58.47 17.41 -2.39
CA VAL E 49 58.37 16.15 -3.10
C VAL E 49 56.93 15.74 -3.22
N THR E 50 56.68 14.88 -4.20
CA THR E 50 55.41 14.18 -4.32
C THR E 50 55.70 12.69 -4.25
N THR E 51 54.67 11.93 -3.94
CA THR E 51 54.77 10.48 -3.80
C THR E 51 53.67 9.88 -4.66
N PRO E 52 53.68 8.55 -4.85
CA PRO E 52 52.53 7.92 -5.52
C PRO E 52 51.21 8.14 -4.79
N PHE E 53 51.26 8.48 -3.50
CA PHE E 53 50.07 8.62 -2.68
C PHE E 53 49.71 10.07 -2.39
N GLY E 54 50.38 11.02 -3.04
CA GLY E 54 50.08 12.43 -2.89
C GLY E 54 51.21 13.17 -2.19
N LYS E 55 50.91 14.40 -1.84
CA LYS E 55 51.91 15.28 -1.26
C LYS E 55 52.01 15.07 0.26
N PRO E 56 53.23 15.04 0.78
CA PRO E 56 53.41 15.00 2.24
C PRO E 56 52.86 16.27 2.89
N SER E 57 52.78 16.23 4.23
CA SER E 57 52.17 17.32 4.99
C SER E 57 52.85 18.65 4.74
N ASP E 58 54.14 18.64 4.43
CA ASP E 58 54.89 19.86 4.20
C ASP E 58 56.19 19.49 3.49
N THR E 59 57.01 20.50 3.22
CA THR E 59 58.35 20.25 2.71
C THR E 59 59.16 19.46 3.71
N LEU E 60 60.12 18.69 3.21
CA LEU E 60 61.00 17.89 4.05
C LEU E 60 62.36 18.57 4.13
N VAL E 61 62.90 18.65 5.34
CA VAL E 61 64.17 19.36 5.58
C VAL E 61 65.25 18.31 5.82
N GLU E 62 66.29 18.35 4.99
CA GLU E 62 67.42 17.45 5.10
C GLU E 62 68.60 18.13 5.75
N GLY E 63 69.31 17.38 6.59
CA GLY E 63 70.53 17.90 7.20
C GLY E 63 71.26 16.80 7.95
N PHE E 64 72.09 17.22 8.91
CA PHE E 64 72.93 16.30 9.67
C PHE E 64 72.85 16.64 11.15
N VAL E 65 72.81 15.60 11.98
CA VAL E 65 73.05 15.69 13.42
C VAL E 65 74.37 14.99 13.67
N GLY E 66 75.41 15.76 13.99
CA GLY E 66 76.76 15.19 13.95
C GLY E 66 77.03 14.69 12.54
N ASP E 67 77.43 13.43 12.44
CA ASP E 67 77.70 12.79 11.16
C ASP E 67 76.50 12.04 10.59
N VAL E 68 75.34 12.09 11.25
CA VAL E 68 74.21 11.27 10.86
C VAL E 68 73.26 12.09 10.01
N ALA E 69 72.94 11.60 8.82
CA ALA E 69 71.94 12.24 7.98
C ALA E 69 70.55 12.10 8.57
N CYS E 70 69.76 13.15 8.49
CA CYS E 70 68.51 13.20 9.22
C CYS E 70 67.53 14.05 8.41
N VAL E 71 66.25 13.67 8.44
CA VAL E 71 65.20 14.36 7.70
C VAL E 71 64.05 14.65 8.66
N VAL E 72 63.53 15.87 8.63
CA VAL E 72 62.49 16.30 9.55
C VAL E 72 61.24 16.69 8.75
N LEU E 73 60.09 16.27 9.25
CA LEU E 73 58.80 16.50 8.61
C LEU E 73 57.73 16.72 9.68
N PRO E 74 57.06 17.87 9.72
CA PRO E 74 56.01 18.07 10.73
C PRO E 74 54.70 17.42 10.29
N ARG E 75 54.11 16.65 11.20
CA ARG E 75 52.97 15.83 10.82
C ARG E 75 51.79 16.68 10.35
N HIS E 76 51.55 17.81 10.98
CA HIS E 76 50.36 18.59 10.68
C HIS E 76 50.62 19.76 9.75
N GLY E 77 51.84 19.92 9.25
CA GLY E 77 52.17 21.11 8.50
C GLY E 77 52.64 22.24 9.41
N LYS E 78 53.35 23.21 8.81
CA LYS E 78 54.02 24.23 9.61
C LYS E 78 53.04 25.09 10.38
N GLY E 79 51.86 25.36 9.82
CA GLY E 79 50.83 26.09 10.53
C GLY E 79 49.81 25.23 11.25
N HIS E 80 50.08 23.93 11.37
CA HIS E 80 49.19 22.97 12.04
C HIS E 80 47.75 23.13 11.56
N LEU E 81 47.55 22.98 10.25
CA LEU E 81 46.25 23.13 9.62
C LEU E 81 45.60 21.82 9.22
N ILE E 82 46.30 20.70 9.31
CA ILE E 82 45.80 19.40 8.86
C ILE E 82 45.44 18.60 10.11
N PRO E 83 44.18 18.21 10.29
CA PRO E 83 43.80 17.43 11.49
C PRO E 83 44.27 15.98 11.40
N PRO E 84 44.36 15.29 12.54
CA PRO E 84 44.88 13.90 12.53
C PRO E 84 44.27 12.98 11.49
N SER E 85 42.95 13.06 11.31
CA SER E 85 42.30 12.11 10.42
C SER E 85 42.59 12.39 8.95
N GLU E 86 43.07 13.59 8.61
CA GLU E 86 43.35 13.97 7.23
C GLU E 86 44.85 14.02 6.90
N VAL E 87 45.72 13.70 7.85
CA VAL E 87 47.15 13.64 7.56
C VAL E 87 47.40 12.56 6.52
N ASN E 88 48.21 12.87 5.51
CA ASN E 88 48.56 11.86 4.51
C ASN E 88 49.74 11.06 5.08
N TYR E 89 49.41 10.13 5.99
CA TYR E 89 50.44 9.25 6.56
C TYR E 89 51.18 8.50 5.46
N ARG E 90 50.47 8.05 4.43
CA ARG E 90 51.15 7.30 3.36
C ARG E 90 52.19 8.15 2.67
N ALA E 91 51.86 9.40 2.35
CA ALA E 91 52.81 10.25 1.65
C ALA E 91 53.98 10.65 2.56
N ASN E 92 53.71 10.87 3.85
CA ASN E 92 54.78 11.24 4.77
C ASN E 92 55.77 10.10 4.93
N VAL E 93 55.27 8.88 5.18
CA VAL E 93 56.19 7.75 5.35
C VAL E 93 56.94 7.44 4.06
N TRP E 94 56.22 7.43 2.91
CA TRP E 94 56.84 7.10 1.64
C TRP E 94 57.87 8.15 1.25
N ALA E 95 57.58 9.42 1.50
CA ALA E 95 58.55 10.47 1.19
C ALA E 95 59.83 10.29 1.99
N LEU E 96 59.73 9.91 3.27
CA LEU E 96 60.94 9.69 4.04
C LEU E 96 61.69 8.47 3.53
N LYS E 97 60.95 7.42 3.18
CA LYS E 97 61.58 6.26 2.53
C LYS E 97 62.31 6.67 1.27
N ASP E 98 61.66 7.47 0.43
CA ASP E 98 62.24 7.88 -0.85
C ASP E 98 63.51 8.70 -0.67
N LEU E 99 63.59 9.52 0.37
CA LEU E 99 64.81 10.26 0.66
C LEU E 99 65.91 9.38 1.24
N GLY E 100 65.67 8.10 1.47
CA GLY E 100 66.69 7.19 1.97
C GLY E 100 66.65 6.89 3.46
N CYS E 101 65.60 7.29 4.17
CA CYS E 101 65.55 7.02 5.61
C CYS E 101 65.48 5.52 5.85
N THR E 102 66.26 5.06 6.83
CA THR E 102 66.18 3.69 7.33
C THR E 102 65.36 3.60 8.62
N HIS E 103 65.19 4.72 9.33
CA HIS E 103 64.52 4.79 10.62
C HIS E 103 63.59 5.98 10.62
N ILE E 104 62.53 5.89 11.43
CA ILE E 104 61.69 7.03 11.76
C ILE E 104 61.53 7.11 13.26
N LEU E 105 61.84 8.27 13.84
CA LEU E 105 61.47 8.59 15.22
C LEU E 105 60.30 9.57 15.18
N ALA E 106 59.27 9.28 15.94
CA ALA E 106 58.07 10.09 15.91
C ALA E 106 57.69 10.54 17.33
N THR E 107 57.13 11.74 17.42
CA THR E 107 56.61 12.24 18.68
C THR E 107 55.09 12.36 18.60
N THR E 108 54.46 12.36 19.77
CA THR E 108 53.02 12.63 19.82
C THR E 108 52.64 13.06 21.21
N ALA E 109 51.80 14.10 21.27
CA ALA E 109 51.14 14.46 22.53
C ALA E 109 50.03 13.46 22.82
N CYS E 110 49.78 13.22 24.10
CA CYS E 110 48.79 12.21 24.44
C CYS E 110 48.20 12.52 25.81
N GLY E 111 47.08 11.88 26.10
CA GLY E 111 46.47 11.94 27.42
C GLY E 111 46.73 10.64 28.17
N SER E 112 46.94 10.75 29.47
CA SER E 112 47.15 9.57 30.30
C SER E 112 45.82 8.98 30.78
N LEU E 113 45.76 7.65 30.76
CA LEU E 113 44.65 6.86 31.27
C LEU E 113 44.96 6.20 32.60
N GLN E 114 46.17 6.39 33.14
CA GLN E 114 46.66 5.65 34.28
C GLN E 114 47.29 6.59 35.29
N GLU E 115 47.09 6.29 36.58
CA GLU E 115 47.54 7.18 37.64
C GLU E 115 49.06 7.39 37.63
N ASP E 116 49.83 6.39 37.19
CA ASP E 116 51.27 6.51 37.26
C ASP E 116 51.87 7.24 36.06
N LEU E 117 51.09 7.51 35.02
CA LEU E 117 51.54 8.30 33.89
C LEU E 117 50.99 9.71 34.06
N VAL E 118 51.87 10.65 34.39
CA VAL E 118 51.52 11.98 34.87
C VAL E 118 51.94 12.99 33.81
N PRO E 119 51.23 14.10 33.61
CA PRO E 119 51.71 15.15 32.71
C PRO E 119 53.17 15.50 32.99
N GLY E 120 53.95 15.60 31.91
CA GLY E 120 55.37 15.76 31.98
C GLY E 120 56.15 14.48 31.77
N ASP E 121 55.51 13.32 31.97
CA ASP E 121 56.14 12.04 31.65
C ASP E 121 56.21 11.83 30.14
N PHE E 122 57.10 10.94 29.74
CA PHE E 122 57.15 10.48 28.37
C PHE E 122 56.88 8.98 28.36
N VAL E 123 56.46 8.45 27.20
CA VAL E 123 56.23 7.02 27.05
C VAL E 123 56.88 6.56 25.77
N VAL E 124 57.76 5.57 25.86
CA VAL E 124 58.28 4.90 24.69
C VAL E 124 57.33 3.74 24.43
N LEU E 125 56.40 3.95 23.50
CA LEU E 125 55.29 3.01 23.32
C LEU E 125 55.78 1.66 22.83
N ASN E 126 55.12 0.59 23.27
CA ASN E 126 55.39 -0.70 22.68
C ASN E 126 54.14 -1.41 22.16
N GLN E 127 52.94 -0.90 22.42
CA GLN E 127 51.71 -1.54 21.98
C GLN E 127 50.69 -0.48 21.62
N PHE E 128 49.64 -0.89 20.89
CA PHE E 128 48.51 0.01 20.67
C PHE E 128 47.23 -0.77 20.43
N MET E 129 46.11 -0.04 20.57
CA MET E 129 44.79 -0.47 20.12
C MET E 129 44.24 0.56 19.16
N ASP E 130 43.85 0.12 17.97
CA ASP E 130 43.46 1.02 16.89
C ASP E 130 41.95 1.27 16.93
N LYS E 131 41.57 2.53 17.03
CA LYS E 131 40.16 2.89 16.90
C LYS E 131 40.00 3.97 15.83
N THR E 132 40.91 4.01 14.86
CA THR E 132 40.81 4.90 13.72
C THR E 132 39.96 4.26 12.62
N TRP E 133 39.51 5.10 11.68
CA TRP E 133 38.74 4.67 10.52
C TRP E 133 38.83 5.79 9.50
N GLY E 134 38.55 5.45 8.24
CA GLY E 134 38.56 6.42 7.17
C GLY E 134 39.93 6.92 6.75
N ARG E 135 41.01 6.38 7.28
CA ARG E 135 42.35 6.77 6.89
C ARG E 135 42.95 5.71 5.97
N GLU E 136 43.78 6.17 5.02
CA GLU E 136 44.54 5.25 4.17
C GLU E 136 45.60 4.57 5.01
N ASN E 137 45.46 3.28 5.26
CA ASN E 137 46.33 2.63 6.23
C ASN E 137 47.28 1.61 5.60
N THR E 138 47.28 1.45 4.28
CA THR E 138 48.21 0.49 3.68
C THR E 138 48.64 1.02 2.31
N PHE E 139 49.87 0.70 1.93
CA PHE E 139 50.36 1.04 0.60
C PHE E 139 49.82 0.12 -0.48
N TYR E 140 49.26 -1.03 -0.12
CA TYR E 140 49.04 -2.11 -1.07
C TYR E 140 47.55 -2.40 -1.21
N GLY E 141 47.16 -2.79 -2.42
CA GLY E 141 45.80 -3.22 -2.65
C GLY E 141 45.53 -3.42 -4.12
N SER E 142 44.25 -3.37 -4.46
CA SER E 142 43.77 -3.57 -5.81
C SER E 142 43.27 -2.27 -6.45
N LYS E 143 43.36 -1.13 -5.74
CA LYS E 143 42.93 0.09 -6.40
C LYS E 143 44.14 0.81 -7.01
N PRO E 144 43.93 1.45 -8.17
CA PRO E 144 45.07 2.07 -8.88
C PRO E 144 45.90 3.05 -8.04
N ASP E 145 45.31 3.67 -7.02
CA ASP E 145 46.08 4.58 -6.17
C ASP E 145 46.98 3.86 -5.18
N SER E 146 47.27 2.58 -5.41
CA SER E 146 48.02 1.75 -4.48
C SER E 146 48.95 0.82 -5.25
N LEU E 147 49.93 0.26 -4.54
CA LEU E 147 50.80 -0.74 -5.13
C LEU E 147 50.05 -2.04 -5.31
N LYS E 148 50.35 -2.76 -6.40
CA LYS E 148 49.67 -4.02 -6.63
C LYS E 148 50.16 -5.08 -5.66
N GLY E 149 49.23 -5.75 -5.00
CA GLY E 149 49.55 -6.80 -4.07
C GLY E 149 48.69 -6.73 -2.82
N VAL E 150 48.67 -7.84 -2.08
CA VAL E 150 47.95 -7.95 -0.81
C VAL E 150 49.00 -8.23 0.24
N LEU E 151 49.22 -7.26 1.14
CA LEU E 151 50.24 -7.33 2.16
C LEU E 151 49.57 -7.51 3.52
N HIS E 152 49.89 -8.61 4.22
CA HIS E 152 49.35 -8.86 5.56
C HIS E 152 50.53 -8.88 6.52
N MET E 153 50.83 -7.74 7.11
CA MET E 153 52.01 -7.55 7.93
C MET E 153 51.74 -8.01 9.36
N PRO E 154 52.59 -8.86 9.92
CA PRO E 154 52.51 -9.14 11.36
C PRO E 154 52.74 -7.85 12.15
N MET E 155 51.99 -7.71 13.25
CA MET E 155 52.07 -6.51 14.06
C MET E 155 52.01 -6.83 15.54
N ALA E 156 52.29 -8.08 15.94
CA ALA E 156 52.17 -8.49 17.33
C ALA E 156 52.90 -7.52 18.26
N GLU E 157 54.15 -7.21 17.93
CA GLU E 157 54.94 -6.19 18.62
C GLU E 157 55.26 -5.17 17.55
N PRO E 158 54.46 -4.09 17.44
CA PRO E 158 54.46 -3.31 16.19
C PRO E 158 55.61 -2.33 16.01
N PHE E 159 56.45 -2.11 17.00
CA PHE E 159 57.57 -1.16 16.85
C PHE E 159 58.87 -1.93 16.62
N CYS E 160 59.88 -1.18 16.16
CA CYS E 160 61.22 -1.73 16.08
C CYS E 160 61.82 -1.73 17.47
N GLU E 161 62.04 -2.92 18.04
CA GLU E 161 62.50 -3.02 19.42
C GLU E 161 63.88 -2.40 19.63
N ARG E 162 64.81 -2.62 18.68
CA ARG E 162 66.13 -2.02 18.82
C ARG E 162 66.02 -0.51 18.93
N THR E 163 65.16 0.09 18.12
CA THR E 163 65.01 1.55 18.10
C THR E 163 64.29 2.05 19.35
N ARG E 164 63.32 1.29 19.86
CA ARG E 164 62.74 1.62 21.17
C ARG E 164 63.82 1.69 22.24
N GLN E 165 64.70 0.69 22.26
CA GLN E 165 65.74 0.69 23.29
C GLN E 165 66.71 1.85 23.11
N ILE E 166 66.92 2.31 21.86
CA ILE E 166 67.71 3.52 21.63
C ILE E 166 67.06 4.72 22.31
N LEU E 167 65.75 4.88 22.17
CA LEU E 167 65.06 6.00 22.81
C LEU E 167 65.21 5.93 24.33
N ILE E 168 65.09 4.73 24.90
CA ILE E 168 65.22 4.57 26.34
C ILE E 168 66.66 4.88 26.79
N GLN E 169 67.66 4.39 26.03
CA GLN E 169 69.05 4.67 26.39
C GLN E 169 69.38 6.14 26.22
N ALA E 170 68.76 6.79 25.23
CA ALA E 170 69.01 8.22 25.04
C ALA E 170 68.50 9.00 26.24
N ALA E 171 67.35 8.62 26.79
CA ALA E 171 66.84 9.26 28.01
C ALA E 171 67.82 9.09 29.15
N ARG E 172 68.34 7.87 29.37
CA ARG E 172 69.35 7.65 30.41
CA ARG E 172 69.33 7.68 30.43
C ARG E 172 70.58 8.51 30.18
N ASN E 173 71.07 8.55 28.94
CA ASN E 173 72.27 9.33 28.63
C ASN E 173 72.09 10.81 28.94
N LYS E 174 70.85 11.31 28.88
CA LYS E 174 70.52 12.69 29.20
C LYS E 174 70.05 12.88 30.64
N SER E 175 70.31 11.91 31.52
CA SER E 175 69.95 12.00 32.94
C SER E 175 68.48 12.34 33.15
N ILE E 176 67.61 11.75 32.31
CA ILE E 176 66.15 11.79 32.51
C ILE E 176 65.72 10.46 33.11
N ASN E 177 64.92 10.51 34.18
CA ASN E 177 64.48 9.28 34.85
C ASN E 177 63.84 8.32 33.87
N VAL E 178 64.17 7.04 34.01
CA VAL E 178 63.47 5.98 33.28
C VAL E 178 62.82 5.05 34.31
N TYR E 179 61.53 4.79 34.12
CA TYR E 179 60.75 3.91 34.97
C TYR E 179 60.38 2.66 34.16
N ASP E 180 60.87 1.51 34.59
CA ASP E 180 60.59 0.24 33.93
C ASP E 180 59.79 -0.61 34.91
N LYS E 181 58.46 -0.64 34.71
CA LYS E 181 57.56 -1.37 35.60
C LYS E 181 57.80 -2.87 35.62
N LYS E 182 58.61 -3.39 34.68
CA LYS E 182 58.94 -4.81 34.71
C LYS E 182 60.09 -5.11 35.67
N THR E 183 61.01 -4.16 35.87
CA THR E 183 62.19 -4.38 36.68
C THR E 183 62.31 -3.38 37.83
N MET E 184 61.27 -2.58 38.08
CA MET E 184 61.31 -1.61 39.17
C MET E 184 59.97 -1.60 39.88
N ASP E 185 59.99 -1.11 41.11
CA ASP E 185 58.80 -0.91 41.90
C ASP E 185 58.32 0.53 41.74
N LYS E 186 57.09 0.77 42.21
CA LYS E 186 56.48 2.08 42.01
C LYS E 186 57.27 3.19 42.68
N SER E 187 57.99 2.89 43.76
CA SER E 187 58.82 3.91 44.40
C SER E 187 59.87 4.44 43.45
N ALA E 188 60.26 3.65 42.45
CA ALA E 188 61.20 4.12 41.43
C ALA E 188 60.53 4.97 40.36
N CYS E 189 59.21 5.22 40.48
CA CYS E 189 58.48 6.02 39.49
C CYS E 189 58.51 7.48 39.91
N ILE E 190 59.64 8.12 39.65
CA ILE E 190 59.89 9.50 40.04
C ILE E 190 59.67 10.40 38.84
N HIS E 191 58.81 11.39 39.00
CA HIS E 191 58.41 12.25 37.89
C HIS E 191 59.28 13.50 37.79
N PRO E 192 59.52 14.00 36.56
CA PRO E 192 59.12 13.43 35.27
C PRO E 192 59.98 12.22 34.89
N CYS E 193 59.37 11.19 34.32
CA CYS E 193 60.12 10.00 33.91
C CYS E 193 59.64 9.52 32.55
N VAL E 194 60.54 8.86 31.85
CA VAL E 194 60.23 8.14 30.61
C VAL E 194 59.78 6.74 30.99
N HIS E 195 58.58 6.36 30.58
CA HIS E 195 58.10 5.00 30.80
C HIS E 195 58.66 4.09 29.72
N ALA E 196 59.34 3.03 30.13
CA ALA E 196 60.03 2.14 29.19
C ALA E 196 59.06 1.30 28.36
N GLU E 197 57.76 1.31 28.67
CA GLU E 197 56.78 0.60 27.86
C GLU E 197 55.42 1.26 28.06
N GLY E 198 54.50 0.95 27.16
CA GLY E 198 53.16 1.50 27.29
C GLY E 198 52.32 1.26 26.07
N SER E 199 50.99 1.24 26.24
CA SER E 199 50.07 1.02 25.14
C SER E 199 49.23 2.27 24.87
N ALA E 200 48.98 2.55 23.61
CA ALA E 200 48.17 3.68 23.19
C ALA E 200 46.88 3.19 22.54
N VAL E 201 45.77 3.83 22.85
CA VAL E 201 44.58 3.75 22.00
C VAL E 201 44.59 4.99 21.10
N THR E 202 44.52 4.78 19.80
CA THR E 202 44.49 5.88 18.85
C THR E 202 43.06 6.07 18.41
N ILE E 203 42.49 7.23 18.75
CA ILE E 203 41.13 7.54 18.37
C ILE E 203 41.16 8.42 17.14
N ASN E 204 40.02 8.52 16.45
CA ASN E 204 40.04 9.19 15.16
C ASN E 204 40.07 10.70 15.28
N GLY E 205 39.54 11.27 16.35
CA GLY E 205 39.39 12.70 16.40
C GLY E 205 38.33 13.20 15.42
N PRO E 206 38.23 14.51 15.26
CA PRO E 206 39.02 15.52 15.98
C PRO E 206 38.62 15.75 17.43
N ARG E 207 37.41 15.37 17.83
CA ARG E 207 36.98 15.59 19.20
C ARG E 207 37.78 14.71 20.18
N PHE E 208 37.89 15.18 21.41
CA PHE E 208 38.44 14.33 22.47
C PHE E 208 37.36 13.35 22.94
N SER E 209 37.78 12.41 23.80
CA SER E 209 36.90 11.35 24.26
C SER E 209 35.83 11.82 25.26
N THR E 210 34.70 11.12 25.29
CA THR E 210 33.81 11.32 26.41
C THR E 210 34.39 10.66 27.64
N ARG E 211 33.85 11.03 28.83
CA ARG E 211 34.23 10.32 30.04
C ARG E 211 33.90 8.83 29.92
N CYS E 212 32.77 8.51 29.28
CA CYS E 212 32.37 7.12 29.15
C CYS E 212 33.42 6.36 28.34
N GLU E 213 33.83 6.91 27.19
CA GLU E 213 34.92 6.31 26.41
C GLU E 213 36.23 6.24 27.20
N SER E 214 36.57 7.30 27.93
CA SER E 214 37.83 7.32 28.68
C SER E 214 37.88 6.18 29.69
N PHE E 215 36.79 5.93 30.40
CA PHE E 215 36.80 4.87 31.41
C PHE E 215 36.81 3.49 30.75
N ILE E 216 36.13 3.36 29.61
CA ILE E 216 36.17 2.11 28.86
C ILE E 216 37.60 1.81 28.42
N HIS E 217 38.31 2.83 27.89
CA HIS E 217 39.70 2.61 27.48
C HIS E 217 40.58 2.25 28.67
N LYS E 218 40.39 2.94 29.80
CA LYS E 218 41.15 2.65 31.01
C LYS E 218 40.84 1.23 31.49
N ALA E 219 39.57 0.82 31.44
CA ALA E 219 39.21 -0.53 31.87
C ALA E 219 39.88 -1.60 31.02
N MET E 220 40.14 -1.30 29.76
CA MET E 220 40.83 -2.23 28.88
C MET E 220 42.33 -2.34 29.13
N GLY E 221 42.88 -1.57 30.07
CA GLY E 221 44.29 -1.62 30.38
C GLY E 221 45.18 -0.72 29.55
N LEU E 222 44.61 0.17 28.73
CA LEU E 222 45.40 1.06 27.89
C LEU E 222 46.05 2.17 28.72
N ASP E 223 47.24 2.60 28.30
CA ASP E 223 48.00 3.56 29.09
C ASP E 223 47.74 5.01 28.69
N ILE E 224 47.69 5.31 27.40
CA ILE E 224 47.52 6.67 26.90
C ILE E 224 46.55 6.67 25.73
N VAL E 225 46.07 7.87 25.38
CA VAL E 225 45.20 8.06 24.24
C VAL E 225 45.80 9.14 23.35
N ASN E 226 45.78 8.89 22.05
CA ASN E 226 46.27 9.89 21.10
C ASN E 226 45.47 9.76 19.82
N MET E 227 45.85 10.55 18.81
CA MET E 227 45.12 10.58 17.56
C MET E 227 45.94 10.27 16.32
N THR E 228 47.27 10.11 16.43
CA THR E 228 48.15 10.09 15.26
C THR E 228 49.04 8.87 15.09
N LEU E 229 49.08 7.95 16.06
CA LEU E 229 50.05 6.85 15.97
C LEU E 229 49.75 5.92 14.80
N VAL E 230 48.47 5.62 14.61
CA VAL E 230 48.00 4.71 13.58
C VAL E 230 47.35 5.57 12.51
N PRO E 231 47.63 5.30 11.22
CA PRO E 231 48.40 4.18 10.67
C PRO E 231 49.89 4.46 10.45
N GLU E 232 50.43 5.52 11.04
CA GLU E 232 51.83 5.85 10.85
C GLU E 232 52.75 4.67 11.18
N VAL E 233 52.52 4.02 12.33
CA VAL E 233 53.39 2.91 12.74
C VAL E 233 53.25 1.73 11.77
N SER E 234 52.02 1.48 11.30
CA SER E 234 51.79 0.37 10.38
C SER E 234 52.50 0.63 9.06
N LEU E 235 52.31 1.82 8.51
CA LEU E 235 52.92 2.12 7.22
C LEU E 235 54.44 2.13 7.30
N ALA E 236 55.03 2.55 8.42
CA ALA E 236 56.48 2.51 8.51
C ALA E 236 56.99 1.07 8.39
N ARG E 237 56.29 0.11 9.01
CA ARG E 237 56.70 -1.28 8.88
C ARG E 237 56.48 -1.78 7.46
N GLU E 238 55.38 -1.37 6.81
CA GLU E 238 55.16 -1.71 5.41
C GLU E 238 56.26 -1.18 4.50
N ALA E 239 56.83 -0.04 4.87
CA ALA E 239 57.90 0.59 4.11
C ALA E 239 59.27 -0.02 4.38
N GLY E 240 59.36 -1.00 5.28
CA GLY E 240 60.65 -1.57 5.62
C GLY E 240 61.50 -0.71 6.51
N LEU E 241 60.89 0.17 7.31
CA LEU E 241 61.59 1.15 8.12
C LEU E 241 61.48 0.78 9.59
N SER E 242 62.52 1.08 10.36
CA SER E 242 62.49 0.92 11.81
C SER E 242 61.83 2.14 12.44
N TYR E 243 60.70 1.94 13.13
CA TYR E 243 59.88 3.02 13.67
C TYR E 243 59.76 2.92 15.18
N ALA E 244 59.96 4.04 15.87
CA ALA E 244 59.70 4.12 17.31
C ALA E 244 59.08 5.47 17.62
N SER E 245 58.15 5.48 18.59
CA SER E 245 57.41 6.68 18.99
C SER E 245 57.73 7.04 20.44
N ILE E 246 57.88 8.33 20.70
CA ILE E 246 57.95 8.81 22.07
C ILE E 246 56.75 9.74 22.26
N ALA E 247 55.91 9.39 23.21
CA ALA E 247 54.69 10.11 23.50
C ALA E 247 54.92 11.02 24.69
N ILE E 248 54.41 12.25 24.60
CA ILE E 248 54.50 13.23 25.68
C ILE E 248 53.15 13.29 26.34
N VAL E 249 53.08 12.91 27.61
CA VAL E 249 51.83 13.02 28.36
C VAL E 249 51.58 14.49 28.63
N THR E 250 50.47 15.02 28.11
CA THR E 250 50.13 16.41 28.34
C THR E 250 48.93 16.57 29.26
N ASP E 251 48.21 15.49 29.57
CA ASP E 251 46.96 15.58 30.31
C ASP E 251 46.56 14.19 30.81
N PHE E 252 45.55 14.17 31.67
CA PHE E 252 44.95 12.95 32.22
C PHE E 252 43.63 12.59 31.54
N ASP E 253 43.51 12.87 30.23
CA ASP E 253 42.28 12.63 29.44
C ASP E 253 41.10 13.23 30.21
N CYS E 254 40.00 12.50 30.43
CA CYS E 254 38.90 13.06 31.21
C CYS E 254 38.33 12.09 32.24
N TRP E 255 39.08 11.04 32.61
CA TRP E 255 38.67 10.15 33.68
C TRP E 255 38.93 10.72 35.08
N LYS E 256 39.59 11.88 35.18
CA LYS E 256 39.79 12.51 36.48
C LYS E 256 38.81 13.65 36.73
N SER E 257 39.23 14.65 37.49
CA SER E 257 38.39 15.77 37.88
C SER E 257 38.19 16.75 36.71
N GLU E 258 37.14 17.57 36.82
CA GLU E 258 36.82 18.51 35.75
C GLU E 258 37.96 19.50 35.51
N GLU E 259 38.70 19.85 36.57
CA GLU E 259 39.83 20.76 36.45
C GLU E 259 40.99 20.16 35.66
N GLU E 260 40.94 18.86 35.39
CA GLU E 260 42.00 18.18 34.65
C GLU E 260 41.52 17.59 33.33
N HIS E 261 40.29 17.90 32.93
CA HIS E 261 39.77 17.41 31.66
C HIS E 261 40.52 18.04 30.50
N VAL E 262 40.90 17.21 29.53
CA VAL E 262 41.75 17.67 28.44
C VAL E 262 41.05 18.75 27.62
N CYS E 263 41.83 19.73 27.17
CA CYS E 263 41.44 20.67 26.12
C CYS E 263 42.71 21.08 25.39
N VAL E 264 42.52 21.82 24.29
CA VAL E 264 43.66 22.21 23.45
C VAL E 264 44.67 23.01 24.27
N ASP E 265 44.21 23.92 25.11
CA ASP E 265 45.13 24.76 25.88
C ASP E 265 45.92 23.93 26.88
N MET E 266 45.28 22.93 27.51
CA MET E 266 46.02 22.02 28.38
C MET E 266 47.11 21.28 27.61
N VAL E 267 46.77 20.77 26.42
CA VAL E 267 47.74 20.03 25.62
C VAL E 267 48.92 20.91 25.23
N LEU E 268 48.64 22.15 24.81
CA LEU E 268 49.72 23.04 24.40
C LEU E 268 50.62 23.42 25.57
N GLU E 269 50.00 23.86 26.69
CA GLU E 269 50.78 24.42 27.79
C GLU E 269 51.76 23.40 28.36
N GLN E 270 51.30 22.16 28.57
CA GLN E 270 52.22 21.13 29.03
C GLN E 270 53.26 20.81 27.96
N PHE E 271 52.85 20.78 26.69
CA PHE E 271 53.79 20.41 25.65
C PHE E 271 54.97 21.36 25.61
N ARG E 272 54.69 22.66 25.65
CA ARG E 272 55.75 23.67 25.72
C ARG E 272 56.79 23.34 26.77
N LYS E 273 56.36 22.76 27.90
CA LYS E 273 57.29 22.51 28.99
C LYS E 273 58.13 21.25 28.76
N SER E 274 57.65 20.31 27.95
CA SER E 274 58.31 19.02 27.74
C SER E 274 59.08 18.93 26.44
N VAL E 275 58.85 19.86 25.51
CA VAL E 275 59.46 19.74 24.19
C VAL E 275 60.98 19.81 24.29
N VAL E 276 61.49 20.55 25.28
CA VAL E 276 62.95 20.70 25.41
C VAL E 276 63.59 19.35 25.66
N HIS E 277 63.01 18.57 26.56
CA HIS E 277 63.56 17.27 26.90
C HIS E 277 63.36 16.26 25.79
N VAL E 278 62.22 16.33 25.09
CA VAL E 278 62.01 15.45 23.95
C VAL E 278 63.04 15.73 22.87
N ARG E 279 63.29 17.02 22.60
CA ARG E 279 64.37 17.40 21.67
CA ARG E 279 64.36 17.39 21.68
C ARG E 279 65.69 16.75 22.08
N GLU E 280 66.05 16.86 23.35
CA GLU E 280 67.31 16.28 23.82
C GLU E 280 67.34 14.79 23.57
N ILE E 281 66.23 14.10 23.81
CA ILE E 281 66.15 12.66 23.62
C ILE E 281 66.31 12.30 22.14
N LEU E 282 65.58 13.01 21.27
CA LEU E 282 65.64 12.70 19.84
C LEU E 282 67.05 12.90 19.27
N LEU E 283 67.68 14.03 19.60
CA LEU E 283 69.04 14.27 19.13
C LEU E 283 70.01 13.20 19.63
N GLU E 284 69.89 12.81 20.90
CA GLU E 284 70.80 11.78 21.39
C GLU E 284 70.48 10.44 20.76
N ALA E 285 69.21 10.16 20.48
CA ALA E 285 68.84 8.90 19.85
C ALA E 285 69.37 8.81 18.43
N VAL E 286 69.38 9.94 17.71
CA VAL E 286 69.95 9.95 16.36
C VAL E 286 71.42 9.56 16.42
N ALA E 287 72.14 10.10 17.40
CA ALA E 287 73.57 9.81 17.50
C ALA E 287 73.80 8.33 17.85
N LEU E 288 72.95 7.79 18.72
CA LEU E 288 73.08 6.40 19.13
C LEU E 288 72.74 5.44 18.00
N ILE E 289 71.76 5.81 17.15
CA ILE E 289 71.47 4.98 15.99
C ILE E 289 72.69 4.95 15.07
N GLY E 290 73.29 6.11 14.83
CA GLY E 290 74.48 6.21 14.00
C GLY E 290 75.70 5.50 14.55
N ALA E 291 75.67 5.08 15.81
CA ALA E 291 76.82 4.44 16.44
C ALA E 291 76.84 2.92 16.27
N GLU E 292 75.85 2.36 15.59
CA GLU E 292 75.70 0.92 15.41
C GLU E 292 75.52 0.60 13.93
N ASP E 293 75.86 -0.65 13.59
CA ASP E 293 75.49 -1.22 12.29
C ASP E 293 74.07 -1.72 12.32
N TRP E 294 73.33 -1.45 11.25
CA TRP E 294 71.94 -1.84 11.13
C TRP E 294 71.70 -2.78 9.97
N THR E 295 72.76 -3.38 9.43
CA THR E 295 72.66 -4.10 8.17
C THR E 295 71.65 -5.24 8.24
N LYS E 296 71.68 -6.01 9.32
CA LYS E 296 70.81 -7.19 9.37
C LYS E 296 69.37 -6.81 9.73
N THR E 297 69.20 -5.82 10.59
CA THR E 297 67.86 -5.32 10.91
C THR E 297 67.19 -4.73 9.67
N ILE E 298 67.92 -3.92 8.90
CA ILE E 298 67.38 -3.37 7.66
C ILE E 298 66.99 -4.50 6.71
N GLU E 299 67.91 -5.45 6.52
CA GLU E 299 67.63 -6.66 5.74
C GLU E 299 66.37 -7.34 6.21
N ALA E 300 66.25 -7.53 7.52
CA ALA E 300 65.07 -8.21 8.08
C ALA E 300 63.80 -7.37 7.92
N ASN E 301 63.90 -6.04 7.96
CA ASN E 301 62.72 -5.21 7.72
C ASN E 301 62.22 -5.40 6.29
N LYS E 302 63.13 -5.35 5.32
CA LYS E 302 62.73 -5.55 3.93
C LYS E 302 62.20 -6.97 3.71
N ALA E 303 62.86 -7.96 4.32
CA ALA E 303 62.45 -9.35 4.14
C ALA E 303 61.06 -9.60 4.70
N LEU E 304 60.70 -8.92 5.80
CA LEU E 304 59.39 -9.12 6.39
C LEU E 304 58.30 -8.65 5.44
N VAL E 305 58.57 -7.55 4.73
CA VAL E 305 57.62 -7.04 3.75
C VAL E 305 57.39 -8.06 2.64
N MET E 306 58.48 -8.58 2.06
CA MET E 306 58.35 -9.55 0.99
C MET E 306 57.61 -10.81 1.44
N SER E 307 57.93 -11.31 2.64
CA SER E 307 57.33 -12.55 3.10
C SER E 307 55.86 -12.39 3.47
N SER E 308 55.39 -11.17 3.63
CA SER E 308 54.02 -10.91 4.05
C SER E 308 53.05 -10.78 2.88
N ARG E 309 53.54 -10.95 1.65
CA ARG E 309 52.71 -10.83 0.45
C ARG E 309 51.89 -12.10 0.24
N GLN E 310 50.57 -11.97 0.25
CA GLN E 310 49.68 -13.12 0.05
C GLN E 310 49.14 -13.22 -1.37
N ASP E 311 49.41 -12.24 -2.23
CA ASP E 311 49.11 -12.43 -3.64
C ASP E 311 50.12 -13.35 -4.31
N LEU E 312 51.31 -13.49 -3.72
CA LEU E 312 52.36 -14.37 -4.22
C LEU E 312 52.94 -15.23 -3.10
N LYS F 24 13.19 -25.75 -5.76
CA LYS F 24 14.55 -25.97 -6.23
C LYS F 24 15.54 -25.21 -5.37
N VAL F 25 16.69 -25.81 -5.09
CA VAL F 25 17.77 -25.12 -4.42
C VAL F 25 18.93 -24.99 -5.39
N LYS F 26 19.74 -23.96 -5.16
CA LYS F 26 21.00 -23.78 -5.84
C LYS F 26 21.97 -23.25 -4.80
N VAL F 27 23.12 -23.89 -4.64
CA VAL F 27 23.99 -23.56 -3.52
C VAL F 27 25.18 -22.77 -4.06
N GLY F 28 25.25 -21.50 -3.67
CA GLY F 28 26.44 -20.71 -3.92
C GLY F 28 27.54 -21.04 -2.94
N ILE F 29 28.78 -20.92 -3.42
CA ILE F 29 29.94 -21.21 -2.58
C ILE F 29 30.96 -20.11 -2.77
N ILE F 30 31.31 -19.41 -1.69
CA ILE F 30 32.33 -18.38 -1.74
C ILE F 30 33.60 -18.98 -1.15
N GLY F 31 34.60 -19.17 -1.99
CA GLY F 31 35.86 -19.73 -1.56
C GLY F 31 36.84 -18.66 -1.09
N GLY F 32 37.28 -18.78 0.16
CA GLY F 32 38.27 -17.89 0.73
C GLY F 32 39.69 -18.34 0.40
N SER F 33 40.63 -18.02 1.29
CA SER F 33 42.02 -18.40 1.10
C SER F 33 42.14 -19.92 1.01
N GLY F 34 43.02 -20.40 0.12
CA GLY F 34 43.13 -21.82 -0.15
C GLY F 34 42.17 -22.32 -1.22
N PHE F 35 41.24 -21.49 -1.66
CA PHE F 35 40.22 -21.79 -2.66
C PHE F 35 40.24 -20.77 -3.80
N ASP F 36 41.39 -20.17 -4.09
CA ASP F 36 41.47 -19.19 -5.18
C ASP F 36 42.71 -19.36 -6.06
N ARG F 47 30.49 -17.58 -16.46
CA ARG F 47 29.67 -16.39 -16.50
C ARG F 47 30.40 -15.18 -15.90
N GLN F 48 30.70 -14.19 -16.74
CA GLN F 48 31.27 -12.91 -16.32
C GLN F 48 30.16 -11.86 -16.31
N VAL F 49 29.88 -11.29 -15.14
CA VAL F 49 28.71 -10.45 -14.98
C VAL F 49 29.09 -9.10 -14.37
N THR F 50 28.27 -8.10 -14.67
CA THR F 50 28.25 -6.85 -13.93
C THR F 50 26.97 -6.83 -13.10
N THR F 51 27.05 -6.28 -11.90
CA THR F 51 25.90 -6.08 -11.04
C THR F 51 25.63 -4.59 -10.88
N PRO F 52 24.49 -4.23 -10.29
CA PRO F 52 24.26 -2.81 -9.98
C PRO F 52 25.23 -2.24 -8.97
N PHE F 53 26.06 -3.11 -8.35
CA PHE F 53 27.02 -2.70 -7.35
C PHE F 53 28.45 -2.98 -7.79
N GLY F 54 28.69 -3.24 -9.05
CA GLY F 54 30.03 -3.41 -9.56
C GLY F 54 30.30 -4.85 -10.00
N LYS F 55 31.59 -5.12 -10.25
CA LYS F 55 32.02 -6.42 -10.71
C LYS F 55 32.23 -7.34 -9.51
N PRO F 56 31.79 -8.60 -9.61
CA PRO F 56 32.18 -9.60 -8.61
C PRO F 56 33.68 -9.86 -8.65
N SER F 57 34.16 -10.58 -7.62
CA SER F 57 35.59 -10.84 -7.50
C SER F 57 36.16 -11.55 -8.71
N ASP F 58 35.35 -12.37 -9.38
CA ASP F 58 35.83 -13.15 -10.52
C ASP F 58 34.62 -13.76 -11.20
N THR F 59 34.89 -14.49 -12.28
CA THR F 59 33.86 -15.27 -12.94
C THR F 59 33.22 -16.25 -11.95
N LEU F 60 31.91 -16.41 -12.04
CA LEU F 60 31.19 -17.42 -11.28
C LEU F 60 31.10 -18.69 -12.11
N VAL F 61 31.44 -19.82 -11.50
CA VAL F 61 31.48 -21.11 -12.21
C VAL F 61 30.24 -21.91 -11.81
N GLU F 62 29.47 -22.33 -12.80
CA GLU F 62 28.25 -23.08 -12.55
C GLU F 62 28.49 -24.57 -12.79
N GLY F 63 27.82 -25.40 -11.98
CA GLY F 63 27.97 -26.83 -12.13
C GLY F 63 26.98 -27.58 -11.28
N PHE F 64 27.30 -28.85 -11.02
CA PHE F 64 26.41 -29.71 -10.25
C PHE F 64 27.21 -30.57 -9.28
N VAL F 65 26.65 -30.73 -8.08
CA VAL F 65 27.07 -31.78 -7.16
C VAL F 65 25.95 -32.79 -7.15
N GLY F 66 26.19 -33.95 -7.76
CA GLY F 66 25.10 -34.87 -8.04
C GLY F 66 24.09 -34.18 -8.93
N ASP F 67 22.86 -34.08 -8.46
CA ASP F 67 21.82 -33.34 -9.16
C ASP F 67 21.62 -31.93 -8.64
N VAL F 68 22.40 -31.49 -7.65
CA VAL F 68 22.18 -30.20 -7.00
C VAL F 68 22.99 -29.14 -7.72
N ALA F 69 22.31 -28.08 -8.14
CA ALA F 69 22.99 -26.98 -8.81
C ALA F 69 23.81 -26.17 -7.81
N CYS F 70 24.97 -25.71 -8.24
CA CYS F 70 25.83 -24.96 -7.34
C CYS F 70 26.70 -24.01 -8.16
N VAL F 71 27.17 -22.95 -7.50
CA VAL F 71 27.93 -21.88 -8.14
C VAL F 71 29.10 -21.55 -7.24
N VAL F 72 30.29 -21.44 -7.82
CA VAL F 72 31.51 -21.21 -7.06
C VAL F 72 32.13 -19.88 -7.49
N LEU F 73 32.65 -19.14 -6.51
CA LEU F 73 33.21 -17.84 -6.69
C LEU F 73 34.34 -17.67 -5.69
N PRO F 74 35.55 -17.33 -6.13
CA PRO F 74 36.66 -17.06 -5.18
C PRO F 74 36.61 -15.64 -4.65
N ARG F 75 36.53 -15.51 -3.32
CA ARG F 75 36.28 -14.21 -2.70
C ARG F 75 37.35 -13.18 -3.08
N HIS F 76 38.61 -13.59 -3.16
CA HIS F 76 39.70 -12.67 -3.44
C HIS F 76 40.07 -12.63 -4.91
N GLY F 77 39.32 -13.32 -5.75
CA GLY F 77 39.63 -13.46 -7.14
C GLY F 77 40.78 -14.42 -7.37
N LYS F 78 40.88 -14.87 -8.61
CA LYS F 78 42.00 -15.72 -9.00
C LYS F 78 43.31 -14.99 -8.75
N GLY F 79 44.25 -15.67 -8.09
CA GLY F 79 45.52 -15.07 -7.74
C GLY F 79 45.53 -14.28 -6.45
N HIS F 80 44.39 -14.11 -5.79
CA HIS F 80 44.31 -13.48 -4.48
C HIS F 80 44.89 -12.07 -4.51
N LEU F 81 44.43 -11.28 -5.47
CA LEU F 81 44.86 -9.90 -5.63
C LEU F 81 44.01 -8.89 -4.87
N ILE F 82 42.85 -9.28 -4.35
CA ILE F 82 41.90 -8.35 -3.75
C ILE F 82 41.97 -8.51 -2.23
N PRO F 83 42.40 -7.50 -1.49
CA PRO F 83 42.49 -7.61 -0.04
C PRO F 83 41.10 -7.58 0.59
N PRO F 84 40.99 -8.03 1.84
CA PRO F 84 39.65 -8.16 2.48
C PRO F 84 38.79 -6.90 2.45
N SER F 85 39.36 -5.73 2.73
CA SER F 85 38.55 -4.51 2.75
C SER F 85 38.09 -4.06 1.37
N GLU F 86 38.69 -4.58 0.30
CA GLU F 86 38.35 -4.13 -1.05
C GLU F 86 37.50 -5.14 -1.80
N VAL F 87 37.20 -6.30 -1.21
CA VAL F 87 36.31 -7.25 -1.86
C VAL F 87 34.95 -6.60 -2.06
N ASN F 88 34.35 -6.83 -3.22
CA ASN F 88 33.02 -6.27 -3.50
C ASN F 88 32.00 -7.30 -3.01
N TYR F 89 31.76 -7.28 -1.69
CA TYR F 89 30.82 -8.23 -1.10
C TYR F 89 29.43 -8.05 -1.69
N ARG F 90 29.00 -6.81 -1.90
CA ARG F 90 27.70 -6.56 -2.51
C ARG F 90 27.58 -7.23 -3.89
N ALA F 91 28.57 -7.04 -4.76
CA ALA F 91 28.49 -7.63 -6.08
C ALA F 91 28.53 -9.16 -6.02
N ASN F 92 29.37 -9.72 -5.14
CA ASN F 92 29.44 -11.18 -5.01
C ASN F 92 28.11 -11.76 -4.57
N VAL F 93 27.49 -11.18 -3.54
CA VAL F 93 26.21 -11.69 -3.04
C VAL F 93 25.11 -11.48 -4.07
N TRP F 94 25.02 -10.27 -4.64
CA TRP F 94 23.97 -10.01 -5.62
C TRP F 94 24.09 -10.92 -6.84
N ALA F 95 25.32 -11.14 -7.31
CA ALA F 95 25.50 -11.99 -8.50
C ALA F 95 25.06 -13.41 -8.22
N LEU F 96 25.38 -13.93 -7.03
CA LEU F 96 24.90 -15.26 -6.66
C LEU F 96 23.37 -15.30 -6.59
N LYS F 97 22.76 -14.28 -5.98
CA LYS F 97 21.30 -14.21 -5.96
C LYS F 97 20.72 -14.14 -7.36
N ASP F 98 21.30 -13.30 -8.24
CA ASP F 98 20.78 -13.17 -9.60
C ASP F 98 20.81 -14.49 -10.37
N LEU F 99 21.76 -15.37 -10.05
CA LEU F 99 21.82 -16.69 -10.69
C LEU F 99 20.84 -17.69 -10.10
N GLY F 100 20.04 -17.30 -9.11
CA GLY F 100 19.08 -18.20 -8.53
C GLY F 100 19.56 -18.96 -7.31
N CYS F 101 20.67 -18.55 -6.68
CA CYS F 101 21.12 -19.23 -5.49
C CYS F 101 20.13 -19.02 -4.35
N THR F 102 19.90 -20.09 -3.58
CA THR F 102 19.10 -20.02 -2.37
C THR F 102 19.96 -20.08 -1.12
N HIS F 103 21.17 -20.60 -1.24
CA HIS F 103 22.10 -20.78 -0.13
C HIS F 103 23.45 -20.20 -0.52
N ILE F 104 24.21 -19.75 0.47
CA ILE F 104 25.63 -19.50 0.28
C ILE F 104 26.39 -20.22 1.39
N LEU F 105 27.30 -21.09 1.01
CA LEU F 105 28.28 -21.64 1.93
C LEU F 105 29.59 -20.89 1.71
N ALA F 106 30.23 -20.44 2.78
CA ALA F 106 31.45 -19.67 2.66
C ALA F 106 32.55 -20.25 3.55
N THR F 107 33.80 -20.11 3.11
CA THR F 107 34.96 -20.50 3.91
C THR F 107 35.76 -19.26 4.30
N THR F 108 36.51 -19.37 5.40
CA THR F 108 37.39 -18.31 5.85
C THR F 108 38.55 -18.89 6.65
N ALA F 109 39.74 -18.40 6.37
CA ALA F 109 40.93 -18.82 7.10
C ALA F 109 41.13 -17.88 8.29
N CYS F 110 41.26 -18.43 9.50
CA CYS F 110 41.24 -17.57 10.68
C CYS F 110 42.35 -17.91 11.66
N GLY F 111 42.56 -16.98 12.59
CA GLY F 111 43.48 -17.17 13.70
C GLY F 111 42.68 -17.44 14.96
N SER F 112 43.22 -18.32 15.81
CA SER F 112 42.56 -18.68 17.05
C SER F 112 42.87 -17.69 18.16
N LEU F 113 41.85 -17.42 18.98
CA LEU F 113 41.96 -16.58 20.16
C LEU F 113 41.84 -17.38 21.46
N GLN F 114 41.68 -18.70 21.38
CA GLN F 114 41.44 -19.49 22.58
C GLN F 114 42.21 -20.79 22.51
N GLU F 115 42.57 -21.35 23.67
CA GLU F 115 43.51 -22.48 23.68
C GLU F 115 42.92 -23.76 23.08
N ASP F 116 41.60 -23.95 23.12
CA ASP F 116 40.98 -25.16 22.57
C ASP F 116 40.74 -25.08 21.07
N LEU F 117 40.95 -23.94 20.44
CA LEU F 117 40.88 -23.82 18.99
C LEU F 117 42.30 -23.83 18.46
N VAL F 118 42.66 -24.91 17.78
CA VAL F 118 44.03 -25.24 17.44
C VAL F 118 44.17 -25.28 15.92
N PRO F 119 45.30 -24.88 15.35
CA PRO F 119 45.51 -25.03 13.90
C PRO F 119 45.13 -26.42 13.39
N GLY F 120 44.31 -26.45 12.34
CA GLY F 120 43.77 -27.68 11.81
C GLY F 120 42.33 -27.93 12.22
N ASP F 121 41.85 -27.23 13.23
CA ASP F 121 40.44 -27.29 13.58
C ASP F 121 39.62 -26.45 12.61
N PHE F 122 38.32 -26.68 12.63
CA PHE F 122 37.33 -25.89 11.90
C PHE F 122 36.30 -25.34 12.87
N VAL F 123 35.63 -24.25 12.48
CA VAL F 123 34.56 -23.69 13.31
C VAL F 123 33.35 -23.39 12.44
N VAL F 124 32.18 -23.91 12.83
CA VAL F 124 30.91 -23.52 12.22
C VAL F 124 30.40 -22.35 13.05
N LEU F 125 30.70 -21.14 12.56
CA LEU F 125 30.44 -19.92 13.32
C LEU F 125 28.95 -19.73 13.58
N ASN F 126 28.62 -19.21 14.76
CA ASN F 126 27.26 -18.79 15.04
C ASN F 126 27.14 -17.33 15.49
N GLN F 127 28.25 -16.62 15.71
CA GLN F 127 28.20 -15.25 16.19
C GLN F 127 29.39 -14.47 15.65
N PHE F 128 29.31 -13.14 15.74
CA PHE F 128 30.46 -12.31 15.40
C PHE F 128 30.39 -10.97 16.11
N MET F 129 31.55 -10.34 16.19
CA MET F 129 31.68 -8.96 16.61
C MET F 129 32.36 -8.21 15.49
N ASP F 130 31.77 -7.11 15.06
CA ASP F 130 32.16 -6.43 13.83
C ASP F 130 33.14 -5.31 14.15
N LYS F 131 34.37 -5.39 13.61
CA LYS F 131 35.29 -4.27 13.70
C LYS F 131 35.72 -3.79 12.32
N THR F 132 34.86 -3.98 11.32
CA THR F 132 35.17 -3.49 9.98
C THR F 132 34.66 -2.07 9.83
N TRP F 133 35.15 -1.40 8.79
CA TRP F 133 34.70 -0.06 8.44
C TRP F 133 35.09 0.22 7.00
N GLY F 134 34.44 1.22 6.41
CA GLY F 134 34.74 1.62 5.05
C GLY F 134 34.25 0.69 3.97
N ARG F 135 33.54 -0.38 4.33
CA ARG F 135 33.07 -1.32 3.34
C ARG F 135 31.59 -1.07 3.06
N GLU F 136 31.17 -1.36 1.83
CA GLU F 136 29.76 -1.27 1.49
C GLU F 136 29.04 -2.42 2.15
N ASN F 137 28.26 -2.15 3.20
CA ASN F 137 27.70 -3.23 3.99
C ASN F 137 26.19 -3.38 3.82
N THR F 138 25.58 -2.63 2.90
CA THR F 138 24.13 -2.76 2.73
C THR F 138 23.77 -2.45 1.28
N PHE F 139 22.73 -3.13 0.80
CA PHE F 139 22.20 -2.86 -0.53
C PHE F 139 21.31 -1.61 -0.56
N TYR F 140 20.81 -1.16 0.59
CA TYR F 140 19.72 -0.20 0.64
C TYR F 140 20.19 1.16 1.17
N GLY F 141 19.51 2.20 0.73
CA GLY F 141 19.79 3.51 1.31
C GLY F 141 19.37 4.62 0.36
N SER F 142 20.02 5.76 0.53
CA SER F 142 19.65 6.95 -0.23
C SER F 142 20.72 7.44 -1.18
N LYS F 143 21.85 6.73 -1.31
CA LYS F 143 22.83 7.11 -2.32
C LYS F 143 22.29 6.79 -3.72
N PRO F 144 22.82 7.45 -4.77
CA PRO F 144 22.26 7.22 -6.11
C PRO F 144 22.27 5.76 -6.56
N ASP F 145 23.28 4.98 -6.18
CA ASP F 145 23.35 3.59 -6.60
C ASP F 145 22.71 2.61 -5.60
N SER F 146 22.12 3.08 -4.51
CA SER F 146 21.50 2.14 -3.57
C SER F 146 20.13 1.71 -4.07
N LEU F 147 19.70 0.53 -3.65
CA LEU F 147 18.27 0.24 -3.72
C LEU F 147 17.56 1.21 -2.77
N LYS F 148 16.43 1.74 -3.21
CA LYS F 148 15.77 2.77 -2.41
C LYS F 148 15.02 2.11 -1.26
N GLY F 149 15.08 2.76 -0.09
CA GLY F 149 14.52 2.23 1.13
C GLY F 149 15.58 2.04 2.20
N VAL F 150 15.10 1.78 3.42
CA VAL F 150 15.96 1.58 4.57
C VAL F 150 15.62 0.23 5.19
N LEU F 151 16.62 -0.64 5.27
CA LEU F 151 16.49 -1.99 5.80
C LEU F 151 17.26 -2.06 7.10
N HIS F 152 16.57 -2.42 8.19
CA HIS F 152 17.18 -2.64 9.50
C HIS F 152 16.99 -4.12 9.83
N MET F 153 17.98 -4.96 9.42
CA MET F 153 17.81 -6.40 9.56
C MET F 153 18.11 -6.83 10.99
N PRO F 154 17.32 -7.73 11.56
CA PRO F 154 17.74 -8.36 12.81
C PRO F 154 18.95 -9.23 12.54
N MET F 155 19.85 -9.27 13.51
CA MET F 155 21.10 -10.01 13.35
C MET F 155 21.47 -10.73 14.64
N ALA F 156 20.52 -10.89 15.58
CA ALA F 156 20.79 -11.53 16.86
C ALA F 156 21.52 -12.86 16.69
N GLU F 157 21.01 -13.70 15.80
CA GLU F 157 21.67 -14.96 15.48
C GLU F 157 21.83 -14.88 13.97
N PRO F 158 22.99 -14.43 13.48
CA PRO F 158 23.05 -13.86 12.12
C PRO F 158 23.19 -14.89 11.00
N PHE F 159 23.38 -16.17 11.30
CA PHE F 159 23.49 -17.20 10.27
C PHE F 159 22.16 -17.93 10.12
N CYS F 160 22.05 -18.71 9.04
CA CYS F 160 20.90 -19.62 8.90
C CYS F 160 21.17 -20.89 9.71
N GLU F 161 20.37 -21.14 10.74
CA GLU F 161 20.70 -22.20 11.69
C GLU F 161 20.56 -23.59 11.04
N ARG F 162 19.55 -23.79 10.19
CA ARG F 162 19.45 -25.06 9.47
C ARG F 162 20.71 -25.33 8.65
N THR F 163 21.23 -24.32 7.97
CA THR F 163 22.42 -24.52 7.15
C THR F 163 23.65 -24.76 8.00
N ARG F 164 23.75 -24.10 9.16
CA ARG F 164 24.84 -24.41 10.08
C ARG F 164 24.82 -25.88 10.47
N GLN F 165 23.64 -26.40 10.81
CA GLN F 165 23.57 -27.79 11.25
C GLN F 165 23.87 -28.75 10.09
N ILE F 166 23.60 -28.33 8.85
CA ILE F 166 23.99 -29.18 7.73
C ILE F 166 25.51 -29.26 7.60
N LEU F 167 26.20 -28.13 7.78
CA LEU F 167 27.67 -28.16 7.80
C LEU F 167 28.19 -29.09 8.88
N ILE F 168 27.57 -29.05 10.06
CA ILE F 168 28.03 -29.90 11.15
C ILE F 168 27.78 -31.37 10.83
N GLN F 169 26.62 -31.68 10.25
CA GLN F 169 26.35 -33.07 9.88
C GLN F 169 27.25 -33.53 8.76
N ALA F 170 27.57 -32.64 7.82
CA ALA F 170 28.49 -33.00 6.75
C ALA F 170 29.85 -33.41 7.32
N ALA F 171 30.33 -32.68 8.34
CA ALA F 171 31.57 -33.08 9.00
C ALA F 171 31.47 -34.47 9.62
N ARG F 172 30.38 -34.77 10.32
CA ARG F 172 30.19 -36.13 10.86
C ARG F 172 30.26 -37.17 9.75
N ASN F 173 29.54 -36.90 8.64
CA ASN F 173 29.46 -37.84 7.54
C ASN F 173 30.80 -38.04 6.85
N LYS F 174 31.73 -37.10 6.96
CA LYS F 174 33.09 -37.28 6.46
C LYS F 174 34.08 -37.65 7.57
N SER F 175 33.59 -38.22 8.67
CA SER F 175 34.43 -38.82 9.70
C SER F 175 35.34 -37.80 10.38
N ILE F 176 34.88 -36.57 10.55
CA ILE F 176 35.61 -35.53 11.24
C ILE F 176 34.97 -35.34 12.63
N ASN F 177 35.82 -35.33 13.67
CA ASN F 177 35.39 -35.04 15.05
C ASN F 177 34.56 -33.76 15.14
N VAL F 178 33.50 -33.81 15.95
CA VAL F 178 32.67 -32.64 16.22
C VAL F 178 32.70 -32.40 17.73
N TYR F 179 33.05 -31.17 18.14
CA TYR F 179 33.14 -30.81 19.54
C TYR F 179 32.17 -29.69 19.86
N ASP F 180 31.28 -29.93 20.82
CA ASP F 180 30.27 -28.96 21.21
C ASP F 180 30.47 -28.64 22.69
N LYS F 181 31.05 -27.47 22.99
CA LYS F 181 31.44 -27.20 24.37
C LYS F 181 30.24 -27.02 25.30
N LYS F 182 29.06 -26.73 24.77
CA LYS F 182 27.89 -26.59 25.63
C LYS F 182 27.31 -27.92 26.09
N THR F 183 27.62 -29.04 25.39
CA THR F 183 27.05 -30.33 25.74
C THR F 183 28.08 -31.44 25.91
N MET F 184 29.36 -31.15 25.76
CA MET F 184 30.40 -32.16 25.84
C MET F 184 31.53 -31.67 26.74
N ASP F 185 32.16 -32.60 27.44
CA ASP F 185 33.30 -32.28 28.27
C ASP F 185 34.52 -31.97 27.40
N LYS F 186 35.51 -31.32 28.00
CA LYS F 186 36.71 -30.94 27.28
C LYS F 186 37.45 -32.15 26.70
N SER F 187 37.27 -33.34 27.27
CA SER F 187 37.92 -34.54 26.75
C SER F 187 37.36 -34.99 25.41
N ALA F 188 36.23 -34.41 24.96
CA ALA F 188 35.76 -34.62 23.60
C ALA F 188 36.40 -33.67 22.62
N CYS F 189 37.22 -32.73 23.10
CA CYS F 189 37.88 -31.82 22.18
C CYS F 189 39.12 -32.54 21.67
N ILE F 190 38.92 -33.37 20.63
CA ILE F 190 39.97 -34.21 20.06
C ILE F 190 40.33 -33.65 18.70
N HIS F 191 41.62 -33.32 18.52
CA HIS F 191 42.00 -32.55 17.34
C HIS F 191 42.42 -33.45 16.18
N PRO F 192 42.13 -33.06 14.93
CA PRO F 192 41.42 -31.84 14.56
C PRO F 192 39.92 -32.04 14.69
N CYS F 193 39.17 -30.99 15.06
CA CYS F 193 37.74 -31.09 15.24
C CYS F 193 37.04 -29.88 14.65
N VAL F 194 35.79 -30.08 14.28
CA VAL F 194 34.88 -28.98 13.97
C VAL F 194 34.25 -28.53 15.28
N HIS F 195 34.45 -27.27 15.64
CA HIS F 195 33.76 -26.71 16.79
C HIS F 195 32.35 -26.33 16.36
N ALA F 196 31.37 -26.83 17.10
CA ALA F 196 29.96 -26.72 16.73
C ALA F 196 29.40 -25.33 16.91
N GLU F 197 30.12 -24.43 17.57
CA GLU F 197 29.71 -23.04 17.64
C GLU F 197 30.96 -22.21 17.83
N GLY F 198 30.82 -20.90 17.64
CA GLY F 198 31.94 -20.04 17.86
C GLY F 198 31.72 -18.63 17.37
N SER F 199 32.43 -17.67 17.92
CA SER F 199 32.29 -16.29 17.51
C SER F 199 33.56 -15.81 16.84
N ALA F 200 33.40 -14.97 15.83
CA ALA F 200 34.51 -14.33 15.12
C ALA F 200 34.51 -12.83 15.44
N VAL F 201 35.69 -12.28 15.69
CA VAL F 201 35.86 -10.84 15.53
C VAL F 201 36.40 -10.62 14.13
N THR F 202 35.72 -9.81 13.34
CA THR F 202 36.17 -9.51 11.98
C THR F 202 36.85 -8.16 12.01
N ILE F 203 38.16 -8.15 11.77
CA ILE F 203 38.90 -6.90 11.76
C ILE F 203 39.07 -6.45 10.32
N ASN F 204 39.39 -5.17 10.14
CA ASN F 204 39.36 -4.63 8.79
C ASN F 204 40.57 -5.03 7.97
N GLY F 205 41.71 -5.23 8.62
CA GLY F 205 42.95 -5.52 7.92
C GLY F 205 43.50 -4.29 7.21
N PRO F 206 44.50 -4.49 6.34
CA PRO F 206 45.12 -5.80 6.05
C PRO F 206 46.10 -6.30 7.11
N ARG F 207 46.50 -5.44 8.05
CA ARG F 207 47.46 -5.88 9.05
C ARG F 207 46.82 -6.85 10.03
N PHE F 208 47.64 -7.71 10.61
CA PHE F 208 47.23 -8.51 11.73
C PHE F 208 47.15 -7.65 13.00
N SER F 209 46.57 -8.23 14.03
CA SER F 209 46.39 -7.52 15.29
C SER F 209 47.70 -7.36 16.02
N THR F 210 47.78 -6.32 16.85
CA THR F 210 48.82 -6.24 17.87
C THR F 210 48.50 -7.24 18.97
N ARG F 211 49.52 -7.54 19.79
CA ARG F 211 49.26 -8.35 20.98
C ARG F 211 48.23 -7.68 21.90
N CYS F 212 48.30 -6.35 22.02
CA CYS F 212 47.34 -5.63 22.85
C CYS F 212 45.90 -5.84 22.37
N GLU F 213 45.65 -5.68 21.06
CA GLU F 213 44.33 -5.94 20.50
C GLU F 213 43.91 -7.39 20.69
N SER F 214 44.83 -8.31 20.43
CA SER F 214 44.54 -9.73 20.56
C SER F 214 44.12 -10.08 21.98
N PHE F 215 44.85 -9.56 22.98
CA PHE F 215 44.51 -9.81 24.37
C PHE F 215 43.12 -9.27 24.68
N ILE F 216 42.78 -8.10 24.13
CA ILE F 216 41.48 -7.50 24.43
C ILE F 216 40.37 -8.33 23.79
N HIS F 217 40.58 -8.77 22.55
CA HIS F 217 39.58 -9.63 21.89
C HIS F 217 39.39 -10.95 22.65
N LYS F 218 40.50 -11.57 23.04
CA LYS F 218 40.43 -12.78 23.85
C LYS F 218 39.61 -12.56 25.13
N ALA F 219 39.89 -11.46 25.83
CA ALA F 219 39.20 -11.14 27.06
C ALA F 219 37.71 -10.91 26.85
N MET F 220 37.29 -10.53 25.65
CA MET F 220 35.86 -10.40 25.35
C MET F 220 35.20 -11.74 25.07
N GLY F 221 35.94 -12.85 25.09
CA GLY F 221 35.39 -14.17 24.86
C GLY F 221 35.27 -14.58 23.41
N LEU F 222 35.89 -13.84 22.49
CA LEU F 222 35.82 -14.18 21.09
C LEU F 222 36.71 -15.38 20.79
N ASP F 223 36.28 -16.22 19.85
CA ASP F 223 36.98 -17.48 19.59
C ASP F 223 38.04 -17.38 18.50
N ILE F 224 37.75 -16.69 17.40
CA ILE F 224 38.68 -16.59 16.27
C ILE F 224 38.64 -15.16 15.74
N VAL F 225 39.66 -14.82 14.99
CA VAL F 225 39.79 -13.51 14.34
C VAL F 225 39.94 -13.74 12.83
N ASN F 226 39.18 -12.99 12.04
CA ASN F 226 39.33 -13.03 10.58
C ASN F 226 39.05 -11.63 10.00
N MET F 227 38.98 -11.53 8.68
CA MET F 227 38.86 -10.23 8.00
C MET F 227 37.73 -10.15 6.97
N THR F 228 37.00 -11.24 6.72
CA THR F 228 36.13 -11.35 5.55
C THR F 228 34.69 -11.75 5.84
N LEU F 229 34.34 -12.08 7.09
CA LEU F 229 32.99 -12.55 7.40
C LEU F 229 31.97 -11.43 7.24
N VAL F 230 32.33 -10.22 7.63
CA VAL F 230 31.45 -9.04 7.61
C VAL F 230 31.97 -8.12 6.51
N PRO F 231 31.09 -7.62 5.63
CA PRO F 231 29.62 -7.68 5.58
C PRO F 231 29.03 -8.86 4.81
N GLU F 232 29.83 -9.85 4.44
CA GLU F 232 29.30 -10.95 3.63
C GLU F 232 28.05 -11.57 4.24
N VAL F 233 28.09 -11.86 5.54
CA VAL F 233 26.97 -12.54 6.19
C VAL F 233 25.75 -11.62 6.24
N SER F 234 25.98 -10.33 6.51
CA SER F 234 24.87 -9.39 6.58
C SER F 234 24.16 -9.26 5.24
N LEU F 235 24.94 -9.16 4.16
CA LEU F 235 24.36 -8.97 2.84
C LEU F 235 23.63 -10.22 2.37
N ALA F 236 24.10 -11.41 2.76
CA ALA F 236 23.38 -12.61 2.42
C ALA F 236 21.97 -12.58 3.00
N ARG F 237 21.86 -12.12 4.26
CA ARG F 237 20.55 -12.05 4.87
C ARG F 237 19.68 -10.96 4.22
N GLU F 238 20.28 -9.80 3.86
CA GLU F 238 19.54 -8.78 3.10
C GLU F 238 19.02 -9.34 1.78
N ALA F 239 19.78 -10.23 1.17
CA ALA F 239 19.42 -10.81 -0.13
C ALA F 239 18.41 -11.95 0.01
N GLY F 240 17.97 -12.27 1.22
CA GLY F 240 17.06 -13.39 1.37
C GLY F 240 17.70 -14.75 1.22
N LEU F 241 19.02 -14.86 1.40
CA LEU F 241 19.73 -16.13 1.25
C LEU F 241 20.07 -16.74 2.60
N SER F 242 20.17 -18.06 2.62
CA SER F 242 20.63 -18.81 3.78
C SER F 242 22.15 -18.92 3.74
N TYR F 243 22.83 -18.36 4.76
CA TYR F 243 24.29 -18.28 4.77
C TYR F 243 24.85 -19.07 5.95
N ALA F 244 25.90 -19.85 5.71
CA ALA F 244 26.66 -20.44 6.80
C ALA F 244 28.14 -20.41 6.43
N SER F 245 28.98 -20.27 7.45
CA SER F 245 30.42 -20.15 7.26
C SER F 245 31.14 -21.27 8.01
N ILE F 246 32.15 -21.87 7.37
CA ILE F 246 33.06 -22.80 8.03
C ILE F 246 34.45 -22.18 8.03
N ALA F 247 34.97 -21.90 9.21
CA ALA F 247 36.26 -21.28 9.36
C ALA F 247 37.32 -22.36 9.55
N ILE F 248 38.48 -22.14 8.93
CA ILE F 248 39.63 -23.03 9.09
C ILE F 248 40.59 -22.33 10.03
N VAL F 249 40.94 -22.97 11.15
CA VAL F 249 41.94 -22.35 12.03
C VAL F 249 43.31 -22.63 11.42
N THR F 250 44.07 -21.57 11.15
CA THR F 250 45.38 -21.74 10.54
C THR F 250 46.54 -21.28 11.42
N ASP F 251 46.29 -20.61 12.53
CA ASP F 251 47.38 -20.26 13.45
C ASP F 251 46.76 -19.67 14.72
N PHE F 252 47.56 -19.56 15.77
CA PHE F 252 47.13 -18.81 16.94
C PHE F 252 47.43 -17.34 16.70
N ASP F 253 46.49 -16.48 17.06
CA ASP F 253 46.68 -15.04 16.95
C ASP F 253 47.79 -14.60 17.93
N CYS F 254 48.14 -13.31 17.85
CA CYS F 254 49.33 -12.75 18.48
C CYS F 254 49.39 -12.97 19.99
N TRP F 255 48.26 -13.24 20.64
CA TRP F 255 48.26 -13.59 22.04
C TRP F 255 49.05 -14.89 22.22
N VAL F 264 57.07 -23.75 9.16
CA VAL F 264 56.27 -23.09 8.14
C VAL F 264 55.78 -24.11 7.12
N ASP F 265 56.65 -25.06 6.78
CA ASP F 265 56.25 -26.13 5.87
C ASP F 265 55.20 -27.04 6.51
N MET F 266 55.29 -27.27 7.82
CA MET F 266 54.27 -28.09 8.48
C MET F 266 52.95 -27.35 8.61
N VAL F 267 52.95 -26.03 8.78
CA VAL F 267 51.67 -25.33 8.84
C VAL F 267 51.06 -25.25 7.46
N LEU F 268 51.88 -25.11 6.41
CA LEU F 268 51.34 -25.10 5.05
C LEU F 268 50.79 -26.47 4.67
N GLU F 269 51.51 -27.54 5.02
CA GLU F 269 50.95 -28.86 4.76
C GLU F 269 49.67 -29.06 5.58
N GLN F 270 49.67 -28.60 6.83
CA GLN F 270 48.47 -28.67 7.66
C GLN F 270 47.33 -27.86 7.06
N PHE F 271 47.62 -26.67 6.51
CA PHE F 271 46.56 -25.90 5.85
C PHE F 271 46.05 -26.63 4.62
N ARG F 272 46.96 -27.22 3.84
CA ARG F 272 46.58 -27.99 2.67
C ARG F 272 45.64 -29.13 3.04
N LYS F 273 45.94 -29.84 4.14
CA LYS F 273 45.06 -30.91 4.61
C LYS F 273 43.73 -30.36 5.08
N SER F 274 43.74 -29.19 5.74
CA SER F 274 42.48 -28.57 6.15
C SER F 274 41.63 -28.23 4.95
N VAL F 275 42.25 -27.70 3.89
CA VAL F 275 41.52 -27.34 2.69
C VAL F 275 40.86 -28.56 2.09
N VAL F 276 41.55 -29.70 2.10
CA VAL F 276 40.96 -30.94 1.57
C VAL F 276 39.76 -31.35 2.41
N HIS F 277 39.87 -31.27 3.74
CA HIS F 277 38.73 -31.58 4.59
C HIS F 277 37.55 -30.65 4.32
N VAL F 278 37.81 -29.36 4.09
CA VAL F 278 36.70 -28.42 3.90
C VAL F 278 36.03 -28.65 2.56
N ARG F 279 36.83 -29.00 1.54
CA ARG F 279 36.28 -29.42 0.26
C ARG F 279 35.33 -30.61 0.43
N GLU F 280 35.74 -31.62 1.18
CA GLU F 280 34.86 -32.77 1.44
C GLU F 280 33.59 -32.34 2.18
N ILE F 281 33.73 -31.46 3.19
CA ILE F 281 32.56 -30.99 3.93
C ILE F 281 31.61 -30.22 3.01
N LEU F 282 32.14 -29.30 2.21
CA LEU F 282 31.29 -28.51 1.32
C LEU F 282 30.57 -29.40 0.32
N LEU F 283 31.28 -30.36 -0.28
CA LEU F 283 30.62 -31.23 -1.25
C LEU F 283 29.52 -32.04 -0.60
N GLU F 284 29.75 -32.51 0.63
CA GLU F 284 28.74 -33.29 1.32
C GLU F 284 27.57 -32.40 1.74
N ALA F 285 27.89 -31.17 2.15
CA ALA F 285 26.86 -30.21 2.56
C ALA F 285 25.94 -29.86 1.40
N VAL F 286 26.48 -29.72 0.19
CA VAL F 286 25.64 -29.41 -0.97
C VAL F 286 24.66 -30.54 -1.22
N ALA F 287 25.11 -31.79 -1.06
CA ALA F 287 24.20 -32.92 -1.26
C ALA F 287 23.11 -32.95 -0.19
N LEU F 288 23.47 -32.66 1.06
CA LEU F 288 22.49 -32.71 2.14
C LEU F 288 21.45 -31.60 2.00
N ILE F 289 21.90 -30.41 1.57
CA ILE F 289 20.95 -29.32 1.29
C ILE F 289 19.97 -29.74 0.21
N GLY F 290 20.48 -30.35 -0.87
CA GLY F 290 19.62 -30.76 -1.98
C GLY F 290 18.67 -31.89 -1.64
N ALA F 291 18.94 -32.65 -0.58
CA ALA F 291 18.06 -33.75 -0.19
C ALA F 291 16.88 -33.30 0.66
N GLU F 292 16.78 -32.02 1.03
CA GLU F 292 15.71 -31.52 1.87
C GLU F 292 14.93 -30.43 1.15
N ASP F 293 13.74 -30.15 1.68
CA ASP F 293 12.85 -29.13 1.14
C ASP F 293 13.02 -27.84 1.92
N TRP F 294 13.15 -26.73 1.20
CA TRP F 294 13.48 -25.46 1.82
C TRP F 294 12.43 -24.39 1.57
N THR F 295 11.24 -24.79 1.11
CA THR F 295 10.21 -23.82 0.72
C THR F 295 9.91 -22.83 1.84
N LYS F 296 9.69 -23.34 3.06
CA LYS F 296 9.28 -22.47 4.15
C LYS F 296 10.43 -21.63 4.64
N THR F 297 11.65 -22.20 4.67
CA THR F 297 12.84 -21.44 5.06
C THR F 297 13.09 -20.30 4.09
N ILE F 298 13.02 -20.57 2.79
CA ILE F 298 13.23 -19.51 1.79
C ILE F 298 12.17 -18.43 1.95
N GLU F 299 10.91 -18.85 2.08
CA GLU F 299 9.80 -17.93 2.29
C GLU F 299 10.03 -17.04 3.51
N ALA F 300 10.51 -17.63 4.60
CA ALA F 300 10.74 -16.85 5.81
C ALA F 300 11.96 -15.94 5.66
N ASN F 301 13.00 -16.40 4.95
CA ASN F 301 14.10 -15.51 4.58
C ASN F 301 13.56 -14.27 3.87
N LYS F 302 12.65 -14.48 2.92
CA LYS F 302 12.16 -13.36 2.13
C LYS F 302 11.28 -12.45 2.97
N ALA F 303 10.46 -13.04 3.86
CA ALA F 303 9.57 -12.24 4.69
C ALA F 303 10.35 -11.41 5.71
N LEU F 304 11.50 -11.91 6.15
CA LEU F 304 12.31 -11.16 7.11
C LEU F 304 12.87 -9.90 6.49
N VAL F 305 13.28 -9.97 5.22
CA VAL F 305 13.71 -8.77 4.50
C VAL F 305 12.57 -7.75 4.43
N MET F 306 11.37 -8.21 4.06
CA MET F 306 10.26 -7.26 3.88
C MET F 306 9.84 -6.62 5.19
N SER F 307 9.83 -7.40 6.28
CA SER F 307 9.45 -6.88 7.58
C SER F 307 10.51 -5.96 8.17
N SER F 308 11.67 -5.85 7.53
CA SER F 308 12.76 -5.00 7.99
C SER F 308 12.83 -3.69 7.22
N ARG F 309 11.92 -3.45 6.28
CA ARG F 309 11.87 -2.21 5.52
C ARG F 309 11.23 -1.14 6.39
N GLN F 310 12.06 -0.26 6.96
CA GLN F 310 11.57 0.84 7.76
C GLN F 310 10.80 1.86 6.94
N ASP F 311 11.13 2.03 5.66
CA ASP F 311 10.45 3.05 4.85
C ASP F 311 9.06 2.62 4.43
N LEU F 312 8.74 1.33 4.49
CA LEU F 312 7.43 0.83 4.09
C LEU F 312 6.46 0.77 5.25
N LEU F 313 6.95 0.86 6.48
CA LEU F 313 6.14 0.71 7.68
C LEU F 313 5.80 2.10 8.19
N HIS F 314 4.66 2.62 7.74
CA HIS F 314 4.20 3.94 8.13
C HIS F 314 2.68 3.96 8.24
N9 ADE G . -53.39 -1.66 -10.27
C8 ADE G . -54.37 -2.32 -9.57
N7 ADE G . -54.00 -3.49 -9.09
C5 ADE G . -52.67 -3.63 -9.53
C6 ADE G . -51.71 -4.65 -9.37
N6 ADE G . -51.94 -5.79 -8.68
N1 ADE G . -50.49 -4.46 -9.93
C2 ADE G . -50.26 -3.31 -10.61
N3 ADE G . -51.09 -2.28 -10.81
C4 ADE G . -52.28 -2.51 -10.25
N9 ADE H . -23.48 10.84 -5.65
C8 ADE H . -23.14 11.31 -4.41
N7 ADE H . -23.94 10.92 -3.45
C5 ADE H . -24.88 10.13 -4.10
C6 ADE H . -26.01 9.41 -3.65
N6 ADE H . -26.41 9.37 -2.37
N1 ADE H . -26.73 8.73 -4.57
C2 ADE H . -26.33 8.77 -5.86
N3 ADE H . -25.30 9.40 -6.39
C4 ADE H . -24.61 10.07 -5.46
P PO4 I . -19.83 11.40 -10.55
O1 PO4 I . -18.62 11.83 -9.73
O2 PO4 I . -20.21 9.97 -10.25
O3 PO4 I . -20.97 12.35 -10.17
O4 PO4 I . -19.56 11.49 -12.03
P PO4 J . -30.78 -18.38 -25.41
O1 PO4 J . -29.33 -17.94 -25.49
O2 PO4 J . -31.51 -17.77 -26.64
O3 PO4 J . -31.44 -17.89 -24.15
O4 PO4 J . -30.84 -19.88 -25.54
N9 ADE K . 16.67 1.70 17.82
C8 ADE K . 15.70 1.03 18.49
N7 ADE K . 16.10 -0.13 19.00
C5 ADE K . 17.42 -0.22 18.63
C6 ADE K . 18.41 -1.21 18.86
N6 ADE K . 18.17 -2.34 19.57
N1 ADE K . 19.63 -1.00 18.35
C2 ADE K . 19.86 0.14 17.65
N3 ADE K . 19.01 1.14 17.38
C4 ADE K . 17.81 0.89 17.89
N9 ADE L . 46.56 14.48 22.57
C8 ADE L . 46.86 15.04 23.78
N7 ADE L . 46.01 14.72 24.74
C5 ADE L . 45.10 13.87 24.11
C6 ADE L . 43.95 13.19 24.59
N6 ADE L . 43.52 13.26 25.85
N1 ADE L . 43.26 12.44 23.69
C2 ADE L . 43.71 12.38 22.42
N3 ADE L . 44.78 12.97 21.88
C4 ADE L . 45.43 13.71 22.77
P PO4 M . 50.32 14.85 17.91
O1 PO4 M . 51.52 15.21 18.76
O2 PO4 M . 49.85 13.43 18.20
O3 PO4 M . 49.23 15.85 18.23
O4 PO4 M . 50.60 14.86 16.41
P PO4 N . 39.75 -15.65 3.88
O1 PO4 N . 41.21 -15.30 3.91
O2 PO4 N . 39.08 -15.17 5.15
O3 PO4 N . 39.10 -14.97 2.65
O4 PO4 N . 39.62 -17.15 3.75
#